data_3KHJ
#
_entry.id   3KHJ
#
_cell.length_a   83.481
_cell.length_b   166.141
_cell.length_c   101.289
_cell.angle_alpha   90.00
_cell.angle_beta   105.14
_cell.angle_gamma   90.00
#
_symmetry.space_group_name_H-M   'P 1 21 1'
#
loop_
_entity.id
_entity.type
_entity.pdbx_description
1 polymer 'Inosine-5-monophosphate dehydrogenase'
2 non-polymer 'INOSINIC ACID'
3 non-polymer N-(4-bromophenyl)-2-[2-(1,3-thiazol-2-yl)-1H-benzimidazol-1-yl]acetamide
4 non-polymer 'ACETATE ION'
5 water water
#
_entity_poly.entity_id   1
_entity_poly.type   'polypeptide(L)'
_entity_poly.pdbx_seq_one_letter_code
;GSHMGTKNIGKGLTFEDILLVPNYSEVLPREVSLETKLTKNVSLKIPLISSAMDTVTEHLMAVGMARLGGIGIIHKNMDM
ESQVNEVLKVKNSGGLRVGAAIGVNEIERAKLLVEAGVDVIVLDSAHGHSLNIIRTLKEIKSKMNIDVIVGNVVTEEATK
ELIENGADGIKVGIGPGSICTTRIVAGVGVPQITAIEKCSSVASKFGIPIIADGGIRYSGDIGKALAVGASSVMIGSILA
GTEESPGEKELIGDTVYKYYRGMGSVGAMKSGSGDRYFQEKRPENKMVPEGIEGRVKYKGEMEGVVYQLVGGLRSCMGYL
GSASIEELWKKSSYVEITTSGLRESHVHDVEIVKEVMNYSK
;
_entity_poly.pdbx_strand_id   A,B,C,D,E,F,G,H
#
# COMPACT_ATOMS: atom_id res chain seq x y z
N THR A 6 28.40 -8.18 -1.68
CA THR A 6 28.09 -7.84 -0.26
C THR A 6 28.77 -8.80 0.71
N LYS A 7 29.23 -8.24 1.84
CA LYS A 7 29.85 -9.04 2.91
C LYS A 7 28.80 -9.82 3.70
N ASN A 8 27.55 -9.39 3.60
CA ASN A 8 26.42 -10.10 4.19
C ASN A 8 26.07 -11.32 3.34
N ILE A 9 26.40 -12.50 3.84
CA ILE A 9 26.10 -13.75 3.10
C ILE A 9 24.68 -14.27 3.34
N GLY A 10 23.99 -13.67 4.31
CA GLY A 10 22.59 -14.01 4.57
C GLY A 10 22.19 -14.09 6.04
N LYS A 11 20.96 -14.54 6.28
CA LYS A 11 20.43 -14.68 7.62
C LYS A 11 20.78 -16.05 8.19
N GLY A 12 21.61 -16.06 9.22
CA GLY A 12 21.99 -17.29 9.91
C GLY A 12 20.88 -17.74 10.85
N LEU A 13 20.59 -19.03 10.83
CA LEU A 13 19.53 -19.62 11.64
C LEU A 13 20.08 -20.58 12.68
N THR A 14 19.61 -20.44 13.91
CA THR A 14 20.00 -21.35 14.99
C THR A 14 18.85 -22.28 15.38
N PHE A 15 19.09 -23.17 16.34
CA PHE A 15 18.11 -24.17 16.76
C PHE A 15 16.77 -23.57 17.14
N GLU A 16 16.80 -22.50 17.93
CA GLU A 16 15.58 -21.90 18.48
C GLU A 16 14.79 -21.08 17.44
N ASP A 17 15.41 -20.84 16.29
CA ASP A 17 14.80 -20.05 15.21
C ASP A 17 13.85 -20.85 14.32
N ILE A 18 13.93 -22.17 14.38
CA ILE A 18 13.16 -23.03 13.47
C ILE A 18 12.34 -24.10 14.18
N LEU A 19 11.34 -24.61 13.45
CA LEU A 19 10.56 -25.77 13.87
C LEU A 19 10.34 -26.68 12.67
N LEU A 20 10.39 -27.99 12.91
CA LEU A 20 10.23 -28.97 11.85
C LEU A 20 8.75 -29.21 11.53
N VAL A 21 8.45 -29.31 10.24
CA VAL A 21 7.09 -29.45 9.75
C VAL A 21 6.72 -30.93 9.61
N PRO A 22 5.61 -31.36 10.25
CA PRO A 22 5.13 -32.75 10.18
C PRO A 22 4.85 -33.23 8.76
N ASN A 23 5.32 -34.45 8.45
CA ASN A 23 5.01 -35.12 7.19
C ASN A 23 4.02 -36.25 7.43
N TYR A 24 3.42 -36.75 6.35
CA TYR A 24 2.64 -37.98 6.41
C TYR A 24 3.51 -39.09 7.01
N SER A 25 2.94 -39.84 7.95
CA SER A 25 3.71 -40.83 8.71
C SER A 25 3.10 -42.23 8.68
N GLU A 26 3.96 -43.23 8.56
CA GLU A 26 3.55 -44.64 8.67
C GLU A 26 4.32 -45.36 9.77
N VAL A 27 5.18 -44.61 10.48
CA VAL A 27 6.04 -45.19 11.50
C VAL A 27 5.71 -44.71 12.92
N LEU A 28 5.55 -45.67 13.83
CA LEU A 28 5.45 -45.37 15.26
C LEU A 28 6.83 -44.96 15.76
N PRO A 29 6.89 -44.02 16.74
CA PRO A 29 8.16 -43.66 17.38
C PRO A 29 9.03 -44.86 17.80
N ARG A 30 8.40 -45.95 18.25
CA ARG A 30 9.12 -47.16 18.67
C ARG A 30 9.63 -47.98 17.49
N GLU A 31 9.08 -47.75 16.30
CA GLU A 31 9.46 -48.46 15.08
C GLU A 31 10.67 -47.79 14.39
N VAL A 32 10.96 -46.54 14.79
CA VAL A 32 12.04 -45.75 14.20
C VAL A 32 13.43 -46.32 14.49
N SER A 33 14.30 -46.32 13.48
CA SER A 33 15.68 -46.76 13.63
C SER A 33 16.63 -45.57 13.80
N LEU A 34 17.28 -45.50 14.96
CA LEU A 34 18.17 -44.40 15.29
C LEU A 34 19.64 -44.70 14.98
N GLU A 35 19.87 -45.82 14.27
CA GLU A 35 21.22 -46.23 13.88
C GLU A 35 21.83 -45.25 12.90
N THR A 36 23.11 -44.92 13.12
CA THR A 36 23.80 -43.94 12.29
C THR A 36 25.29 -44.23 12.12
N LYS A 37 25.93 -43.52 11.21
CA LYS A 37 27.37 -43.57 11.02
C LYS A 37 28.06 -42.44 11.79
N LEU A 38 28.99 -42.80 12.65
CA LEU A 38 29.84 -41.82 13.33
C LEU A 38 30.91 -41.34 12.36
N THR A 39 31.64 -42.30 11.78
CA THR A 39 32.59 -42.04 10.71
C THR A 39 32.19 -42.90 9.53
N LYS A 40 33.03 -42.92 8.49
CA LYS A 40 32.77 -43.75 7.32
C LYS A 40 33.03 -45.24 7.57
N ASN A 41 33.57 -45.57 8.74
CA ASN A 41 33.85 -46.97 9.11
C ASN A 41 33.41 -47.37 10.52
N VAL A 42 33.01 -46.37 11.32
CA VAL A 42 32.43 -46.62 12.64
C VAL A 42 30.96 -46.19 12.63
N SER A 43 30.10 -47.04 13.19
CA SER A 43 28.68 -46.73 13.27
C SER A 43 28.14 -46.92 14.69
N LEU A 44 27.10 -46.18 15.01
CA LEU A 44 26.52 -46.20 16.36
C LEU A 44 25.04 -46.60 16.33
N LYS A 45 24.54 -47.05 17.47
CA LYS A 45 23.12 -47.40 17.61
C LYS A 45 22.25 -46.15 17.81
N ILE A 46 22.79 -45.16 18.50
CA ILE A 46 22.11 -43.87 18.65
C ILE A 46 23.05 -42.73 18.22
N PRO A 47 22.50 -41.59 17.77
CA PRO A 47 23.35 -40.53 17.22
C PRO A 47 23.91 -39.57 18.27
N LEU A 48 24.13 -40.04 19.49
CA LEU A 48 24.60 -39.18 20.57
C LEU A 48 26.05 -39.41 20.93
N ILE A 49 26.80 -38.32 21.08
CA ILE A 49 28.20 -38.36 21.49
C ILE A 49 28.38 -37.43 22.69
N SER A 50 29.08 -37.90 23.71
CA SER A 50 29.40 -37.04 24.86
C SER A 50 30.67 -36.25 24.58
N SER A 51 30.62 -34.95 24.85
CA SER A 51 31.68 -34.00 24.49
C SER A 51 33.05 -34.32 25.09
N ALA A 52 34.10 -33.90 24.39
CA ALA A 52 35.48 -34.05 24.86
C ALA A 52 35.86 -32.87 25.78
N MET A 53 35.18 -32.78 26.92
CA MET A 53 35.47 -31.76 27.93
C MET A 53 35.72 -32.43 29.27
N ASP A 54 36.64 -31.86 30.05
CA ASP A 54 36.97 -32.39 31.38
C ASP A 54 35.78 -32.41 32.35
N THR A 55 34.72 -31.69 31.99
CA THR A 55 33.52 -31.60 32.80
C THR A 55 32.42 -32.55 32.36
N VAL A 56 32.67 -33.33 31.31
CA VAL A 56 31.65 -34.24 30.78
C VAL A 56 32.10 -35.69 30.52
N THR A 57 33.21 -35.90 29.81
CA THR A 57 33.57 -37.26 29.41
C THR A 57 34.94 -37.79 29.89
N GLU A 58 34.90 -38.71 30.85
CA GLU A 58 36.01 -39.56 31.20
C GLU A 58 35.50 -41.00 31.21
N HIS A 59 36.32 -41.97 31.63
CA HIS A 59 36.00 -43.38 31.42
C HIS A 59 34.58 -43.80 31.83
N LEU A 60 34.11 -43.29 32.97
CA LEU A 60 32.74 -43.56 33.45
C LEU A 60 31.67 -43.15 32.44
N MET A 61 31.78 -41.93 31.94
CA MET A 61 30.84 -41.39 30.95
C MET A 61 30.86 -42.19 29.65
N ALA A 62 32.06 -42.58 29.21
CA ALA A 62 32.23 -43.32 27.96
C ALA A 62 31.61 -44.72 28.03
N VAL A 63 31.74 -45.36 29.19
CA VAL A 63 31.15 -46.68 29.43
C VAL A 63 29.62 -46.60 29.37
N GLY A 64 29.07 -45.57 30.00
CA GLY A 64 27.63 -45.31 29.99
C GLY A 64 27.10 -45.10 28.59
N MET A 65 27.75 -44.19 27.84
CA MET A 65 27.35 -43.86 26.48
C MET A 65 27.37 -45.07 25.55
N ALA A 66 28.44 -45.85 25.62
CA ALA A 66 28.61 -47.03 24.78
C ALA A 66 27.56 -48.09 25.07
N ARG A 67 27.23 -48.28 26.34
CA ARG A 67 26.22 -49.25 26.76
C ARG A 67 24.80 -48.84 26.36
N LEU A 68 24.60 -47.56 26.07
CA LEU A 68 23.31 -47.04 25.65
C LEU A 68 23.22 -46.88 24.14
N GLY A 69 24.30 -47.22 23.44
CA GLY A 69 24.32 -47.20 21.97
C GLY A 69 25.11 -46.05 21.35
N GLY A 70 25.61 -45.16 22.19
CA GLY A 70 26.39 -44.01 21.73
C GLY A 70 27.88 -44.20 21.92
N ILE A 71 28.60 -43.08 22.07
CA ILE A 71 30.04 -43.11 22.24
C ILE A 71 30.53 -41.91 23.06
N GLY A 72 31.55 -42.15 23.88
CA GLY A 72 32.20 -41.08 24.63
C GLY A 72 33.53 -40.71 24.01
N ILE A 73 33.86 -39.42 24.06
CA ILE A 73 35.18 -38.96 23.61
C ILE A 73 35.95 -38.45 24.82
N ILE A 74 36.95 -39.22 25.26
CA ILE A 74 37.79 -38.80 26.39
C ILE A 74 38.57 -37.54 26.05
N HIS A 75 38.44 -36.52 26.91
CA HIS A 75 39.07 -35.22 26.71
C HIS A 75 40.60 -35.30 26.78
N LYS A 76 41.26 -34.34 26.16
CA LYS A 76 42.73 -34.31 26.07
C LYS A 76 43.40 -33.54 27.20
N ASN A 77 42.59 -32.91 28.05
CA ASN A 77 43.10 -32.09 29.16
C ASN A 77 43.67 -32.93 30.32
N MET A 78 44.64 -33.78 29.97
CA MET A 78 45.37 -34.63 30.91
C MET A 78 46.62 -35.14 30.19
N ASP A 79 47.51 -35.81 30.90
CA ASP A 79 48.72 -36.37 30.31
C ASP A 79 48.40 -37.58 29.42
N MET A 80 49.34 -37.92 28.54
CA MET A 80 49.18 -39.04 27.60
C MET A 80 48.84 -40.35 28.29
N GLU A 81 49.61 -40.68 29.34
CA GLU A 81 49.43 -41.94 30.07
C GLU A 81 48.04 -42.04 30.67
N SER A 82 47.55 -40.92 31.19
CA SER A 82 46.21 -40.86 31.79
C SER A 82 45.11 -41.09 30.77
N GLN A 83 45.22 -40.44 29.61
CA GLN A 83 44.22 -40.57 28.55
C GLN A 83 44.17 -41.98 27.98
N VAL A 84 45.34 -42.60 27.84
CA VAL A 84 45.44 -43.99 27.39
C VAL A 84 44.79 -44.92 28.42
N ASN A 85 45.04 -44.66 29.70
CA ASN A 85 44.41 -45.40 30.80
C ASN A 85 42.89 -45.32 30.77
N GLU A 86 42.37 -44.10 30.64
CA GLU A 86 40.93 -43.88 30.52
C GLU A 86 40.33 -44.67 29.35
N VAL A 87 41.05 -44.71 28.24
CA VAL A 87 40.65 -45.50 27.08
C VAL A 87 40.68 -47.00 27.39
N LEU A 88 41.71 -47.45 28.12
CA LEU A 88 41.84 -48.86 28.48
C LEU A 88 40.71 -49.33 29.41
N LYS A 89 40.35 -48.49 30.38
CA LYS A 89 39.27 -48.77 31.34
C LYS A 89 37.94 -49.04 30.65
N VAL A 90 37.67 -48.31 29.56
CA VAL A 90 36.46 -48.49 28.78
C VAL A 90 36.52 -49.81 28.00
N LYS A 91 37.69 -50.11 27.44
CA LYS A 91 37.91 -51.34 26.68
C LYS A 91 37.91 -52.59 27.55
N ASN A 92 38.36 -52.46 28.79
CA ASN A 92 38.40 -53.57 29.74
C ASN A 92 37.00 -54.06 30.12
N SER A 93 36.10 -53.12 30.39
CA SER A 93 34.73 -53.47 30.77
C SER A 93 33.82 -53.64 29.56
N GLY A 94 33.97 -54.78 28.89
CA GLY A 94 33.04 -55.21 27.84
C GLY A 94 33.48 -55.10 26.40
N GLY A 95 34.61 -54.42 26.17
CA GLY A 95 35.10 -54.17 24.81
C GLY A 95 34.13 -53.28 24.05
N LEU A 96 33.96 -52.09 24.54
CA LEU A 96 32.97 -51.15 24.03
C LEU A 96 33.54 -50.25 22.93
N ARG A 97 32.69 -49.36 22.39
CA ARG A 97 33.15 -48.33 21.47
C ARG A 97 33.68 -47.13 22.27
N VAL A 98 34.80 -46.58 21.83
CA VAL A 98 35.45 -45.47 22.54
C VAL A 98 36.21 -44.53 21.61
N GLY A 99 36.17 -43.24 21.93
CA GLY A 99 36.91 -42.22 21.20
C GLY A 99 37.72 -41.32 22.12
N ALA A 100 38.68 -40.60 21.54
CA ALA A 100 39.52 -39.68 22.31
C ALA A 100 39.95 -38.49 21.44
N ALA A 101 40.09 -37.34 22.08
CA ALA A 101 40.46 -36.11 21.40
C ALA A 101 41.96 -35.82 21.48
N ILE A 102 42.49 -35.19 20.43
CA ILE A 102 43.88 -34.68 20.42
C ILE A 102 43.93 -33.26 19.86
N GLY A 103 44.99 -32.54 20.20
CA GLY A 103 45.24 -31.21 19.63
C GLY A 103 46.15 -31.27 18.42
N VAL A 104 46.70 -30.11 18.04
CA VAL A 104 47.62 -30.02 16.91
C VAL A 104 48.99 -30.61 17.23
N ASN A 105 49.59 -31.26 16.23
CA ASN A 105 50.93 -31.86 16.33
C ASN A 105 51.05 -33.01 17.33
N GLU A 106 49.95 -33.33 18.01
CA GLU A 106 49.92 -34.42 19.00
C GLU A 106 49.83 -35.78 18.31
N ILE A 107 50.86 -36.12 17.54
CA ILE A 107 50.91 -37.35 16.76
C ILE A 107 51.14 -38.57 17.66
N GLU A 108 52.06 -38.43 18.62
CA GLU A 108 52.38 -39.51 19.54
C GLU A 108 51.19 -39.87 20.43
N ARG A 109 50.50 -38.84 20.94
CA ARG A 109 49.27 -39.03 21.72
C ARG A 109 48.26 -39.88 20.96
N ALA A 110 47.99 -39.51 19.71
CA ALA A 110 47.11 -40.27 18.83
C ALA A 110 47.59 -41.70 18.65
N LYS A 111 48.89 -41.86 18.36
CA LYS A 111 49.50 -43.17 18.15
C LYS A 111 49.26 -44.10 19.34
N LEU A 112 49.51 -43.60 20.55
CA LEU A 112 49.32 -44.38 21.77
C LEU A 112 47.85 -44.69 22.03
N LEU A 113 46.97 -43.75 21.67
CA LEU A 113 45.52 -43.95 21.79
C LEU A 113 45.02 -45.02 20.84
N VAL A 114 45.54 -45.04 19.61
CA VAL A 114 45.22 -46.07 18.62
C VAL A 114 45.64 -47.45 19.12
N GLU A 115 46.87 -47.54 19.64
CA GLU A 115 47.42 -48.80 20.16
C GLU A 115 46.67 -49.27 21.40
N ALA A 116 46.04 -48.34 22.12
CA ALA A 116 45.20 -48.67 23.27
C ALA A 116 43.86 -49.26 22.86
N GLY A 117 43.54 -49.17 21.57
CA GLY A 117 42.35 -49.78 21.00
C GLY A 117 41.24 -48.83 20.60
N VAL A 118 41.50 -47.52 20.74
CA VAL A 118 40.50 -46.49 20.43
C VAL A 118 39.92 -46.68 19.03
N ASP A 119 38.64 -46.34 18.86
CA ASP A 119 37.94 -46.58 17.62
C ASP A 119 37.96 -45.37 16.70
N VAL A 120 38.06 -44.19 17.31
CA VAL A 120 38.11 -42.92 16.58
C VAL A 120 38.99 -41.90 17.29
N ILE A 121 39.72 -41.11 16.52
CA ILE A 121 40.50 -39.98 17.02
C ILE A 121 39.80 -38.69 16.59
N VAL A 122 39.51 -37.84 17.56
CA VAL A 122 38.88 -36.55 17.30
C VAL A 122 39.92 -35.44 17.29
N LEU A 123 40.26 -34.99 16.09
CA LEU A 123 41.21 -33.88 15.89
C LEU A 123 40.49 -32.56 16.14
N ASP A 124 40.57 -32.07 17.38
CA ASP A 124 39.84 -30.87 17.80
C ASP A 124 40.67 -29.60 17.74
N SER A 125 40.02 -28.52 17.31
CA SER A 125 40.54 -27.16 17.47
C SER A 125 39.41 -26.14 17.34
N ALA A 126 39.66 -24.94 17.86
CA ALA A 126 38.70 -23.84 17.78
C ALA A 126 38.43 -23.43 16.33
N HIS A 127 39.46 -23.53 15.48
CA HIS A 127 39.34 -23.21 14.06
C HIS A 127 39.96 -24.31 13.21
N GLY A 128 39.13 -25.27 12.81
CA GLY A 128 39.57 -26.44 12.06
C GLY A 128 40.06 -26.18 10.65
N HIS A 129 39.67 -25.04 10.08
CA HIS A 129 40.10 -24.68 8.73
C HIS A 129 41.40 -23.88 8.77
N SER A 130 42.47 -24.57 9.15
CA SER A 130 43.80 -23.97 9.23
C SER A 130 44.86 -24.93 8.69
N LEU A 131 46.06 -24.40 8.47
CA LEU A 131 47.17 -25.17 7.92
C LEU A 131 47.59 -26.30 8.86
N ASN A 132 47.83 -25.95 10.12
CA ASN A 132 48.37 -26.89 11.11
C ASN A 132 47.45 -28.07 11.41
N ILE A 133 46.14 -27.85 11.36
CA ILE A 133 45.16 -28.92 11.52
C ILE A 133 45.27 -29.91 10.36
N ILE A 134 45.36 -29.39 9.14
CA ILE A 134 45.51 -30.21 7.95
C ILE A 134 46.83 -30.98 7.95
N ARG A 135 47.90 -30.32 8.39
CA ARG A 135 49.22 -30.97 8.49
C ARG A 135 49.21 -32.11 9.49
N THR A 136 48.51 -31.91 10.61
CA THR A 136 48.33 -32.96 11.61
C THR A 136 47.50 -34.12 11.02
N LEU A 137 46.47 -33.80 10.25
CA LEU A 137 45.59 -34.80 9.62
C LEU A 137 46.38 -35.70 8.66
N LYS A 138 47.13 -35.09 7.75
CA LYS A 138 47.98 -35.82 6.82
C LYS A 138 48.98 -36.71 7.55
N GLU A 139 49.56 -36.17 8.61
CA GLU A 139 50.59 -36.85 9.40
C GLU A 139 50.03 -38.07 10.13
N ILE A 140 48.83 -37.94 10.69
CA ILE A 140 48.13 -39.04 11.35
C ILE A 140 47.81 -40.17 10.36
N LYS A 141 47.19 -39.79 9.23
CA LYS A 141 46.76 -40.76 8.22
C LYS A 141 47.92 -41.55 7.60
N SER A 142 49.13 -40.98 7.63
CA SER A 142 50.31 -41.63 7.06
C SER A 142 51.10 -42.45 8.07
N LYS A 143 50.87 -42.20 9.36
CA LYS A 143 51.64 -42.86 10.44
C LYS A 143 50.85 -43.90 11.23
N MET A 144 49.52 -43.84 11.14
CA MET A 144 48.66 -44.79 11.84
C MET A 144 47.35 -45.05 11.09
N ASN A 145 46.74 -46.20 11.38
CA ASN A 145 45.51 -46.61 10.75
C ASN A 145 44.31 -46.44 11.69
N ILE A 146 43.54 -45.39 11.46
CA ILE A 146 42.41 -45.03 12.31
C ILE A 146 41.49 -44.06 11.59
N ASP A 147 40.22 -44.05 11.97
CA ASP A 147 39.28 -43.06 11.48
C ASP A 147 39.44 -41.75 12.25
N VAL A 148 39.53 -40.64 11.53
CA VAL A 148 39.75 -39.33 12.15
C VAL A 148 38.57 -38.40 11.91
N ILE A 149 38.04 -37.85 13.00
CA ILE A 149 37.05 -36.78 12.94
C ILE A 149 37.77 -35.45 13.16
N VAL A 150 37.55 -34.51 12.25
CA VAL A 150 38.21 -33.20 12.31
C VAL A 150 37.19 -32.08 12.53
N GLY A 151 37.54 -31.15 13.42
CA GLY A 151 36.71 -29.97 13.69
C GLY A 151 37.46 -28.85 14.38
N ASN A 152 36.80 -27.71 14.60
CA ASN A 152 35.45 -27.45 14.14
C ASN A 152 35.40 -26.52 12.94
N VAL A 153 34.44 -26.75 12.06
CA VAL A 153 34.29 -25.96 10.83
C VAL A 153 32.85 -25.49 10.68
N VAL A 154 32.63 -24.51 9.80
CA VAL A 154 31.27 -24.00 9.54
C VAL A 154 31.00 -23.75 8.06
N THR A 155 32.03 -23.80 7.22
CA THR A 155 31.93 -23.43 5.81
C THR A 155 32.06 -24.60 4.84
N GLU A 156 31.77 -24.33 3.57
CA GLU A 156 31.81 -25.33 2.49
C GLU A 156 33.24 -25.71 2.11
N GLU A 157 34.10 -24.70 1.96
CA GLU A 157 35.50 -24.90 1.58
C GLU A 157 36.26 -25.67 2.65
N ALA A 158 35.96 -25.37 3.91
CA ALA A 158 36.54 -26.06 5.06
C ALA A 158 36.24 -27.56 5.00
N THR A 159 34.96 -27.89 4.83
CA THR A 159 34.49 -29.26 4.76
C THR A 159 35.13 -30.02 3.60
N LYS A 160 35.21 -29.37 2.43
CA LYS A 160 35.78 -29.97 1.23
C LYS A 160 37.26 -30.29 1.40
N GLU A 161 38.01 -29.35 1.95
CA GLU A 161 39.46 -29.49 2.10
C GLU A 161 39.84 -30.56 3.12
N LEU A 162 39.01 -30.71 4.16
CA LEU A 162 39.28 -31.74 5.17
C LEU A 162 38.99 -33.14 4.63
N ILE A 163 37.88 -33.30 3.93
CA ILE A 163 37.50 -34.58 3.31
C ILE A 163 38.58 -35.03 2.32
N GLU A 164 39.08 -34.09 1.51
CA GLU A 164 40.12 -34.37 0.52
C GLU A 164 41.44 -34.78 1.16
N ASN A 165 41.73 -34.24 2.33
CA ASN A 165 42.97 -34.57 3.06
C ASN A 165 42.84 -35.78 3.98
N GLY A 166 41.71 -36.50 3.88
CA GLY A 166 41.55 -37.79 4.55
C GLY A 166 40.68 -37.83 5.79
N ALA A 167 39.76 -36.87 5.92
CA ALA A 167 38.85 -36.84 7.06
C ALA A 167 37.73 -37.86 6.93
N ASP A 168 37.53 -38.65 7.99
CA ASP A 168 36.53 -39.71 8.01
C ASP A 168 35.20 -39.19 8.57
N GLY A 169 35.26 -38.00 9.17
CA GLY A 169 34.08 -37.29 9.67
C GLY A 169 34.45 -35.85 9.96
N ILE A 170 33.51 -34.94 9.74
CA ILE A 170 33.75 -33.52 10.07
C ILE A 170 32.82 -33.00 11.17
N LYS A 171 33.39 -32.31 12.13
CA LYS A 171 32.64 -31.77 13.27
C LYS A 171 32.36 -30.28 13.08
N VAL A 172 31.08 -29.92 13.19
CA VAL A 172 30.61 -28.56 12.91
C VAL A 172 30.21 -27.83 14.18
N GLY A 173 30.72 -26.60 14.34
CA GLY A 173 30.36 -25.76 15.47
C GLY A 173 31.36 -24.71 15.90
N ILE A 174 31.19 -23.48 15.39
CA ILE A 174 31.92 -22.32 15.89
C ILE A 174 30.90 -21.32 16.42
N GLY A 175 30.80 -21.23 17.75
CA GLY A 175 29.87 -20.29 18.37
C GLY A 175 28.83 -20.83 19.36
N PRO A 176 28.24 -22.02 19.08
CA PRO A 176 27.04 -22.41 19.82
C PRO A 176 27.29 -22.94 21.23
N GLY A 177 28.54 -23.27 21.54
CA GLY A 177 28.91 -23.85 22.84
C GLY A 177 28.27 -23.17 24.04
N SER A 178 27.82 -23.99 24.99
CA SER A 178 27.14 -23.52 26.21
C SER A 178 27.98 -22.51 27.01
N ILE A 179 29.26 -22.83 27.20
CA ILE A 179 30.20 -21.93 27.87
C ILE A 179 30.94 -21.07 26.83
N CYS A 180 30.18 -20.23 26.14
CA CYS A 180 30.66 -19.47 24.98
C CYS A 180 31.59 -18.32 25.33
N THR A 181 32.60 -18.14 24.49
CA THR A 181 33.48 -16.96 24.52
C THR A 181 33.85 -16.52 23.11
N THR A 182 33.83 -17.47 22.17
CA THR A 182 34.20 -17.20 20.77
C THR A 182 33.33 -16.12 20.10
N ARG A 183 32.04 -16.15 20.40
CA ARG A 183 31.07 -15.20 19.85
C ARG A 183 31.27 -13.80 20.43
N ILE A 184 31.79 -13.73 21.66
CA ILE A 184 31.96 -12.48 22.40
C ILE A 184 33.38 -11.92 22.30
N VAL A 185 34.38 -12.79 22.48
CA VAL A 185 35.79 -12.40 22.44
C VAL A 185 36.26 -12.12 21.01
N ALA A 186 35.89 -12.98 20.07
CA ALA A 186 36.36 -12.86 18.69
C ALA A 186 35.31 -12.26 17.75
N GLY A 187 34.03 -12.38 18.12
CA GLY A 187 32.93 -11.92 17.28
C GLY A 187 32.76 -12.78 16.05
N VAL A 188 33.17 -14.04 16.16
CA VAL A 188 33.20 -14.97 15.05
C VAL A 188 32.21 -16.11 15.31
N GLY A 189 31.59 -16.60 14.24
CA GLY A 189 30.69 -17.73 14.34
C GLY A 189 29.68 -17.83 13.22
N VAL A 190 29.06 -19.00 13.09
CA VAL A 190 27.93 -19.22 12.20
C VAL A 190 26.91 -20.07 12.96
N PRO A 191 25.65 -19.60 13.05
CA PRO A 191 24.58 -20.33 13.74
C PRO A 191 24.42 -21.77 13.25
N GLN A 192 24.16 -22.68 14.17
CA GLN A 192 24.21 -24.13 13.93
C GLN A 192 23.41 -24.67 12.74
N ILE A 193 22.14 -24.29 12.62
CA ILE A 193 21.30 -24.78 11.53
C ILE A 193 21.93 -24.46 10.18
N THR A 194 22.32 -23.19 9.99
CA THR A 194 23.00 -22.75 8.77
C THR A 194 24.33 -23.48 8.58
N ALA A 195 25.09 -23.59 9.67
CA ALA A 195 26.41 -24.24 9.64
C ALA A 195 26.33 -25.70 9.21
N ILE A 196 25.32 -26.43 9.69
CA ILE A 196 25.09 -27.81 9.29
C ILE A 196 24.67 -27.87 7.82
N GLU A 197 23.76 -26.99 7.43
CA GLU A 197 23.27 -26.91 6.05
C GLU A 197 24.41 -26.72 5.04
N LYS A 198 25.29 -25.76 5.32
CA LYS A 198 26.42 -25.45 4.45
C LYS A 198 27.38 -26.63 4.31
N CYS A 199 27.73 -27.24 5.44
CA CYS A 199 28.68 -28.35 5.47
C CYS A 199 28.11 -29.64 4.91
N SER A 200 26.80 -29.84 5.05
CA SER A 200 26.12 -31.04 4.55
C SER A 200 26.08 -31.11 3.03
N SER A 201 25.97 -29.95 2.38
CA SER A 201 25.92 -29.86 0.93
C SER A 201 27.22 -30.34 0.29
N VAL A 202 28.30 -30.35 1.07
CA VAL A 202 29.59 -30.86 0.62
C VAL A 202 29.77 -32.32 1.04
N ALA A 203 29.56 -32.60 2.33
CA ALA A 203 29.87 -33.89 2.92
C ALA A 203 29.04 -35.06 2.40
N SER A 204 27.76 -34.81 2.11
CA SER A 204 26.85 -35.88 1.66
C SER A 204 27.16 -36.39 0.25
N LYS A 205 27.73 -35.51 -0.58
CA LYS A 205 28.21 -35.89 -1.92
C LYS A 205 29.36 -36.90 -1.84
N PHE A 206 30.08 -36.90 -0.71
CA PHE A 206 31.18 -37.81 -0.48
C PHE A 206 30.78 -38.94 0.47
N GLY A 207 29.57 -38.84 1.02
CA GLY A 207 29.10 -39.81 2.00
C GLY A 207 29.83 -39.74 3.33
N ILE A 208 30.34 -38.56 3.66
CA ILE A 208 31.05 -38.34 4.93
C ILE A 208 30.08 -37.80 5.99
N PRO A 209 29.99 -38.48 7.14
CA PRO A 209 29.12 -38.08 8.25
C PRO A 209 29.46 -36.70 8.83
N ILE A 210 28.43 -36.00 9.30
CA ILE A 210 28.62 -34.72 9.99
C ILE A 210 28.20 -34.84 11.45
N ILE A 211 29.07 -34.34 12.34
CA ILE A 211 28.78 -34.26 13.76
C ILE A 211 28.39 -32.83 14.09
N ALA A 212 27.16 -32.64 14.57
CA ALA A 212 26.70 -31.34 15.03
C ALA A 212 27.16 -31.15 16.47
N ASP A 213 28.07 -30.20 16.68
CA ASP A 213 28.68 -29.99 17.98
C ASP A 213 28.26 -28.68 18.64
N GLY A 214 27.67 -28.78 19.82
CA GLY A 214 27.32 -27.63 20.64
C GLY A 214 25.96 -27.00 20.34
N GLY A 215 25.39 -26.34 21.35
CA GLY A 215 24.15 -25.58 21.18
C GLY A 215 22.87 -26.35 21.47
N ILE A 216 23.00 -27.66 21.70
CA ILE A 216 21.85 -28.49 22.05
C ILE A 216 21.43 -28.18 23.48
N ARG A 217 20.20 -27.73 23.64
CA ARG A 217 19.63 -27.48 24.98
C ARG A 217 18.56 -28.52 25.30
N TYR A 218 17.78 -28.88 24.29
CA TYR A 218 16.65 -29.80 24.47
C TYR A 218 16.69 -30.94 23.47
N SER A 219 15.89 -31.98 23.72
CA SER A 219 15.80 -33.15 22.83
C SER A 219 15.33 -32.77 21.42
N GLY A 220 14.64 -31.64 21.29
CA GLY A 220 14.16 -31.15 20.01
C GLY A 220 15.28 -30.69 19.09
N ASP A 221 16.36 -30.17 19.70
CA ASP A 221 17.52 -29.67 18.96
C ASP A 221 18.27 -30.78 18.24
N ILE A 222 18.24 -31.99 18.81
CA ILE A 222 18.86 -33.17 18.21
C ILE A 222 18.17 -33.50 16.88
N GLY A 223 16.84 -33.42 16.88
CA GLY A 223 16.03 -33.69 15.69
C GLY A 223 16.28 -32.69 14.59
N LYS A 224 16.40 -31.42 14.96
CA LYS A 224 16.67 -30.34 14.01
C LYS A 224 18.04 -30.50 13.37
N ALA A 225 19.06 -30.76 14.19
CA ALA A 225 20.43 -30.94 13.72
C ALA A 225 20.55 -32.11 12.75
N LEU A 226 19.92 -33.23 13.11
CA LEU A 226 19.90 -34.40 12.24
C LEU A 226 19.09 -34.15 10.97
N ALA A 227 17.89 -33.59 11.13
CA ALA A 227 17.00 -33.30 9.99
C ALA A 227 17.62 -32.37 8.97
N VAL A 228 18.58 -31.58 9.41
CA VAL A 228 19.19 -30.56 8.57
C VAL A 228 20.43 -31.08 7.82
N GLY A 229 20.95 -32.23 8.25
CA GLY A 229 22.05 -32.88 7.53
C GLY A 229 23.08 -33.66 8.33
N ALA A 230 23.05 -33.51 9.65
CA ALA A 230 24.02 -34.20 10.50
C ALA A 230 23.71 -35.69 10.63
N SER A 231 24.75 -36.48 10.88
CA SER A 231 24.63 -37.91 11.11
C SER A 231 24.59 -38.23 12.60
N SER A 232 25.27 -37.41 13.39
CA SER A 232 25.26 -37.54 14.84
C SER A 232 25.31 -36.17 15.53
N VAL A 233 25.11 -36.18 16.84
CA VAL A 233 25.07 -34.95 17.63
C VAL A 233 25.94 -35.11 18.87
N MET A 234 26.79 -34.11 19.11
CA MET A 234 27.65 -34.09 20.30
C MET A 234 27.06 -33.16 21.37
N ILE A 235 26.99 -33.67 22.60
CA ILE A 235 26.37 -32.94 23.71
C ILE A 235 27.30 -32.83 24.93
N GLY A 236 27.35 -31.64 25.51
CA GLY A 236 28.20 -31.37 26.66
C GLY A 236 27.45 -31.05 27.94
N SER A 237 26.79 -29.88 27.95
CA SER A 237 26.14 -29.36 29.16
C SER A 237 25.00 -30.24 29.67
N ILE A 238 24.24 -30.82 28.74
CA ILE A 238 23.16 -31.75 29.05
C ILE A 238 23.65 -32.94 29.89
N LEU A 239 24.88 -33.37 29.64
CA LEU A 239 25.46 -34.49 30.37
C LEU A 239 26.36 -34.03 31.52
N ALA A 240 26.79 -32.78 31.47
CA ALA A 240 27.55 -32.18 32.56
C ALA A 240 26.70 -32.11 33.82
N GLY A 241 27.20 -32.72 34.90
CA GLY A 241 26.48 -32.72 36.18
C GLY A 241 25.80 -34.03 36.50
N THR A 242 25.73 -34.93 35.52
CA THR A 242 25.23 -36.27 35.75
C THR A 242 26.23 -37.04 36.61
N GLU A 243 25.76 -38.10 37.26
CA GLU A 243 26.59 -38.94 38.12
C GLU A 243 27.87 -39.41 37.42
N GLU A 244 27.76 -39.71 36.13
CA GLU A 244 28.86 -40.28 35.35
C GLU A 244 29.88 -39.25 34.88
N SER A 245 29.56 -37.96 35.00
CA SER A 245 30.48 -36.89 34.61
C SER A 245 31.65 -36.79 35.59
N PRO A 246 32.84 -36.33 35.12
CA PRO A 246 34.04 -36.33 35.94
C PRO A 246 34.11 -35.16 36.92
N GLY A 247 33.26 -35.21 37.94
CA GLY A 247 33.28 -34.22 39.01
C GLY A 247 33.02 -34.86 40.36
N GLU A 248 33.01 -34.04 41.40
CA GLU A 248 32.64 -34.49 42.75
C GLU A 248 31.45 -33.71 43.28
N LYS A 249 30.58 -34.39 44.00
CA LYS A 249 29.35 -33.79 44.53
C LYS A 249 29.62 -32.76 45.63
N GLU A 250 28.77 -31.73 45.68
CA GLU A 250 28.90 -30.63 46.62
C GLU A 250 27.51 -30.14 47.03
N LEU A 251 27.40 -29.56 48.22
CA LEU A 251 26.11 -29.09 48.73
C LEU A 251 26.08 -27.59 49.02
N ILE A 252 25.19 -26.89 48.34
CA ILE A 252 24.91 -25.48 48.61
C ILE A 252 23.40 -25.30 48.86
N GLY A 253 23.02 -25.22 50.13
CA GLY A 253 21.62 -25.10 50.53
C GLY A 253 20.83 -26.35 50.18
N ASP A 254 19.71 -26.15 49.50
CA ASP A 254 18.85 -27.26 49.05
C ASP A 254 19.50 -28.11 47.95
N THR A 255 20.25 -27.45 47.08
CA THR A 255 20.70 -28.05 45.83
C THR A 255 22.07 -28.74 45.92
N VAL A 256 22.23 -29.84 45.20
CA VAL A 256 23.50 -30.54 45.04
C VAL A 256 24.17 -30.07 43.74
N TYR A 257 25.45 -29.75 43.83
CA TYR A 257 26.24 -29.31 42.68
C TYR A 257 27.44 -30.22 42.45
N LYS A 258 28.10 -30.06 41.31
CA LYS A 258 29.26 -30.85 40.96
C LYS A 258 30.45 -29.96 40.56
N TYR A 259 31.47 -29.93 41.41
CA TYR A 259 32.64 -29.06 41.21
C TYR A 259 33.81 -29.79 40.53
N TYR A 260 34.76 -29.01 39.99
CA TYR A 260 35.85 -29.57 39.19
C TYR A 260 37.24 -29.11 39.66
N GLY A 294 34.49 -23.75 38.58
CA GLY A 294 33.60 -24.61 37.80
C GLY A 294 32.52 -25.25 38.66
N ARG A 295 31.27 -25.06 38.24
CA ARG A 295 30.11 -25.58 38.98
C ARG A 295 28.88 -25.70 38.08
N VAL A 296 28.17 -26.82 38.21
CA VAL A 296 26.88 -27.02 37.56
C VAL A 296 25.98 -27.91 38.44
N LYS A 297 24.66 -27.78 38.27
CA LYS A 297 23.70 -28.54 39.06
C LYS A 297 23.77 -30.04 38.77
N TYR A 298 23.66 -30.84 39.83
CA TYR A 298 23.61 -32.29 39.74
C TYR A 298 22.35 -32.74 38.99
N LYS A 299 22.53 -33.67 38.04
CA LYS A 299 21.44 -34.09 37.16
C LYS A 299 20.96 -35.52 37.43
N GLY A 300 21.69 -36.25 38.27
CA GLY A 300 21.35 -37.64 38.58
C GLY A 300 22.02 -38.61 37.63
N GLU A 301 21.42 -39.79 37.49
CA GLU A 301 21.88 -40.78 36.51
C GLU A 301 21.79 -40.25 35.08
N MET A 302 22.77 -40.62 34.27
CA MET A 302 22.82 -40.18 32.88
C MET A 302 21.79 -40.92 32.02
N GLU A 303 21.42 -42.13 32.45
CA GLU A 303 20.50 -42.99 31.70
C GLU A 303 19.14 -42.33 31.51
N GLY A 304 18.64 -41.69 32.56
CA GLY A 304 17.38 -40.95 32.50
C GLY A 304 17.47 -39.75 31.56
N VAL A 305 18.62 -39.09 31.56
CA VAL A 305 18.87 -37.94 30.69
C VAL A 305 18.93 -38.37 29.22
N VAL A 306 19.65 -39.46 28.94
CA VAL A 306 19.78 -39.99 27.58
C VAL A 306 18.45 -40.57 27.06
N TYR A 307 17.72 -41.24 27.95
CA TYR A 307 16.42 -41.82 27.62
C TYR A 307 15.43 -40.77 27.08
N GLN A 308 15.41 -39.61 27.72
CA GLN A 308 14.52 -38.51 27.32
C GLN A 308 14.92 -37.95 25.95
N LEU A 309 16.22 -37.82 25.73
CA LEU A 309 16.74 -37.34 24.45
C LEU A 309 16.39 -38.30 23.32
N VAL A 310 16.54 -39.59 23.58
CA VAL A 310 16.19 -40.63 22.62
C VAL A 310 14.69 -40.60 22.31
N GLY A 311 13.88 -40.60 23.36
CA GLY A 311 12.42 -40.51 23.23
C GLY A 311 11.96 -39.31 22.40
N GLY A 312 12.51 -38.14 22.72
CA GLY A 312 12.21 -36.92 21.98
C GLY A 312 12.54 -37.01 20.49
N LEU A 313 13.67 -37.64 20.19
CA LEU A 313 14.09 -37.85 18.80
C LEU A 313 13.18 -38.84 18.07
N ARG A 314 12.80 -39.92 18.76
CA ARG A 314 11.89 -40.91 18.19
C ARG A 314 10.55 -40.26 17.83
N SER A 315 10.04 -39.46 18.75
CA SER A 315 8.79 -38.71 18.54
C SER A 315 8.92 -37.75 17.37
N CYS A 316 10.04 -37.01 17.33
CA CYS A 316 10.34 -36.09 16.25
C CYS A 316 10.29 -36.77 14.89
N MET A 317 10.97 -37.91 14.78
CA MET A 317 11.03 -38.68 13.54
C MET A 317 9.69 -39.34 13.24
N GLY A 318 8.90 -39.57 14.27
CA GLY A 318 7.51 -39.99 14.11
C GLY A 318 6.70 -38.92 13.39
N TYR A 319 6.71 -37.70 13.93
CA TYR A 319 6.03 -36.56 13.33
C TYR A 319 6.37 -36.36 11.86
N LEU A 320 7.64 -36.59 11.52
CA LEU A 320 8.15 -36.35 10.17
C LEU A 320 8.09 -37.59 9.28
N GLY A 321 7.48 -38.65 9.80
CA GLY A 321 7.28 -39.90 9.06
C GLY A 321 8.55 -40.48 8.49
N SER A 322 9.59 -40.54 9.31
CA SER A 322 10.89 -41.03 8.89
C SER A 322 11.35 -42.17 9.78
N ALA A 323 11.57 -43.33 9.17
CA ALA A 323 11.98 -44.54 9.89
C ALA A 323 13.48 -44.56 10.17
N SER A 324 14.24 -43.81 9.37
CA SER A 324 15.69 -43.72 9.52
C SER A 324 16.16 -42.28 9.34
N ILE A 325 17.40 -42.01 9.72
CA ILE A 325 17.99 -40.68 9.60
C ILE A 325 18.22 -40.29 8.14
N GLU A 326 18.56 -41.27 7.30
CA GLU A 326 18.71 -41.02 5.87
C GLU A 326 17.37 -40.69 5.24
N GLU A 327 16.31 -41.31 5.76
CA GLU A 327 14.93 -41.02 5.36
C GLU A 327 14.52 -39.63 5.84
N LEU A 328 15.05 -39.22 6.98
CA LEU A 328 14.80 -37.90 7.54
C LEU A 328 15.40 -36.78 6.67
N TRP A 329 16.63 -36.98 6.17
CA TRP A 329 17.28 -36.01 5.29
C TRP A 329 16.48 -35.71 4.03
N LYS A 330 15.92 -36.76 3.43
CA LYS A 330 15.17 -36.64 2.18
C LYS A 330 13.80 -35.97 2.38
N LYS A 331 13.21 -36.19 3.55
CA LYS A 331 11.81 -35.79 3.78
C LYS A 331 11.60 -34.55 4.66
N SER A 332 12.62 -34.13 5.40
CA SER A 332 12.47 -33.04 6.38
C SER A 332 12.34 -31.66 5.75
N SER A 333 11.59 -30.81 6.44
CA SER A 333 11.45 -29.39 6.10
C SER A 333 11.15 -28.63 7.39
N TYR A 334 11.43 -27.33 7.37
CA TYR A 334 11.23 -26.50 8.56
C TYR A 334 10.64 -25.13 8.24
N VAL A 335 10.08 -24.50 9.26
CA VAL A 335 9.61 -23.11 9.19
C VAL A 335 10.41 -22.22 10.13
N GLU A 336 10.65 -20.98 9.71
CA GLU A 336 11.27 -19.98 10.57
C GLU A 336 10.28 -19.47 11.61
N ILE A 337 10.78 -19.24 12.81
CA ILE A 337 9.96 -18.84 13.94
C ILE A 337 10.51 -17.56 14.58
N THR A 338 9.61 -16.66 14.96
CA THR A 338 9.99 -15.46 15.72
C THR A 338 10.17 -15.86 17.19
N THR A 339 11.17 -15.26 17.84
CA THR A 339 11.54 -15.60 19.22
C THR A 339 10.34 -15.57 20.19
N SER A 340 9.53 -14.52 20.09
CA SER A 340 8.31 -14.35 20.90
C SER A 340 8.57 -14.39 22.42
N THR B 6 15.45 -25.53 -1.19
CA THR B 6 15.84 -25.42 0.25
C THR B 6 14.79 -26.07 1.17
N LYS B 7 15.21 -26.41 2.38
CA LYS B 7 14.30 -27.00 3.38
C LYS B 7 13.43 -25.95 4.06
N ASN B 8 13.86 -24.69 3.97
CA ASN B 8 13.12 -23.55 4.50
C ASN B 8 11.91 -23.26 3.62
N ILE B 9 10.71 -23.48 4.16
CA ILE B 9 9.48 -23.35 3.38
C ILE B 9 8.75 -22.02 3.60
N GLY B 10 9.28 -21.20 4.49
CA GLY B 10 8.71 -19.88 4.77
C GLY B 10 8.76 -19.51 6.23
N LYS B 11 8.36 -18.27 6.53
CA LYS B 11 8.31 -17.78 7.90
C LYS B 11 6.91 -18.02 8.49
N GLY B 12 6.86 -18.68 9.64
CA GLY B 12 5.61 -18.99 10.31
C GLY B 12 5.22 -17.94 11.31
N LEU B 13 3.95 -17.56 11.30
CA LEU B 13 3.43 -16.53 12.19
C LEU B 13 2.48 -17.10 13.24
N THR B 14 2.64 -16.66 14.47
CA THR B 14 1.78 -17.07 15.58
C THR B 14 0.78 -15.95 15.92
N PHE B 15 -0.01 -16.13 16.97
CA PHE B 15 -1.02 -15.14 17.37
C PHE B 15 -0.41 -13.79 17.73
N GLU B 16 0.66 -13.82 18.53
CA GLU B 16 1.29 -12.60 19.05
C GLU B 16 2.02 -11.78 18.00
N ASP B 17 2.27 -12.38 16.83
CA ASP B 17 3.00 -11.70 15.76
C ASP B 17 2.08 -10.86 14.88
N ILE B 18 0.79 -10.88 15.18
CA ILE B 18 -0.23 -10.40 14.26
C ILE B 18 -1.24 -9.46 14.93
N LEU B 19 -1.70 -8.49 14.15
CA LEU B 19 -2.78 -7.59 14.55
C LEU B 19 -3.74 -7.39 13.40
N LEU B 20 -5.03 -7.49 13.68
CA LEU B 20 -6.07 -7.33 12.68
C LEU B 20 -6.32 -5.86 12.35
N VAL B 21 -6.47 -5.58 11.06
CA VAL B 21 -6.67 -4.21 10.56
C VAL B 21 -8.17 -3.88 10.50
N PRO B 22 -8.59 -2.77 11.14
CA PRO B 22 -9.99 -2.36 11.13
C PRO B 22 -10.50 -2.02 9.72
N ASN B 23 -11.77 -2.34 9.48
CA ASN B 23 -12.45 -1.96 8.24
C ASN B 23 -13.58 -0.99 8.53
N TYR B 24 -14.18 -0.43 7.48
CA TYR B 24 -15.40 0.38 7.63
C TYR B 24 -16.47 -0.47 8.31
N SER B 25 -17.18 0.12 9.27
CA SER B 25 -18.14 -0.64 10.06
C SER B 25 -19.52 0.00 10.16
N GLU B 26 -20.54 -0.84 10.02
CA GLU B 26 -21.94 -0.44 10.22
C GLU B 26 -22.56 -1.25 11.35
N VAL B 27 -21.81 -2.22 11.86
CA VAL B 27 -22.32 -3.14 12.87
C VAL B 27 -21.75 -2.87 14.26
N LEU B 28 -22.65 -2.67 15.23
CA LEU B 28 -22.30 -2.63 16.64
C LEU B 28 -22.01 -4.07 17.08
N PRO B 29 -21.10 -4.25 18.05
CA PRO B 29 -20.82 -5.57 18.64
C PRO B 29 -22.06 -6.41 18.96
N ARG B 30 -23.13 -5.75 19.40
CA ARG B 30 -24.39 -6.43 19.75
C ARG B 30 -25.13 -7.01 18.55
N GLU B 31 -24.98 -6.40 17.39
CA GLU B 31 -25.67 -6.83 16.17
C GLU B 31 -25.00 -8.05 15.51
N VAL B 32 -23.83 -8.43 16.01
CA VAL B 32 -23.00 -9.46 15.36
C VAL B 32 -23.52 -10.89 15.56
N SER B 33 -23.69 -11.61 14.46
CA SER B 33 -24.06 -13.02 14.49
C SER B 33 -22.82 -13.89 14.62
N LEU B 34 -22.83 -14.77 15.63
CA LEU B 34 -21.70 -15.66 15.88
C LEU B 34 -21.97 -17.10 15.43
N GLU B 35 -23.05 -17.28 14.66
CA GLU B 35 -23.40 -18.56 14.06
C GLU B 35 -22.25 -19.15 13.26
N THR B 36 -21.98 -20.44 13.45
CA THR B 36 -20.89 -21.12 12.77
C THR B 36 -21.12 -22.62 12.63
N LYS B 37 -20.28 -23.27 11.83
CA LYS B 37 -20.35 -24.72 11.62
C LYS B 37 -19.23 -25.44 12.35
N LEU B 38 -19.61 -26.41 13.17
CA LEU B 38 -18.64 -27.27 13.86
C LEU B 38 -18.13 -28.34 12.91
N THR B 39 -19.07 -29.08 12.31
CA THR B 39 -18.78 -30.01 11.23
C THR B 39 -19.67 -29.68 10.04
N LYS B 40 -19.64 -30.55 9.03
CA LYS B 40 -20.45 -30.42 7.83
C LYS B 40 -21.95 -30.32 8.14
N ASN B 41 -22.39 -31.01 9.20
CA ASN B 41 -23.82 -31.13 9.51
C ASN B 41 -24.24 -30.63 10.89
N VAL B 42 -23.27 -30.20 11.70
CA VAL B 42 -23.55 -29.66 13.03
C VAL B 42 -23.21 -28.17 13.07
N SER B 43 -24.12 -27.38 13.64
CA SER B 43 -23.94 -25.93 13.74
C SER B 43 -23.85 -25.48 15.20
N LEU B 44 -23.19 -24.34 15.41
CA LEU B 44 -23.04 -23.76 16.74
C LEU B 44 -23.52 -22.31 16.76
N LYS B 45 -24.00 -21.87 17.93
CA LYS B 45 -24.43 -20.49 18.12
C LYS B 45 -23.23 -19.59 18.36
N ILE B 46 -22.23 -20.12 19.07
CA ILE B 46 -20.96 -19.44 19.31
C ILE B 46 -19.78 -20.35 18.94
N PRO B 47 -18.69 -19.78 18.40
CA PRO B 47 -17.61 -20.62 17.87
C PRO B 47 -16.58 -21.04 18.92
N LEU B 48 -17.05 -21.52 20.07
CA LEU B 48 -16.17 -21.93 21.15
C LEU B 48 -16.35 -23.42 21.48
N ILE B 49 -15.24 -24.10 21.70
CA ILE B 49 -15.22 -25.51 22.07
C ILE B 49 -14.29 -25.70 23.25
N SER B 50 -14.69 -26.52 24.21
CA SER B 50 -13.82 -26.85 25.33
C SER B 50 -12.98 -28.08 25.00
N SER B 51 -11.68 -27.99 25.28
CA SER B 51 -10.70 -29.03 24.93
C SER B 51 -11.00 -30.39 25.57
N ALA B 52 -10.77 -31.45 24.81
CA ALA B 52 -10.94 -32.81 25.29
C ALA B 52 -9.79 -33.21 26.22
N MET B 53 -9.81 -32.63 27.42
CA MET B 53 -8.75 -32.83 28.41
C MET B 53 -9.37 -33.14 29.77
N ASP B 54 -8.68 -33.96 30.56
CA ASP B 54 -9.20 -34.41 31.86
C ASP B 54 -9.17 -33.36 32.97
N THR B 55 -8.71 -32.16 32.63
CA THR B 55 -8.72 -31.02 33.56
C THR B 55 -9.64 -29.91 33.05
N VAL B 56 -10.26 -30.14 31.89
CA VAL B 56 -11.12 -29.14 31.27
C VAL B 56 -12.57 -29.61 31.12
N THR B 57 -12.78 -30.69 30.36
CA THR B 57 -14.13 -31.06 29.93
C THR B 57 -14.64 -32.43 30.39
N GLU B 58 -15.60 -32.40 31.31
CA GLU B 58 -16.46 -33.53 31.61
C GLU B 58 -17.91 -33.05 31.50
N HIS B 59 -18.86 -33.71 32.16
CA HIS B 59 -20.29 -33.41 31.94
C HIS B 59 -20.71 -31.97 32.31
N LEU B 60 -20.21 -31.44 33.43
CA LEU B 60 -20.54 -30.08 33.83
C LEU B 60 -20.07 -29.05 32.80
N MET B 61 -18.85 -29.21 32.33
CA MET B 61 -18.27 -28.35 31.32
C MET B 61 -19.06 -28.43 30.01
N ALA B 62 -19.47 -29.64 29.64
CA ALA B 62 -20.21 -29.86 28.40
C ALA B 62 -21.62 -29.27 28.43
N VAL B 63 -22.25 -29.31 29.60
CA VAL B 63 -23.57 -28.70 29.80
C VAL B 63 -23.46 -27.16 29.71
N GLY B 64 -22.48 -26.61 30.43
CA GLY B 64 -22.19 -25.17 30.40
C GLY B 64 -21.92 -24.66 29.00
N MET B 65 -21.06 -25.36 28.26
CA MET B 65 -20.73 -25.01 26.89
C MET B 65 -21.95 -25.06 25.96
N ALA B 66 -22.74 -26.13 26.08
CA ALA B 66 -23.92 -26.33 25.22
C ALA B 66 -25.01 -25.28 25.44
N ARG B 67 -25.22 -24.92 26.71
CA ARG B 67 -26.19 -23.90 27.09
C ARG B 67 -25.81 -22.50 26.62
N LEU B 68 -24.51 -22.25 26.47
CA LEU B 68 -24.02 -20.94 26.00
C LEU B 68 -23.94 -20.85 24.49
N GLY B 69 -24.21 -21.95 23.80
CA GLY B 69 -24.25 -21.98 22.34
C GLY B 69 -23.07 -22.66 21.69
N GLY B 70 -22.16 -23.18 22.52
CA GLY B 70 -20.99 -23.91 22.05
C GLY B 70 -21.12 -25.40 22.28
N ILE B 71 -19.98 -26.08 22.44
CA ILE B 71 -19.97 -27.53 22.61
C ILE B 71 -18.80 -28.00 23.47
N GLY B 72 -19.08 -28.93 24.36
CA GLY B 72 -18.05 -29.58 25.16
C GLY B 72 -17.69 -30.92 24.57
N ILE B 73 -16.40 -31.23 24.54
CA ILE B 73 -15.93 -32.51 24.02
C ILE B 73 -15.28 -33.33 25.14
N ILE B 74 -15.93 -34.44 25.49
CA ILE B 74 -15.52 -35.28 26.61
C ILE B 74 -14.20 -36.00 26.30
N HIS B 75 -13.25 -35.89 27.22
CA HIS B 75 -11.93 -36.49 27.08
C HIS B 75 -11.98 -38.02 27.12
N LYS B 76 -10.96 -38.65 26.57
CA LYS B 76 -10.90 -40.11 26.45
C LYS B 76 -10.09 -40.78 27.57
N ASN B 77 -9.57 -39.99 28.51
CA ASN B 77 -8.77 -40.51 29.61
C ASN B 77 -9.61 -41.18 30.71
N MET B 78 -10.51 -42.05 30.26
CA MET B 78 -11.38 -42.83 31.13
C MET B 78 -11.83 -44.07 30.38
N ASP B 79 -12.48 -45.00 31.07
CA ASP B 79 -13.02 -46.20 30.42
C ASP B 79 -14.26 -45.87 29.59
N MET B 80 -14.52 -46.69 28.58
CA MET B 80 -15.66 -46.53 27.67
C MET B 80 -16.97 -46.31 28.42
N GLU B 81 -17.22 -47.14 29.43
CA GLU B 81 -18.46 -47.07 30.22
C GLU B 81 -18.63 -45.73 30.92
N SER B 82 -17.51 -45.17 31.40
CA SER B 82 -17.51 -43.87 32.07
C SER B 82 -17.73 -42.71 31.11
N GLN B 83 -17.17 -42.83 29.90
CA GLN B 83 -17.30 -41.78 28.87
C GLN B 83 -18.72 -41.74 28.29
N VAL B 84 -19.33 -42.91 28.14
CA VAL B 84 -20.71 -43.03 27.70
C VAL B 84 -21.67 -42.40 28.72
N ASN B 85 -21.42 -42.67 30.01
CA ASN B 85 -22.22 -42.10 31.09
C ASN B 85 -22.16 -40.58 31.13
N GLU B 86 -20.97 -40.03 30.88
CA GLU B 86 -20.77 -38.58 30.84
C GLU B 86 -21.53 -37.92 29.68
N VAL B 87 -21.59 -38.63 28.55
CA VAL B 87 -22.39 -38.19 27.40
C VAL B 87 -23.88 -38.28 27.72
N LEU B 88 -24.28 -39.37 28.39
CA LEU B 88 -25.67 -39.58 28.76
C LEU B 88 -26.17 -38.58 29.80
N LYS B 89 -25.26 -38.08 30.65
CA LYS B 89 -25.60 -37.07 31.66
C LYS B 89 -25.82 -35.69 31.07
N VAL B 90 -25.17 -35.40 29.94
CA VAL B 90 -25.37 -34.15 29.21
C VAL B 90 -26.68 -34.20 28.44
N LYS B 91 -26.97 -35.36 27.86
CA LYS B 91 -28.23 -35.60 27.14
C LYS B 91 -29.41 -35.76 28.10
N ASN B 92 -29.11 -35.90 29.39
CA ASN B 92 -30.13 -36.05 30.42
C ASN B 92 -30.87 -34.74 30.71
N SER B 93 -30.23 -33.61 30.44
CA SER B 93 -30.82 -32.29 30.68
C SER B 93 -31.04 -31.51 29.38
N GLY B 94 -32.20 -31.72 28.76
CA GLY B 94 -32.56 -31.00 27.53
C GLY B 94 -31.80 -31.46 26.31
N GLY B 95 -32.11 -30.85 25.17
CA GLY B 95 -31.48 -31.21 23.89
C GLY B 95 -30.13 -30.55 23.67
N LEU B 96 -29.18 -30.86 24.56
CA LEU B 96 -27.83 -30.28 24.50
C LEU B 96 -26.89 -31.13 23.65
N ARG B 97 -26.05 -30.47 22.88
CA ARG B 97 -25.10 -31.15 21.98
C ARG B 97 -23.78 -31.44 22.68
N VAL B 98 -23.22 -32.62 22.39
CA VAL B 98 -21.92 -33.02 22.93
C VAL B 98 -21.02 -33.68 21.89
N GLY B 99 -19.71 -33.55 22.12
CA GLY B 99 -18.72 -34.31 21.38
C GLY B 99 -17.98 -35.27 22.30
N ALA B 100 -17.29 -36.22 21.70
CA ALA B 100 -16.47 -37.16 22.44
C ALA B 100 -15.18 -37.46 21.69
N ALA B 101 -14.07 -37.55 22.42
CA ALA B 101 -12.78 -37.86 21.83
C ALA B 101 -12.49 -39.35 21.84
N ILE B 102 -11.82 -39.81 20.79
CA ILE B 102 -11.29 -41.18 20.72
C ILE B 102 -9.85 -41.18 20.19
N GLY B 103 -9.11 -42.23 20.53
CA GLY B 103 -7.77 -42.43 20.00
C GLY B 103 -7.77 -43.27 18.74
N VAL B 104 -6.58 -43.66 18.30
CA VAL B 104 -6.42 -44.53 17.13
C VAL B 104 -6.95 -45.94 17.40
N ASN B 105 -7.60 -46.52 16.39
CA ASN B 105 -8.15 -47.89 16.44
C ASN B 105 -9.13 -48.17 17.59
N GLU B 106 -9.77 -47.12 18.09
CA GLU B 106 -10.75 -47.23 19.17
C GLU B 106 -12.17 -47.27 18.60
N ILE B 107 -12.46 -48.35 17.89
CA ILE B 107 -13.73 -48.52 17.19
C ILE B 107 -14.87 -48.86 18.14
N GLU B 108 -14.56 -49.61 19.21
CA GLU B 108 -15.55 -49.99 20.20
C GLU B 108 -16.02 -48.80 21.02
N ARG B 109 -15.09 -47.92 21.38
CA ARG B 109 -15.41 -46.68 22.06
C ARG B 109 -16.26 -45.79 21.14
N ALA B 110 -15.88 -45.75 19.87
CA ALA B 110 -16.60 -44.99 18.86
C ALA B 110 -18.05 -45.47 18.71
N LYS B 111 -18.22 -46.79 18.60
CA LYS B 111 -19.55 -47.40 18.50
C LYS B 111 -20.44 -47.08 19.70
N LEU B 112 -19.88 -47.18 20.89
CA LEU B 112 -20.62 -46.97 22.13
C LEU B 112 -21.06 -45.52 22.33
N LEU B 113 -20.21 -44.58 21.90
CA LEU B 113 -20.51 -43.16 22.03
C LEU B 113 -21.55 -42.71 21.03
N VAL B 114 -21.47 -43.21 19.80
CA VAL B 114 -22.48 -42.96 18.77
C VAL B 114 -23.85 -43.44 19.24
N GLU B 115 -23.88 -44.63 19.85
CA GLU B 115 -25.11 -45.22 20.37
C GLU B 115 -25.57 -44.52 21.65
N ALA B 116 -24.65 -43.86 22.35
CA ALA B 116 -25.00 -43.02 23.49
C ALA B 116 -25.56 -41.67 23.02
N GLY B 117 -25.64 -41.52 21.70
CA GLY B 117 -26.25 -40.34 21.09
C GLY B 117 -25.35 -39.12 21.07
N VAL B 118 -24.07 -39.32 20.78
CA VAL B 118 -23.13 -38.21 20.67
C VAL B 118 -23.34 -37.48 19.33
N ASP B 119 -23.04 -36.19 19.30
CA ASP B 119 -23.27 -35.38 18.10
C ASP B 119 -22.07 -35.38 17.16
N VAL B 120 -20.88 -35.33 17.72
CA VAL B 120 -19.64 -35.48 16.97
C VAL B 120 -18.65 -36.39 17.68
N ILE B 121 -17.81 -37.08 16.90
CA ILE B 121 -16.67 -37.80 17.45
C ILE B 121 -15.39 -37.14 16.96
N VAL B 122 -14.51 -36.83 17.91
CA VAL B 122 -13.22 -36.23 17.60
C VAL B 122 -12.11 -37.29 17.61
N LEU B 123 -11.71 -37.71 16.42
CA LEU B 123 -10.57 -38.59 16.26
C LEU B 123 -9.30 -37.77 16.48
N ASP B 124 -8.72 -37.95 17.66
CA ASP B 124 -7.68 -37.05 18.17
C ASP B 124 -6.29 -37.70 18.20
N SER B 125 -5.32 -37.03 17.59
CA SER B 125 -3.93 -37.48 17.62
C SER B 125 -2.97 -36.30 17.74
N ALA B 126 -1.82 -36.56 18.36
CA ALA B 126 -0.72 -35.60 18.39
C ALA B 126 -0.26 -35.33 16.96
N HIS B 127 -0.18 -36.40 16.17
CA HIS B 127 0.14 -36.31 14.75
C HIS B 127 -1.01 -36.90 13.93
N GLY B 128 -1.89 -36.02 13.45
CA GLY B 128 -3.10 -36.42 12.75
C GLY B 128 -2.88 -37.00 11.37
N HIS B 129 -1.80 -36.60 10.72
CA HIS B 129 -1.50 -37.08 9.37
C HIS B 129 -0.70 -38.37 9.43
N SER B 130 -1.40 -39.45 9.80
CA SER B 130 -0.77 -40.76 9.97
C SER B 130 -1.64 -41.88 9.38
N LEU B 131 -1.02 -43.02 9.14
CA LEU B 131 -1.71 -44.19 8.59
C LEU B 131 -2.80 -44.71 9.53
N ASN B 132 -2.47 -44.78 10.82
CA ASN B 132 -3.40 -45.27 11.84
C ASN B 132 -4.68 -44.44 11.94
N ILE B 133 -4.52 -43.12 11.91
CA ILE B 133 -5.66 -42.18 11.94
C ILE B 133 -6.61 -42.39 10.76
N ILE B 134 -6.06 -42.39 9.55
CA ILE B 134 -6.86 -42.51 8.32
C ILE B 134 -7.64 -43.82 8.28
N ARG B 135 -6.99 -44.91 8.67
CA ARG B 135 -7.64 -46.22 8.71
C ARG B 135 -8.76 -46.27 9.76
N THR B 136 -8.55 -45.58 10.89
CA THR B 136 -9.59 -45.43 11.91
C THR B 136 -10.72 -44.54 11.39
N LEU B 137 -10.37 -43.54 10.61
CA LEU B 137 -11.35 -42.63 9.98
C LEU B 137 -12.25 -43.41 9.03
N LYS B 138 -11.63 -44.16 8.12
CA LYS B 138 -12.32 -44.96 7.11
C LYS B 138 -13.26 -45.99 7.75
N GLU B 139 -12.79 -46.64 8.81
CA GLU B 139 -13.62 -47.60 9.55
C GLU B 139 -14.92 -46.98 10.05
N ILE B 140 -14.82 -45.87 10.77
CA ILE B 140 -15.98 -45.19 11.35
C ILE B 140 -16.93 -44.62 10.29
N LYS B 141 -16.37 -44.06 9.22
CA LYS B 141 -17.17 -43.44 8.15
C LYS B 141 -17.92 -44.45 7.31
N SER B 142 -17.35 -45.65 7.15
CA SER B 142 -17.98 -46.71 6.39
C SER B 142 -19.05 -47.44 7.19
N LYS B 143 -18.91 -47.44 8.52
CA LYS B 143 -19.73 -48.29 9.37
C LYS B 143 -20.66 -47.56 10.34
N MET B 144 -20.43 -46.26 10.55
CA MET B 144 -21.25 -45.48 11.46
C MET B 144 -21.73 -44.18 10.82
N ASN B 145 -22.98 -43.83 11.08
CA ASN B 145 -23.52 -42.53 10.67
C ASN B 145 -23.25 -41.51 11.75
N ILE B 146 -22.23 -40.68 11.53
CA ILE B 146 -21.74 -39.74 12.54
C ILE B 146 -20.75 -38.75 11.92
N ASP B 147 -20.83 -37.49 12.33
CA ASP B 147 -19.84 -36.47 11.97
C ASP B 147 -18.55 -36.69 12.74
N VAL B 148 -17.42 -36.68 12.03
CA VAL B 148 -16.12 -36.89 12.65
C VAL B 148 -15.17 -35.72 12.41
N ILE B 149 -14.74 -35.08 13.51
CA ILE B 149 -13.66 -34.09 13.47
C ILE B 149 -12.34 -34.84 13.62
N VAL B 150 -11.40 -34.58 12.72
CA VAL B 150 -10.10 -35.23 12.76
C VAL B 150 -8.98 -34.22 12.99
N GLY B 151 -8.06 -34.58 13.89
CA GLY B 151 -6.87 -33.77 14.15
C GLY B 151 -5.74 -34.59 14.76
N ASN B 152 -4.60 -33.95 15.02
CA ASN B 152 -4.38 -32.54 14.72
C ASN B 152 -3.39 -32.38 13.57
N VAL B 153 -3.64 -31.41 12.70
CA VAL B 153 -2.83 -31.21 11.51
C VAL B 153 -2.38 -29.76 11.34
N VAL B 154 -1.36 -29.54 10.51
CA VAL B 154 -0.82 -28.20 10.26
C VAL B 154 -0.49 -27.94 8.78
N THR B 155 -0.71 -28.96 7.94
CA THR B 155 -0.36 -28.87 6.52
C THR B 155 -1.56 -28.98 5.58
N GLU B 156 -1.39 -28.47 4.38
CA GLU B 156 -2.42 -28.55 3.34
C GLU B 156 -2.54 -29.97 2.77
N GLU B 157 -1.43 -30.71 2.77
CA GLU B 157 -1.44 -32.11 2.35
C GLU B 157 -2.25 -32.98 3.30
N ALA B 158 -2.14 -32.70 4.59
CA ALA B 158 -2.85 -33.43 5.63
C ALA B 158 -4.36 -33.23 5.52
N THR B 159 -4.79 -31.97 5.42
CA THR B 159 -6.21 -31.63 5.35
C THR B 159 -6.89 -32.25 4.14
N LYS B 160 -6.22 -32.16 2.98
CA LYS B 160 -6.76 -32.72 1.74
C LYS B 160 -6.97 -34.23 1.86
N GLU B 161 -5.98 -34.93 2.43
CA GLU B 161 -6.04 -36.37 2.58
C GLU B 161 -7.10 -36.83 3.58
N LEU B 162 -7.30 -36.04 4.64
CA LEU B 162 -8.33 -36.34 5.64
C LEU B 162 -9.74 -36.11 5.09
N ILE B 163 -9.92 -34.99 4.40
CA ILE B 163 -11.20 -34.64 3.74
C ILE B 163 -11.63 -35.73 2.75
N GLU B 164 -10.70 -36.17 1.92
CA GLU B 164 -10.97 -37.20 0.90
C GLU B 164 -11.35 -38.56 1.50
N ASN B 165 -10.88 -38.82 2.71
CA ASN B 165 -11.21 -40.06 3.42
C ASN B 165 -12.39 -39.91 4.38
N GLY B 166 -13.08 -38.77 4.31
CA GLY B 166 -14.35 -38.57 5.01
C GLY B 166 -14.37 -37.69 6.24
N ALA B 167 -13.41 -36.77 6.37
CA ALA B 167 -13.39 -35.85 7.51
C ALA B 167 -14.46 -34.75 7.37
N ASP B 168 -15.33 -34.66 8.38
CA ASP B 168 -16.40 -33.67 8.39
C ASP B 168 -15.93 -32.37 9.01
N GLY B 169 -14.74 -32.40 9.61
CA GLY B 169 -14.11 -31.25 10.22
C GLY B 169 -12.64 -31.52 10.44
N ILE B 170 -11.82 -30.48 10.32
CA ILE B 170 -10.38 -30.61 10.54
C ILE B 170 -9.92 -29.76 11.72
N LYS B 171 -9.31 -30.42 12.71
CA LYS B 171 -8.76 -29.73 13.87
C LYS B 171 -7.29 -29.41 13.65
N VAL B 172 -6.94 -28.13 13.74
CA VAL B 172 -5.60 -27.64 13.40
C VAL B 172 -4.85 -27.20 14.65
N GLY B 173 -3.64 -27.74 14.82
CA GLY B 173 -2.78 -27.34 15.92
C GLY B 173 -1.77 -28.38 16.38
N ILE B 174 -0.52 -28.22 15.95
CA ILE B 174 0.61 -28.95 16.50
C ILE B 174 1.69 -27.94 16.91
N GLY B 175 1.87 -27.76 18.21
CA GLY B 175 2.80 -26.76 18.73
C GLY B 175 2.21 -25.74 19.70
N PRO B 176 1.01 -25.21 19.40
CA PRO B 176 0.46 -24.19 20.30
C PRO B 176 -0.20 -24.82 21.53
N GLY B 177 -0.59 -24.00 22.50
CA GLY B 177 -1.19 -24.50 23.72
C GLY B 177 -0.26 -24.33 24.89
N SER B 178 -0.75 -23.66 25.93
CA SER B 178 0.04 -23.33 27.12
C SER B 178 0.81 -24.52 27.71
N ILE B 179 0.18 -25.69 27.73
CA ILE B 179 0.79 -26.89 28.31
C ILE B 179 1.62 -27.71 27.33
N CYS B 180 1.61 -27.30 26.06
CA CYS B 180 2.31 -28.03 25.01
C CYS B 180 3.83 -27.84 25.09
N THR B 181 4.56 -28.94 24.94
CA THR B 181 6.03 -28.90 24.84
C THR B 181 6.54 -29.69 23.63
N THR B 182 5.65 -29.94 22.67
CA THR B 182 5.99 -30.67 21.44
C THR B 182 7.16 -30.02 20.72
N ARG B 183 7.14 -28.68 20.65
CA ARG B 183 8.18 -27.94 19.92
C ARG B 183 9.51 -27.88 20.68
N ILE B 184 9.46 -28.17 21.98
CA ILE B 184 10.66 -28.21 22.80
C ILE B 184 11.28 -29.61 22.80
N VAL B 185 10.45 -30.63 23.03
CA VAL B 185 10.93 -32.01 23.13
C VAL B 185 11.16 -32.70 21.78
N ALA B 186 10.43 -32.30 20.76
CA ALA B 186 10.54 -32.91 19.43
C ALA B 186 11.00 -31.93 18.35
N GLY B 187 10.96 -30.64 18.65
CA GLY B 187 11.36 -29.61 17.69
C GLY B 187 10.42 -29.51 16.51
N VAL B 188 9.16 -29.87 16.75
CA VAL B 188 8.15 -29.99 15.72
C VAL B 188 7.01 -28.99 15.97
N GLY B 189 6.54 -28.37 14.90
CA GLY B 189 5.40 -27.47 14.99
C GLY B 189 5.33 -26.46 13.88
N VAL B 190 4.13 -25.92 13.67
CA VAL B 190 3.92 -24.78 12.80
C VAL B 190 3.11 -23.77 13.61
N PRO B 191 3.58 -22.49 13.63
CA PRO B 191 2.85 -21.46 14.37
C PRO B 191 1.40 -21.34 13.92
N GLN B 192 0.52 -21.06 14.88
CA GLN B 192 -0.93 -21.28 14.71
C GLN B 192 -1.61 -20.53 13.56
N ILE B 193 -1.26 -19.27 13.35
CA ILE B 193 -1.87 -18.50 12.26
C ILE B 193 -1.54 -19.11 10.90
N THR B 194 -0.25 -19.36 10.66
CA THR B 194 0.21 -19.97 9.42
C THR B 194 -0.43 -21.35 9.22
N ALA B 195 -0.51 -22.10 10.31
CA ALA B 195 -1.15 -23.42 10.31
C ALA B 195 -2.59 -23.35 9.79
N ILE B 196 -3.41 -22.47 10.38
CA ILE B 196 -4.79 -22.29 9.95
C ILE B 196 -4.86 -21.81 8.50
N GLU B 197 -4.06 -20.79 8.18
CA GLU B 197 -4.00 -20.24 6.81
C GLU B 197 -3.84 -21.31 5.74
N LYS B 198 -2.83 -22.16 5.89
CA LYS B 198 -2.52 -23.22 4.92
C LYS B 198 -3.62 -24.29 4.83
N CYS B 199 -4.12 -24.70 5.99
CA CYS B 199 -5.17 -25.71 6.09
C CYS B 199 -6.53 -25.19 5.62
N SER B 200 -6.77 -23.90 5.82
CA SER B 200 -8.02 -23.25 5.44
C SER B 200 -8.16 -23.13 3.91
N SER B 201 -7.04 -22.96 3.23
CA SER B 201 -7.02 -22.82 1.76
C SER B 201 -7.51 -24.09 1.07
N VAL B 202 -7.26 -25.24 1.69
CA VAL B 202 -7.75 -26.52 1.20
C VAL B 202 -9.18 -26.77 1.66
N ALA B 203 -9.43 -26.63 2.96
CA ALA B 203 -10.70 -26.99 3.58
C ALA B 203 -11.91 -26.18 3.09
N SER B 204 -11.69 -24.91 2.76
CA SER B 204 -12.77 -24.04 2.28
C SER B 204 -13.29 -24.44 0.89
N LYS B 205 -12.43 -25.05 0.08
CA LYS B 205 -12.80 -25.57 -1.23
C LYS B 205 -13.86 -26.67 -1.13
N PHE B 206 -13.79 -27.45 -0.05
CA PHE B 206 -14.68 -28.58 0.17
C PHE B 206 -15.81 -28.26 1.15
N GLY B 207 -15.83 -27.03 1.64
CA GLY B 207 -16.83 -26.58 2.62
C GLY B 207 -16.71 -27.28 3.96
N ILE B 208 -15.51 -27.71 4.30
CA ILE B 208 -15.24 -28.40 5.56
C ILE B 208 -14.64 -27.42 6.57
N PRO B 209 -15.34 -27.22 7.72
CA PRO B 209 -14.91 -26.29 8.76
C PRO B 209 -13.57 -26.63 9.43
N ILE B 210 -12.81 -25.58 9.79
CA ILE B 210 -11.54 -25.72 10.49
C ILE B 210 -11.71 -25.38 11.98
N ILE B 211 -11.33 -26.30 12.84
CA ILE B 211 -11.29 -26.04 14.27
C ILE B 211 -9.86 -25.65 14.63
N ALA B 212 -9.69 -24.45 15.16
CA ALA B 212 -8.39 -23.98 15.61
C ALA B 212 -8.18 -24.38 17.07
N ASP B 213 -7.22 -25.26 17.31
CA ASP B 213 -7.02 -25.85 18.63
C ASP B 213 -5.70 -25.46 19.28
N GLY B 214 -5.78 -24.89 20.48
CA GLY B 214 -4.60 -24.53 21.26
C GLY B 214 -3.95 -23.21 20.89
N GLY B 215 -3.45 -22.49 21.89
CA GLY B 215 -2.70 -21.26 21.67
C GLY B 215 -3.44 -19.97 22.01
N ILE B 216 -4.71 -20.10 22.42
CA ILE B 216 -5.51 -18.94 22.78
C ILE B 216 -5.21 -18.51 24.21
N ARG B 217 -4.74 -17.28 24.36
CA ARG B 217 -4.47 -16.71 25.68
C ARG B 217 -5.43 -15.58 26.02
N TYR B 218 -5.95 -14.91 24.98
CA TYR B 218 -6.86 -13.77 25.14
C TYR B 218 -8.02 -13.82 24.16
N SER B 219 -9.08 -13.05 24.45
CA SER B 219 -10.26 -12.97 23.59
C SER B 219 -9.96 -12.48 22.17
N GLY B 220 -8.90 -11.70 22.03
CA GLY B 220 -8.47 -11.19 20.73
C GLY B 220 -7.89 -12.27 19.82
N ASP B 221 -7.44 -13.37 20.42
CA ASP B 221 -6.85 -14.49 19.68
C ASP B 221 -7.91 -15.28 18.94
N ILE B 222 -9.10 -15.38 19.56
CA ILE B 222 -10.25 -16.05 18.96
C ILE B 222 -10.62 -15.36 17.65
N GLY B 223 -10.68 -14.03 17.68
CA GLY B 223 -10.95 -13.22 16.49
C GLY B 223 -9.94 -13.45 15.39
N LYS B 224 -8.66 -13.52 15.79
CA LYS B 224 -7.55 -13.74 14.86
C LYS B 224 -7.64 -15.09 14.17
N ALA B 225 -7.89 -16.14 14.96
CA ALA B 225 -8.01 -17.50 14.44
C ALA B 225 -9.14 -17.59 13.42
N LEU B 226 -10.31 -17.06 13.79
CA LEU B 226 -11.48 -17.09 12.92
C LEU B 226 -11.30 -16.25 11.66
N ALA B 227 -10.75 -15.04 11.82
CA ALA B 227 -10.55 -14.11 10.71
C ALA B 227 -9.66 -14.69 9.61
N VAL B 228 -8.71 -15.52 10.03
CA VAL B 228 -7.72 -16.11 9.13
C VAL B 228 -8.21 -17.37 8.40
N GLY B 229 -9.36 -17.89 8.79
CA GLY B 229 -10.01 -18.97 8.05
C GLY B 229 -10.69 -20.07 8.86
N ALA B 230 -10.57 -20.02 10.17
CA ALA B 230 -11.16 -21.04 11.04
C ALA B 230 -12.64 -20.81 11.26
N SER B 231 -13.38 -21.90 11.54
CA SER B 231 -14.80 -21.81 11.83
C SER B 231 -15.07 -21.75 13.33
N SER B 232 -14.24 -22.44 14.10
CA SER B 232 -14.37 -22.44 15.56
C SER B 232 -13.03 -22.59 16.27
N VAL B 233 -13.04 -22.32 17.57
CA VAL B 233 -11.83 -22.32 18.38
C VAL B 233 -11.99 -23.28 19.55
N MET B 234 -11.00 -24.15 19.74
CA MET B 234 -10.97 -25.04 20.89
C MET B 234 -10.06 -24.47 21.98
N ILE B 235 -10.63 -24.26 23.16
CA ILE B 235 -9.88 -23.70 24.29
C ILE B 235 -9.84 -24.64 25.50
N GLY B 236 -8.73 -24.57 26.24
CA GLY B 236 -8.51 -25.43 27.40
C GLY B 236 -8.04 -24.70 28.64
N SER B 237 -6.97 -23.90 28.50
CA SER B 237 -6.35 -23.20 29.63
C SER B 237 -7.25 -22.15 30.27
N ILE B 238 -8.03 -21.48 29.44
CA ILE B 238 -8.93 -20.41 29.89
C ILE B 238 -10.09 -20.95 30.73
N LEU B 239 -10.53 -22.18 30.43
CA LEU B 239 -11.64 -22.79 31.16
C LEU B 239 -11.16 -23.74 32.27
N ALA B 240 -9.84 -23.93 32.35
CA ALA B 240 -9.24 -24.89 33.26
C ALA B 240 -9.51 -24.60 34.74
N GLY B 241 -9.42 -23.33 35.11
CA GLY B 241 -9.60 -22.93 36.50
C GLY B 241 -11.03 -22.70 36.96
N THR B 242 -11.98 -22.81 36.02
CA THR B 242 -13.39 -22.53 36.31
C THR B 242 -14.05 -23.59 37.19
N GLU B 243 -15.20 -23.24 37.75
CA GLU B 243 -15.95 -24.13 38.65
C GLU B 243 -16.41 -25.42 37.95
N GLU B 244 -16.81 -25.28 36.69
CA GLU B 244 -17.40 -26.39 35.92
C GLU B 244 -16.38 -27.41 35.41
N SER B 245 -15.09 -27.07 35.49
CA SER B 245 -14.03 -27.99 35.10
C SER B 245 -13.82 -29.05 36.18
N PRO B 246 -13.44 -30.28 35.78
CA PRO B 246 -13.23 -31.37 36.75
C PRO B 246 -12.06 -31.11 37.70
N GLY B 247 -11.97 -31.91 38.75
CA GLY B 247 -10.94 -31.74 39.77
C GLY B 247 -11.41 -30.85 40.90
N GLU B 248 -10.93 -31.13 42.10
CA GLU B 248 -11.33 -30.37 43.29
C GLU B 248 -10.55 -29.07 43.42
N LYS B 249 -11.07 -28.18 44.26
CA LYS B 249 -10.44 -26.88 44.53
C LYS B 249 -9.51 -26.95 45.74
N GLU B 250 -8.45 -26.15 45.70
CA GLU B 250 -7.47 -26.09 46.79
C GLU B 250 -7.11 -24.65 47.10
N LEU B 251 -7.13 -24.29 48.37
CA LEU B 251 -6.73 -22.96 48.82
C LEU B 251 -5.31 -23.01 49.38
N ILE B 252 -4.38 -22.33 48.69
CA ILE B 252 -3.03 -22.15 49.23
C ILE B 252 -2.72 -20.66 49.40
N GLY B 253 -2.58 -20.23 50.65
CA GLY B 253 -2.37 -18.83 50.99
C GLY B 253 -3.65 -18.03 50.87
N ASP B 254 -3.61 -17.03 49.98
CA ASP B 254 -4.74 -16.12 49.80
C ASP B 254 -5.71 -16.57 48.69
N THR B 255 -5.16 -17.07 47.59
CA THR B 255 -5.95 -17.41 46.40
C THR B 255 -6.19 -18.91 46.22
N VAL B 256 -7.35 -19.24 45.66
CA VAL B 256 -7.74 -20.63 45.40
C VAL B 256 -7.17 -21.10 44.05
N TYR B 257 -6.62 -22.30 44.03
CA TYR B 257 -6.01 -22.87 42.84
C TYR B 257 -6.74 -24.12 42.34
N LYS B 258 -6.67 -24.33 41.03
CA LYS B 258 -7.21 -25.52 40.39
C LYS B 258 -6.18 -26.09 39.44
N TYR B 259 -6.19 -27.42 39.28
CA TYR B 259 -5.12 -28.11 38.55
C TYR B 259 -5.34 -28.13 37.04
N TYR B 260 -4.30 -27.73 36.30
CA TYR B 260 -4.30 -27.83 34.84
C TYR B 260 -3.15 -28.70 34.34
N ARG B 261 -3.49 -29.69 33.52
CA ARG B 261 -2.56 -30.74 33.11
C ARG B 261 -2.72 -31.06 31.63
N GLY B 262 -1.60 -31.19 30.93
CA GLY B 262 -1.60 -31.66 29.54
C GLY B 262 -1.88 -33.15 29.47
N MET B 263 -2.37 -33.62 28.32
CA MET B 263 -2.68 -35.04 28.15
C MET B 263 -1.43 -35.88 27.93
N GLY B 264 -0.40 -35.28 27.34
CA GLY B 264 0.90 -35.92 27.18
C GLY B 264 1.84 -35.64 28.36
N SER B 265 1.25 -35.29 29.49
CA SER B 265 2.00 -35.02 30.72
C SER B 265 2.27 -36.32 31.47
N VAL B 266 3.28 -36.30 32.33
CA VAL B 266 3.68 -37.46 33.15
C VAL B 266 2.51 -37.98 33.99
N GLY B 267 1.79 -37.06 34.62
CA GLY B 267 0.65 -37.40 35.47
C GLY B 267 -0.53 -37.97 34.70
N ALA B 268 -0.82 -37.39 33.54
CA ALA B 268 -1.94 -37.82 32.70
C ALA B 268 -1.72 -39.20 32.07
N MET B 269 -0.47 -39.53 31.79
CA MET B 269 -0.12 -40.82 31.19
C MET B 269 -0.17 -41.96 32.22
N LYS B 270 0.01 -41.62 33.49
CA LYS B 270 -0.04 -42.60 34.57
C LYS B 270 -1.46 -43.12 34.82
N MET B 287 5.88 -43.61 26.09
CA MET B 287 5.94 -42.39 25.31
C MET B 287 6.61 -41.26 26.10
N VAL B 288 7.46 -40.49 25.42
CA VAL B 288 8.14 -39.34 26.02
C VAL B 288 7.14 -38.20 26.32
N PRO B 289 7.19 -37.63 27.54
CA PRO B 289 6.30 -36.53 27.93
C PRO B 289 6.33 -35.35 26.96
N GLU B 290 5.15 -34.89 26.54
CA GLU B 290 5.02 -33.75 25.62
C GLU B 290 4.14 -32.62 26.19
N GLY B 291 3.91 -32.66 27.50
CA GLY B 291 3.12 -31.65 28.17
C GLY B 291 3.57 -31.36 29.59
N ILE B 292 3.45 -30.10 30.00
CA ILE B 292 3.77 -29.71 31.37
C ILE B 292 2.56 -29.80 32.30
N GLU B 293 2.81 -29.64 33.60
CA GLU B 293 1.80 -29.82 34.62
C GLU B 293 1.91 -28.70 35.65
N GLY B 294 0.77 -28.21 36.13
CA GLY B 294 0.78 -27.15 37.14
C GLY B 294 -0.57 -26.66 37.62
N ARG B 295 -0.54 -25.84 38.67
CA ARG B 295 -1.75 -25.23 39.23
C ARG B 295 -2.05 -23.88 38.57
N VAL B 296 -3.32 -23.60 38.39
CA VAL B 296 -3.78 -22.31 37.87
C VAL B 296 -4.86 -21.73 38.80
N LYS B 297 -4.92 -20.41 38.88
CA LYS B 297 -5.86 -19.72 39.76
C LYS B 297 -7.32 -20.02 39.41
N TYR B 298 -8.17 -20.05 40.43
CA TYR B 298 -9.61 -20.26 40.26
C TYR B 298 -10.23 -19.04 39.59
N LYS B 299 -11.05 -19.27 38.58
CA LYS B 299 -11.56 -18.20 37.72
C LYS B 299 -13.07 -17.94 37.86
N GLY B 300 -13.69 -18.60 38.84
CA GLY B 300 -15.13 -18.43 39.07
C GLY B 300 -15.97 -19.27 38.13
N GLU B 301 -17.19 -18.83 37.87
CA GLU B 301 -18.09 -19.51 36.93
C GLU B 301 -17.62 -19.32 35.49
N MET B 302 -17.70 -20.39 34.70
CA MET B 302 -17.25 -20.35 33.30
C MET B 302 -18.08 -19.44 32.41
N GLU B 303 -19.34 -19.20 32.80
CA GLU B 303 -20.22 -18.32 32.04
C GLU B 303 -19.77 -16.85 32.09
N GLY B 304 -19.17 -16.46 33.21
CA GLY B 304 -18.55 -15.14 33.35
C GLY B 304 -17.30 -15.01 32.50
N VAL B 305 -16.58 -16.12 32.35
CA VAL B 305 -15.37 -16.17 31.52
C VAL B 305 -15.74 -16.12 30.04
N VAL B 306 -16.67 -17.00 29.64
CA VAL B 306 -17.12 -17.08 28.24
C VAL B 306 -17.75 -15.78 27.76
N TYR B 307 -18.44 -15.07 28.67
CA TYR B 307 -19.03 -13.76 28.38
C TYR B 307 -17.96 -12.78 27.90
N GLN B 308 -16.85 -12.71 28.65
CA GLN B 308 -15.73 -11.84 28.31
C GLN B 308 -15.15 -12.18 26.94
N LEU B 309 -14.94 -13.47 26.69
CA LEU B 309 -14.38 -13.94 25.42
C LEU B 309 -15.29 -13.61 24.25
N VAL B 310 -16.59 -13.87 24.43
CA VAL B 310 -17.60 -13.57 23.41
C VAL B 310 -17.69 -12.07 23.17
N GLY B 311 -17.65 -11.28 24.24
CA GLY B 311 -17.64 -9.82 24.15
C GLY B 311 -16.47 -9.30 23.33
N GLY B 312 -15.28 -9.84 23.60
CA GLY B 312 -14.07 -9.50 22.86
C GLY B 312 -14.16 -9.83 21.37
N LEU B 313 -14.85 -10.94 21.07
CA LEU B 313 -15.05 -11.37 19.68
C LEU B 313 -16.01 -10.44 18.97
N ARG B 314 -17.09 -10.06 19.67
CA ARG B 314 -18.08 -9.12 19.14
CA ARG B 314 -18.08 -9.12 19.14
C ARG B 314 -17.43 -7.77 18.86
N SER B 315 -16.62 -7.31 19.81
CA SER B 315 -15.85 -6.09 19.67
C SER B 315 -14.91 -6.17 18.47
N CYS B 316 -14.19 -7.28 18.37
CA CYS B 316 -13.27 -7.55 17.26
C CYS B 316 -13.97 -7.45 15.90
N MET B 317 -15.13 -8.09 15.79
CA MET B 317 -15.89 -8.11 14.55
C MET B 317 -16.56 -6.76 14.28
N GLY B 318 -16.74 -5.98 15.35
CA GLY B 318 -17.17 -4.59 15.22
C GLY B 318 -16.12 -3.74 14.52
N TYR B 319 -14.87 -3.88 14.97
CA TYR B 319 -13.73 -3.20 14.35
C TYR B 319 -13.56 -3.52 12.87
N LEU B 320 -13.72 -4.80 12.52
CA LEU B 320 -13.57 -5.24 11.13
C LEU B 320 -14.85 -5.07 10.31
N GLY B 321 -15.93 -4.66 10.97
CA GLY B 321 -17.21 -4.40 10.31
C GLY B 321 -17.80 -5.65 9.68
N SER B 322 -17.86 -6.73 10.46
CA SER B 322 -18.35 -8.01 9.98
C SER B 322 -19.49 -8.53 10.84
N ALA B 323 -20.66 -8.70 10.23
CA ALA B 323 -21.86 -9.14 10.94
C ALA B 323 -21.89 -10.65 11.17
N SER B 324 -21.07 -11.36 10.41
CA SER B 324 -20.98 -12.82 10.50
C SER B 324 -19.54 -13.28 10.28
N ILE B 325 -19.26 -14.54 10.64
CA ILE B 325 -17.93 -15.12 10.45
C ILE B 325 -17.64 -15.34 8.97
N GLU B 326 -18.69 -15.57 8.19
CA GLU B 326 -18.57 -15.67 6.73
C GLU B 326 -18.10 -14.32 6.17
N GLU B 327 -18.72 -13.24 6.66
CA GLU B 327 -18.31 -11.88 6.30
C GLU B 327 -16.90 -11.57 6.79
N LEU B 328 -16.59 -12.01 8.01
CA LEU B 328 -15.26 -11.86 8.59
C LEU B 328 -14.17 -12.42 7.67
N TRP B 329 -14.35 -13.66 7.21
CA TRP B 329 -13.43 -14.29 6.26
C TRP B 329 -13.22 -13.47 5.00
N LYS B 330 -14.27 -12.77 4.57
CA LYS B 330 -14.28 -12.08 3.28
C LYS B 330 -13.48 -10.77 3.30
N LYS B 331 -13.50 -10.08 4.44
CA LYS B 331 -12.89 -8.75 4.52
C LYS B 331 -11.76 -8.62 5.56
N SER B 332 -11.23 -9.77 5.98
CA SER B 332 -10.13 -9.81 6.94
C SER B 332 -8.79 -9.43 6.32
N SER B 333 -7.98 -8.73 7.10
CA SER B 333 -6.59 -8.46 6.79
C SER B 333 -5.84 -8.23 8.10
N TYR B 334 -4.54 -8.49 8.08
CA TYR B 334 -3.70 -8.29 9.27
C TYR B 334 -2.32 -7.71 8.94
N VAL B 335 -1.70 -7.13 9.97
CA VAL B 335 -0.31 -6.66 9.88
C VAL B 335 0.58 -7.48 10.79
N GLU B 336 1.83 -7.67 10.38
CA GLU B 336 2.85 -8.27 11.24
C GLU B 336 3.38 -7.22 12.20
N ILE B 337 3.65 -7.64 13.43
CA ILE B 337 4.24 -6.75 14.43
C ILE B 337 5.54 -7.34 14.98
N THR B 338 6.45 -6.46 15.41
CA THR B 338 7.70 -6.89 16.04
C THR B 338 7.44 -7.21 17.52
N THR B 339 8.45 -7.80 18.18
CA THR B 339 8.32 -8.35 19.54
C THR B 339 7.52 -7.47 20.50
N THR C 6 -2.03 -14.23 0.78
CA THR C 6 -2.70 -14.26 2.11
C THR C 6 -3.25 -12.89 2.51
N LYS C 7 -3.64 -12.75 3.78
CA LYS C 7 -4.24 -11.52 4.29
C LYS C 7 -3.20 -10.59 4.93
N ASN C 8 -1.92 -10.97 4.81
CA ASN C 8 -0.81 -10.16 5.30
C ASN C 8 -0.58 -8.95 4.41
N ILE C 9 -0.92 -7.76 4.91
CA ILE C 9 -0.75 -6.52 4.12
C ILE C 9 0.63 -5.90 4.29
N GLY C 10 1.46 -6.50 5.13
CA GLY C 10 2.85 -6.05 5.31
C GLY C 10 3.30 -6.02 6.75
N LYS C 11 4.50 -5.47 6.95
CA LYS C 11 5.10 -5.36 8.28
C LYS C 11 4.75 -4.02 8.90
N GLY C 12 4.26 -4.06 10.13
CA GLY C 12 3.86 -2.85 10.85
C GLY C 12 4.95 -2.40 11.81
N LEU C 13 5.36 -1.15 11.66
CA LEU C 13 6.46 -0.59 12.45
C LEU C 13 5.96 0.34 13.55
N THR C 14 6.52 0.16 14.74
CA THR C 14 6.23 1.05 15.87
C THR C 14 7.38 2.05 16.06
N PHE C 15 7.26 2.93 17.06
CA PHE C 15 8.29 3.93 17.36
C PHE C 15 9.64 3.29 17.69
N GLU C 16 9.60 2.21 18.45
CA GLU C 16 10.80 1.51 18.91
C GLU C 16 11.47 0.73 17.78
N ASP C 17 10.76 0.58 16.65
CA ASP C 17 11.27 -0.18 15.50
C ASP C 17 12.17 0.64 14.58
N ILE C 18 12.07 1.97 14.67
CA ILE C 18 12.76 2.83 13.70
C ILE C 18 13.67 3.88 14.35
N LEU C 19 14.63 4.37 13.57
CA LEU C 19 15.42 5.54 13.93
C LEU C 19 15.51 6.48 12.74
N LEU C 20 15.51 7.78 13.02
CA LEU C 20 15.62 8.78 11.97
C LEU C 20 17.06 8.99 11.52
N VAL C 21 17.27 9.02 10.21
CA VAL C 21 18.60 9.20 9.64
C VAL C 21 18.91 10.70 9.50
N PRO C 22 20.05 11.13 10.05
CA PRO C 22 20.50 12.53 9.93
C PRO C 22 20.72 12.98 8.49
N ASN C 23 20.39 14.25 8.23
CA ASN C 23 20.62 14.87 6.93
C ASN C 23 21.63 16.00 7.07
N TYR C 24 22.06 16.56 5.95
CA TYR C 24 22.86 17.79 5.97
C TYR C 24 22.07 18.90 6.65
N SER C 25 22.72 19.66 7.52
CA SER C 25 22.03 20.66 8.33
C SER C 25 22.68 22.04 8.32
N GLU C 26 21.85 23.06 8.10
CA GLU C 26 22.27 24.46 8.19
C GLU C 26 21.62 25.13 9.40
N VAL C 27 20.79 24.37 10.13
CA VAL C 27 20.00 24.93 11.22
C VAL C 27 20.34 24.32 12.59
N LEU C 28 20.52 25.21 13.57
CA LEU C 28 20.72 24.81 14.95
C LEU C 28 19.36 24.55 15.59
N PRO C 29 19.27 23.54 16.49
CA PRO C 29 18.04 23.22 17.22
C PRO C 29 17.30 24.43 17.80
N ARG C 30 18.05 25.44 18.24
CA ARG C 30 17.45 26.62 18.86
C ARG C 30 16.75 27.53 17.84
N GLU C 31 17.09 27.36 16.56
CA GLU C 31 16.59 28.23 15.49
C GLU C 31 15.38 27.70 14.72
N VAL C 32 15.09 26.42 14.87
CA VAL C 32 13.99 25.77 14.12
C VAL C 32 12.61 26.22 14.57
N SER C 33 11.69 26.31 13.62
CA SER C 33 10.29 26.67 13.91
C SER C 33 9.47 25.41 14.18
N LEU C 34 8.62 25.49 15.20
CA LEU C 34 7.80 24.36 15.61
C LEU C 34 6.32 24.60 15.34
N GLU C 35 6.01 25.71 14.68
CA GLU C 35 4.64 26.08 14.38
C GLU C 35 3.99 25.11 13.40
N THR C 36 2.79 24.66 13.74
CA THR C 36 2.08 23.65 12.96
C THR C 36 0.58 23.96 12.90
N LYS C 37 -0.12 23.27 12.01
CA LYS C 37 -1.58 23.36 11.96
C LYS C 37 -2.22 22.21 12.76
N LEU C 38 -3.07 22.57 13.71
CA LEU C 38 -3.85 21.58 14.46
C LEU C 38 -5.00 21.06 13.61
N THR C 39 -5.75 21.99 13.02
CA THR C 39 -6.81 21.65 12.07
C THR C 39 -6.58 22.44 10.78
N LYS C 40 -7.51 22.27 9.84
CA LYS C 40 -7.50 22.98 8.56
C LYS C 40 -7.25 24.48 8.71
N ASN C 41 -7.78 25.07 9.78
CA ASN C 41 -7.65 26.50 10.03
C ASN C 41 -7.51 26.92 11.50
N VAL C 42 -6.94 26.04 12.31
CA VAL C 42 -6.48 26.37 13.66
C VAL C 42 -5.05 25.90 13.79
N SER C 43 -4.14 26.82 14.13
CA SER C 43 -2.73 26.51 14.19
C SER C 43 -2.13 26.72 15.58
N LEU C 44 -1.08 25.96 15.87
CA LEU C 44 -0.41 26.01 17.17
C LEU C 44 1.04 26.41 16.99
N LYS C 45 1.67 26.86 18.08
CA LYS C 45 3.07 27.27 18.05
C LYS C 45 4.03 26.11 18.38
N ILE C 46 3.55 25.14 19.14
CA ILE C 46 4.24 23.86 19.31
C ILE C 46 3.29 22.69 19.00
N PRO C 47 3.83 21.56 18.48
CA PRO C 47 2.96 20.48 18.01
C PRO C 47 2.54 19.48 19.09
N LEU C 48 2.21 19.98 20.28
CA LEU C 48 1.83 19.12 21.40
C LEU C 48 0.38 19.34 21.85
N ILE C 49 -0.32 18.22 22.05
CA ILE C 49 -1.70 18.22 22.52
C ILE C 49 -1.84 17.27 23.71
N SER C 50 -2.51 17.73 24.77
CA SER C 50 -2.77 16.86 25.92
C SER C 50 -4.06 16.06 25.72
N SER C 51 -3.99 14.78 26.04
CA SER C 51 -5.08 13.82 25.78
C SER C 51 -6.39 14.16 26.48
N ALA C 52 -7.50 13.86 25.81
CA ALA C 52 -8.82 14.06 26.38
C ALA C 52 -9.18 12.89 27.31
N MET C 53 -8.49 12.83 28.45
CA MET C 53 -8.66 11.73 29.39
C MET C 53 -9.02 12.22 30.78
N ASP C 54 -9.86 11.43 31.45
CA ASP C 54 -10.32 11.67 32.81
C ASP C 54 -9.18 12.06 33.77
N THR C 55 -7.96 11.71 33.38
CA THR C 55 -6.81 11.72 34.28
C THR C 55 -5.66 12.62 33.82
N VAL C 56 -5.87 13.38 32.74
CA VAL C 56 -4.82 14.27 32.22
C VAL C 56 -5.26 15.72 31.95
N THR C 57 -6.41 15.91 31.29
CA THR C 57 -6.79 17.28 30.88
C THR C 57 -8.10 17.81 31.45
N GLU C 58 -7.97 18.78 32.34
CA GLU C 58 -9.06 19.69 32.70
C GLU C 58 -8.56 21.13 32.50
N HIS C 59 -9.17 22.11 33.16
CA HIS C 59 -8.85 23.51 32.87
C HIS C 59 -7.39 23.89 33.14
N LEU C 60 -6.83 23.44 34.26
CA LEU C 60 -5.43 23.72 34.59
C LEU C 60 -4.44 23.23 33.53
N MET C 61 -4.64 22.00 33.08
CA MET C 61 -3.79 21.40 32.05
C MET C 61 -3.93 22.14 30.71
N ALA C 62 -5.16 22.51 30.37
CA ALA C 62 -5.46 23.19 29.12
C ALA C 62 -4.86 24.60 29.08
N VAL C 63 -4.75 25.21 30.26
CA VAL C 63 -4.12 26.54 30.39
C VAL C 63 -2.61 26.44 30.21
N GLY C 64 -1.98 25.53 30.95
CA GLY C 64 -0.54 25.28 30.83
C GLY C 64 -0.12 24.94 29.40
N MET C 65 -0.85 24.02 28.78
CA MET C 65 -0.59 23.64 27.39
C MET C 65 -0.70 24.82 26.44
N ALA C 66 -1.70 25.67 26.66
CA ALA C 66 -1.98 26.82 25.81
C ALA C 66 -0.92 27.92 25.94
N ARG C 67 -0.39 28.09 27.15
CA ARG C 67 0.63 29.08 27.42
C ARG C 67 2.03 28.66 26.94
N LEU C 68 2.15 27.41 26.52
CA LEU C 68 3.41 26.88 26.00
C LEU C 68 3.39 26.76 24.47
N GLY C 69 2.27 27.12 23.87
CA GLY C 69 2.13 27.13 22.41
C GLY C 69 1.31 25.98 21.88
N GLY C 70 0.94 25.06 22.77
CA GLY C 70 0.15 23.89 22.42
C GLY C 70 -1.32 24.07 22.77
N ILE C 71 -2.00 22.95 23.01
CA ILE C 71 -3.42 22.97 23.32
C ILE C 71 -3.82 21.77 24.17
N GLY C 72 -4.87 21.95 24.98
CA GLY C 72 -5.44 20.87 25.77
C GLY C 72 -6.84 20.53 25.32
N ILE C 73 -7.14 19.24 25.25
CA ILE C 73 -8.48 18.78 24.91
C ILE C 73 -9.17 18.28 26.18
N ILE C 74 -10.18 19.02 26.62
CA ILE C 74 -10.93 18.65 27.83
C ILE C 74 -11.75 17.38 27.60
N HIS C 75 -11.63 16.44 28.53
CA HIS C 75 -12.30 15.15 28.45
C HIS C 75 -13.82 15.28 28.59
N LYS C 76 -14.54 14.29 28.06
CA LYS C 76 -16.00 14.33 28.04
C LYS C 76 -16.65 13.70 29.28
N ASN C 77 -15.85 13.00 30.08
CA ASN C 77 -16.34 12.25 31.25
C ASN C 77 -16.85 13.14 32.39
N MET C 78 -17.86 13.96 32.06
CA MET C 78 -18.46 14.91 32.99
C MET C 78 -19.73 15.51 32.39
N ASP C 79 -20.44 16.30 33.18
CA ASP C 79 -21.65 16.99 32.74
C ASP C 79 -21.32 17.95 31.61
N MET C 80 -22.28 18.16 30.71
CA MET C 80 -22.14 19.17 29.66
C MET C 80 -21.90 20.54 30.27
N GLU C 81 -22.63 20.82 31.35
CA GLU C 81 -22.50 22.07 32.11
C GLU C 81 -21.08 22.21 32.66
N SER C 82 -20.56 21.11 33.23
CA SER C 82 -19.22 21.07 33.79
C SER C 82 -18.14 21.24 32.73
N GLN C 83 -18.32 20.59 31.58
CA GLN C 83 -17.34 20.63 30.51
C GLN C 83 -17.28 22.00 29.82
N VAL C 84 -18.44 22.63 29.65
CA VAL C 84 -18.54 24.00 29.13
C VAL C 84 -17.83 24.97 30.08
N ASN C 85 -18.03 24.76 31.38
CA ASN C 85 -17.36 25.55 32.42
C ASN C 85 -15.84 25.43 32.39
N GLU C 86 -15.35 24.22 32.10
CA GLU C 86 -13.92 23.98 31.98
C GLU C 86 -13.33 24.76 30.80
N VAL C 87 -14.04 24.77 29.68
CA VAL C 87 -13.69 25.58 28.51
C VAL C 87 -13.68 27.07 28.89
N LEU C 88 -14.69 27.48 29.65
CA LEU C 88 -14.83 28.87 30.10
C LEU C 88 -13.66 29.36 30.94
N LYS C 89 -13.22 28.52 31.89
CA LYS C 89 -12.08 28.85 32.75
C LYS C 89 -10.77 29.03 31.96
N VAL C 90 -10.68 28.38 30.80
CA VAL C 90 -9.49 28.48 29.95
C VAL C 90 -9.56 29.72 29.07
N LYS C 91 -10.69 29.92 28.40
CA LYS C 91 -10.88 31.04 27.48
C LYS C 91 -10.70 32.40 28.18
N ASN C 92 -11.19 32.49 29.41
CA ASN C 92 -11.11 33.74 30.18
C ASN C 92 -9.76 33.92 30.90
N SER C 93 -8.87 32.93 30.74
CA SER C 93 -7.53 32.99 31.32
C SER C 93 -6.50 33.49 30.33
N GLY C 94 -6.93 34.35 29.41
CA GLY C 94 -6.02 34.98 28.46
C GLY C 94 -6.28 34.60 27.01
N GLY C 95 -7.55 34.58 26.62
CA GLY C 95 -7.96 34.22 25.27
C GLY C 95 -7.28 32.98 24.71
N LEU C 96 -7.08 31.99 25.59
CA LEU C 96 -6.32 30.78 25.24
C LEU C 96 -7.14 29.85 24.38
N ARG C 97 -6.47 29.18 23.45
CA ARG C 97 -7.08 28.16 22.59
CA ARG C 97 -7.11 28.17 22.60
C ARG C 97 -7.40 26.92 23.41
N VAL C 98 -8.56 26.32 23.16
CA VAL C 98 -8.98 25.12 23.90
C VAL C 98 -9.85 24.20 23.04
N GLY C 99 -9.74 22.90 23.31
CA GLY C 99 -10.53 21.89 22.63
C GLY C 99 -11.32 21.05 23.62
N ALA C 100 -12.33 20.34 23.12
CA ALA C 100 -13.17 19.51 23.97
C ALA C 100 -13.62 18.26 23.22
N ALA C 101 -13.65 17.14 23.95
CA ALA C 101 -14.04 15.85 23.36
C ALA C 101 -15.54 15.62 23.45
N ILE C 102 -16.08 15.00 22.42
CA ILE C 102 -17.46 14.47 22.42
C ILE C 102 -17.46 13.05 21.88
N GLY C 103 -18.54 12.32 22.13
CA GLY C 103 -18.72 10.97 21.59
C GLY C 103 -19.73 10.92 20.46
N VAL C 104 -20.16 9.71 20.11
CA VAL C 104 -21.17 9.49 19.07
C VAL C 104 -22.51 10.12 19.44
N ASN C 105 -23.14 10.74 18.44
CA ASN C 105 -24.49 11.34 18.56
C ASN C 105 -24.60 12.51 19.55
N GLU C 106 -23.47 12.92 20.12
CA GLU C 106 -23.46 14.00 21.11
C GLU C 106 -23.44 15.37 20.44
N ILE C 107 -24.49 15.63 19.67
CA ILE C 107 -24.65 16.88 18.91
C ILE C 107 -24.85 18.07 19.84
N GLU C 108 -25.65 17.86 20.88
CA GLU C 108 -26.01 18.92 21.83
C GLU C 108 -24.81 19.39 22.67
N ARG C 109 -24.01 18.43 23.13
CA ARG C 109 -22.78 18.72 23.86
C ARG C 109 -21.87 19.61 23.02
N ALA C 110 -21.71 19.24 21.75
CA ALA C 110 -20.92 20.00 20.79
C ALA C 110 -21.47 21.41 20.61
N LYS C 111 -22.79 21.53 20.49
CA LYS C 111 -23.45 22.82 20.29
C LYS C 111 -23.15 23.80 21.43
N LEU C 112 -23.25 23.32 22.67
CA LEU C 112 -22.98 24.14 23.85
C LEU C 112 -21.51 24.49 24.01
N LEU C 113 -20.64 23.56 23.62
CA LEU C 113 -19.19 23.80 23.64
C LEU C 113 -18.75 24.85 22.63
N VAL C 114 -19.38 24.85 21.45
CA VAL C 114 -19.09 25.83 20.40
C VAL C 114 -19.56 27.24 20.82
N GLU C 115 -20.67 27.27 21.56
CA GLU C 115 -21.19 28.52 22.13
C GLU C 115 -20.26 29.03 23.22
N ALA C 116 -19.71 28.12 24.00
CA ALA C 116 -18.71 28.43 25.02
C ALA C 116 -17.40 28.93 24.40
N GLY C 117 -17.35 28.95 23.07
CA GLY C 117 -16.21 29.48 22.34
C GLY C 117 -15.04 28.52 22.19
N VAL C 118 -15.33 27.22 22.23
CA VAL C 118 -14.32 26.19 22.01
C VAL C 118 -13.72 26.35 20.62
N ASP C 119 -12.43 26.08 20.49
CA ASP C 119 -11.73 26.30 19.22
C ASP C 119 -11.78 25.07 18.32
N VAL C 120 -11.78 23.88 18.94
CA VAL C 120 -11.85 22.61 18.23
C VAL C 120 -12.76 21.62 18.98
N ILE C 121 -13.55 20.88 18.22
CA ILE C 121 -14.30 19.73 18.75
C ILE C 121 -13.58 18.46 18.34
N VAL C 122 -13.35 17.57 19.31
CA VAL C 122 -12.67 16.30 19.05
C VAL C 122 -13.66 15.13 19.11
N LEU C 123 -14.15 14.73 17.95
CA LEU C 123 -15.08 13.60 17.83
C LEU C 123 -14.34 12.29 18.10
N ASP C 124 -14.50 11.78 19.32
CA ASP C 124 -13.75 10.63 19.79
C ASP C 124 -14.50 9.30 19.69
N SER C 125 -13.85 8.32 19.09
CA SER C 125 -14.32 6.95 19.07
C SER C 125 -13.12 6.01 19.06
N ALA C 126 -13.34 4.79 19.55
CA ALA C 126 -12.34 3.74 19.46
C ALA C 126 -12.15 3.31 18.01
N HIS C 127 -13.22 3.44 17.22
CA HIS C 127 -13.21 3.09 15.80
C HIS C 127 -13.89 4.18 14.97
N GLY C 128 -13.09 5.13 14.50
CA GLY C 128 -13.59 6.29 13.76
C GLY C 128 -14.23 6.03 12.40
N HIS C 129 -13.98 4.85 11.84
CA HIS C 129 -14.54 4.50 10.53
C HIS C 129 -15.88 3.78 10.66
N SER C 130 -16.83 4.46 11.31
CA SER C 130 -18.17 3.94 11.58
C SER C 130 -19.23 4.75 10.88
N LEU C 131 -20.40 4.15 10.66
CA LEU C 131 -21.57 4.84 10.15
C LEU C 131 -21.96 5.96 11.11
N ASN C 132 -22.01 5.62 12.39
CA ASN C 132 -22.43 6.56 13.44
C ASN C 132 -21.51 7.76 13.61
N ILE C 133 -20.21 7.56 13.42
CA ILE C 133 -19.23 8.64 13.45
C ILE C 133 -19.41 9.60 12.28
N ILE C 134 -19.57 9.03 11.07
CA ILE C 134 -19.73 9.83 9.85
C ILE C 134 -21.00 10.70 9.89
N ARG C 135 -22.10 10.14 10.38
CA ARG C 135 -23.34 10.91 10.48
C ARG C 135 -23.32 11.94 11.63
N THR C 136 -22.55 11.66 12.68
CA THR C 136 -22.35 12.63 13.77
C THR C 136 -21.54 13.82 13.26
N LEU C 137 -20.54 13.55 12.43
CA LEU C 137 -19.71 14.58 11.81
C LEU C 137 -20.57 15.48 10.93
N LYS C 138 -21.40 14.85 10.08
CA LYS C 138 -22.24 15.57 9.13
C LYS C 138 -23.33 16.38 9.81
N GLU C 139 -23.84 15.87 10.92
CA GLU C 139 -24.87 16.54 11.70
C GLU C 139 -24.31 17.75 12.45
N ILE C 140 -23.04 17.68 12.84
CA ILE C 140 -22.35 18.80 13.48
C ILE C 140 -22.14 19.93 12.48
N LYS C 141 -21.56 19.59 11.32
CA LYS C 141 -21.27 20.54 10.26
C LYS C 141 -22.51 21.28 9.74
N SER C 142 -23.65 20.58 9.73
CA SER C 142 -24.91 21.13 9.23
C SER C 142 -25.57 22.06 10.23
N LYS C 143 -25.27 21.87 11.51
CA LYS C 143 -25.93 22.62 12.58
C LYS C 143 -25.06 23.69 13.24
N MET C 144 -23.74 23.56 13.11
CA MET C 144 -22.83 24.52 13.72
C MET C 144 -21.53 24.72 12.93
N ASN C 145 -20.86 25.83 13.19
CA ASN C 145 -19.63 26.20 12.50
C ASN C 145 -18.42 26.05 13.40
N ILE C 146 -17.66 24.98 13.17
CA ILE C 146 -16.51 24.64 14.00
C ILE C 146 -15.59 23.63 13.30
N ASP C 147 -14.29 23.71 13.59
CA ASP C 147 -13.34 22.71 13.13
C ASP C 147 -13.46 21.43 13.96
N VAL C 148 -13.57 20.30 13.27
CA VAL C 148 -13.74 19.02 13.93
C VAL C 148 -12.58 18.08 13.62
N ILE C 149 -11.91 17.60 14.68
CA ILE C 149 -10.95 16.51 14.56
C ILE C 149 -11.69 15.20 14.82
N VAL C 150 -11.55 14.27 13.88
CA VAL C 150 -12.21 12.98 13.97
C VAL C 150 -11.18 11.85 14.08
N GLY C 151 -11.43 10.94 15.01
CA GLY C 151 -10.59 9.75 15.21
C GLY C 151 -11.30 8.68 16.01
N ASN C 152 -10.64 7.56 16.28
CA ASN C 152 -9.28 7.30 15.80
C ASN C 152 -9.31 6.33 14.62
N VAL C 153 -8.37 6.51 13.69
CA VAL C 153 -8.27 5.66 12.50
C VAL C 153 -6.83 5.22 12.26
N VAL C 154 -6.65 4.26 11.35
CA VAL C 154 -5.32 3.72 11.05
C VAL C 154 -5.14 3.41 9.56
N THR C 155 -6.20 3.54 8.79
CA THR C 155 -6.17 3.19 7.36
C THR C 155 -6.35 4.41 6.45
N GLU C 156 -5.91 4.28 5.20
CA GLU C 156 -6.01 5.36 4.22
C GLU C 156 -7.41 5.53 3.69
N GLU C 157 -8.18 4.45 3.65
CA GLU C 157 -9.57 4.48 3.22
C GLU C 157 -10.43 5.24 4.23
N ALA C 158 -10.16 5.02 5.52
CA ALA C 158 -10.87 5.67 6.61
C ALA C 158 -10.62 7.18 6.61
N THR C 159 -9.36 7.56 6.43
CA THR C 159 -8.97 8.97 6.40
C THR C 159 -9.67 9.73 5.28
N LYS C 160 -9.74 9.12 4.09
CA LYS C 160 -10.37 9.72 2.92
C LYS C 160 -11.86 10.02 3.16
N GLU C 161 -12.58 9.04 3.69
CA GLU C 161 -14.02 9.16 3.88
C GLU C 161 -14.38 10.27 4.87
N LEU C 162 -13.59 10.40 5.92
CA LEU C 162 -13.81 11.44 6.92
C LEU C 162 -13.54 12.83 6.35
N ILE C 163 -12.45 12.96 5.59
CA ILE C 163 -12.11 14.22 4.93
C ILE C 163 -13.19 14.63 3.92
N GLU C 164 -13.70 13.65 3.17
CA GLU C 164 -14.80 13.85 2.22
C GLU C 164 -16.09 14.31 2.90
N ASN C 165 -16.28 13.88 4.14
CA ASN C 165 -17.48 14.21 4.92
C ASN C 165 -17.36 15.44 5.81
N GLY C 166 -16.19 16.08 5.81
CA GLY C 166 -16.02 17.37 6.48
C GLY C 166 -15.06 17.43 7.66
N ALA C 167 -14.26 16.39 7.86
CA ALA C 167 -13.29 16.38 8.94
C ALA C 167 -12.15 17.36 8.66
N ASP C 168 -11.87 18.22 9.64
CA ASP C 168 -10.85 19.25 9.50
C ASP C 168 -9.51 18.77 10.06
N GLY C 169 -9.56 17.68 10.83
CA GLY C 169 -8.38 17.04 11.38
C GLY C 169 -8.60 15.56 11.50
N ILE C 170 -7.53 14.78 11.34
CA ILE C 170 -7.61 13.34 11.45
C ILE C 170 -6.72 12.84 12.59
N LYS C 171 -7.33 12.19 13.56
CA LYS C 171 -6.59 11.65 14.70
C LYS C 171 -6.29 10.17 14.49
N VAL C 172 -5.00 9.83 14.57
CA VAL C 172 -4.52 8.49 14.24
C VAL C 172 -4.01 7.74 15.47
N GLY C 173 -4.51 6.52 15.68
CA GLY C 173 -4.06 5.69 16.78
C GLY C 173 -5.08 4.71 17.32
N ILE C 174 -5.05 3.48 16.81
CA ILE C 174 -5.80 2.37 17.38
C ILE C 174 -4.81 1.28 17.79
N GLY C 175 -4.58 1.17 19.10
CA GLY C 175 -3.64 0.18 19.63
C GLY C 175 -2.45 0.66 20.46
N PRO C 176 -1.87 1.84 20.12
CA PRO C 176 -0.57 2.16 20.75
C PRO C 176 -0.63 2.82 22.13
N GLY C 177 -1.80 3.29 22.55
CA GLY C 177 -1.96 3.99 23.84
C GLY C 177 -1.46 3.18 25.02
N SER C 178 -0.60 3.80 25.83
CA SER C 178 0.06 3.13 26.98
C SER C 178 -0.89 2.36 27.88
N ILE C 179 -2.12 2.87 28.01
CA ILE C 179 -3.11 2.29 28.91
C ILE C 179 -4.18 1.49 28.14
N CYS C 180 -3.97 1.33 26.83
CA CYS C 180 -4.91 0.64 25.95
C CYS C 180 -4.72 -0.88 25.93
N THR C 181 -5.83 -1.61 25.83
CA THR C 181 -5.82 -3.07 25.76
C THR C 181 -6.62 -3.61 24.57
N THR C 182 -6.87 -2.76 23.58
CA THR C 182 -7.58 -3.13 22.35
C THR C 182 -6.83 -4.25 21.59
N ARG C 183 -5.50 -4.23 21.67
CA ARG C 183 -4.65 -5.26 21.09
C ARG C 183 -4.89 -6.63 21.72
N ILE C 184 -5.27 -6.62 23.00
CA ILE C 184 -5.41 -7.83 23.79
C ILE C 184 -6.85 -8.35 23.82
N VAL C 185 -7.80 -7.43 24.02
CA VAL C 185 -9.22 -7.77 24.08
C VAL C 185 -9.80 -8.10 22.70
N ALA C 186 -9.43 -7.30 21.70
CA ALA C 186 -9.99 -7.44 20.35
C ALA C 186 -9.01 -8.01 19.33
N GLY C 187 -7.71 -7.95 19.64
CA GLY C 187 -6.67 -8.38 18.70
C GLY C 187 -6.60 -7.49 17.48
N VAL C 188 -6.93 -6.21 17.67
CA VAL C 188 -7.05 -5.25 16.58
C VAL C 188 -6.04 -4.13 16.77
N GLY C 189 -5.47 -3.65 15.67
CA GLY C 189 -4.57 -2.51 15.70
C GLY C 189 -3.61 -2.41 14.53
N VAL C 190 -3.04 -1.22 14.37
CA VAL C 190 -1.96 -0.98 13.40
C VAL C 190 -0.90 -0.14 14.11
N PRO C 191 0.36 -0.65 14.15
CA PRO C 191 1.50 0.04 14.76
C PRO C 191 1.60 1.50 14.31
N GLN C 192 1.95 2.37 15.25
CA GLN C 192 1.76 3.82 15.08
C GLN C 192 2.48 4.47 13.90
N ILE C 193 3.74 4.09 13.65
CA ILE C 193 4.47 4.63 12.50
C ILE C 193 3.78 4.28 11.17
N THR C 194 3.45 3.00 11.01
CA THR C 194 2.75 2.52 9.81
C THR C 194 1.40 3.20 9.67
N ALA C 195 0.71 3.39 10.79
CA ALA C 195 -0.59 4.03 10.83
C ALA C 195 -0.54 5.48 10.35
N ILE C 196 0.47 6.22 10.81
CA ILE C 196 0.66 7.62 10.40
C ILE C 196 1.04 7.70 8.92
N GLU C 197 1.90 6.79 8.47
CA GLU C 197 2.33 6.71 7.08
C GLU C 197 1.15 6.51 6.12
N LYS C 198 0.29 5.56 6.46
CA LYS C 198 -0.90 5.23 5.68
C LYS C 198 -1.83 6.43 5.53
N CYS C 199 -2.17 7.03 6.67
CA CYS C 199 -3.12 8.14 6.71
C CYS C 199 -2.58 9.43 6.09
N SER C 200 -1.27 9.63 6.16
CA SER C 200 -0.61 10.81 5.58
C SER C 200 -0.65 10.81 4.06
N SER C 201 -0.55 9.63 3.46
CA SER C 201 -0.58 9.49 2.01
C SER C 201 -1.93 9.93 1.41
N VAL C 202 -2.91 10.12 2.28
CA VAL C 202 -4.22 10.62 1.88
C VAL C 202 -4.39 12.07 2.34
N ALA C 203 -4.15 12.33 3.61
CA ALA C 203 -4.47 13.61 4.23
C ALA C 203 -3.59 14.78 3.80
N SER C 204 -2.35 14.49 3.43
CA SER C 204 -1.42 15.53 2.96
C SER C 204 -1.87 16.14 1.63
N LYS C 205 -2.52 15.31 0.80
CA LYS C 205 -3.08 15.76 -0.48
C LYS C 205 -4.16 16.82 -0.30
N PHE C 206 -4.99 16.66 0.74
CA PHE C 206 -6.07 17.59 1.02
C PHE C 206 -5.67 18.69 2.01
N GLY C 207 -4.42 18.63 2.48
CA GLY C 207 -3.92 19.59 3.46
C GLY C 207 -4.61 19.49 4.81
N ILE C 208 -4.99 18.27 5.17
CA ILE C 208 -5.63 18.00 6.45
C ILE C 208 -4.59 17.44 7.43
N PRO C 209 -4.36 18.14 8.54
CA PRO C 209 -3.38 17.73 9.55
C PRO C 209 -3.68 16.37 10.18
N ILE C 210 -2.62 15.62 10.46
CA ILE C 210 -2.71 14.35 11.17
C ILE C 210 -2.27 14.54 12.62
N ILE C 211 -3.13 14.12 13.55
CA ILE C 211 -2.77 14.06 14.96
C ILE C 211 -2.34 12.64 15.30
N ALA C 212 -1.09 12.48 15.69
CA ALA C 212 -0.58 11.19 16.17
C ALA C 212 -0.98 11.02 17.63
N ASP C 213 -1.79 10.00 17.89
CA ASP C 213 -2.36 9.84 19.23
C ASP C 213 -1.95 8.54 19.93
N GLY C 214 -1.23 8.69 21.04
CA GLY C 214 -0.87 7.55 21.89
C GLY C 214 0.40 6.84 21.46
N GLY C 215 1.17 6.38 22.45
CA GLY C 215 2.39 5.63 22.19
C GLY C 215 3.67 6.43 22.43
N ILE C 216 3.52 7.75 22.57
CA ILE C 216 4.67 8.63 22.82
C ILE C 216 5.18 8.41 24.24
N ARG C 217 6.38 7.82 24.33
CA ARG C 217 6.99 7.51 25.62
C ARG C 217 8.19 8.40 25.89
N TYR C 218 8.85 8.85 24.82
CA TYR C 218 9.99 9.77 24.92
C TYR C 218 9.89 10.87 23.85
N SER C 219 10.65 11.94 24.05
CA SER C 219 10.67 13.06 23.10
C SER C 219 11.07 12.64 21.68
N GLY C 220 11.91 11.60 21.59
CA GLY C 220 12.34 11.05 20.31
C GLY C 220 11.22 10.46 19.48
N ASP C 221 10.15 10.04 20.15
CA ASP C 221 8.97 9.49 19.47
C ASP C 221 8.17 10.59 18.76
N ILE C 222 8.16 11.78 19.36
CA ILE C 222 7.50 12.94 18.77
C ILE C 222 8.06 13.24 17.38
N GLY C 223 9.40 13.34 17.31
CA GLY C 223 10.13 13.53 16.06
C GLY C 223 9.78 12.51 15.00
N LYS C 224 9.77 11.24 15.39
CA LYS C 224 9.40 10.15 14.50
C LYS C 224 7.98 10.31 13.96
N ALA C 225 7.04 10.59 14.86
CA ALA C 225 5.65 10.80 14.49
C ALA C 225 5.50 11.94 13.49
N LEU C 226 6.10 13.09 13.82
CA LEU C 226 6.07 14.26 12.94
C LEU C 226 6.78 14.00 11.61
N ALA C 227 7.96 13.37 11.68
CA ALA C 227 8.78 13.10 10.50
C ALA C 227 8.09 12.21 9.49
N VAL C 228 7.25 11.31 9.99
CA VAL C 228 6.57 10.32 9.15
C VAL C 228 5.26 10.84 8.53
N GLY C 229 4.83 12.02 8.96
CA GLY C 229 3.69 12.69 8.31
C GLY C 229 2.73 13.44 9.20
N ALA C 230 2.83 13.26 10.51
CA ALA C 230 1.91 13.89 11.45
C ALA C 230 2.22 15.37 11.66
N SER C 231 1.17 16.15 11.92
CA SER C 231 1.32 17.59 12.19
C SER C 231 1.50 17.86 13.69
N SER C 232 0.90 17.00 14.51
CA SER C 232 0.95 17.15 15.96
C SER C 232 0.80 15.82 16.67
N VAL C 233 1.20 15.78 17.93
CA VAL C 233 1.10 14.56 18.74
C VAL C 233 0.22 14.76 19.99
N MET C 234 -0.71 13.84 20.20
CA MET C 234 -1.49 13.81 21.42
C MET C 234 -0.77 12.93 22.42
N ILE C 235 -0.51 13.50 23.60
CA ILE C 235 0.26 12.80 24.64
C ILE C 235 -0.55 12.65 25.93
N GLY C 236 -0.51 11.45 26.51
CA GLY C 236 -1.31 11.11 27.68
C GLY C 236 -0.51 10.84 28.93
N SER C 237 0.06 9.64 29.02
CA SER C 237 0.76 9.18 30.24
C SER C 237 1.98 10.02 30.62
N ILE C 238 2.60 10.64 29.62
CA ILE C 238 3.72 11.57 29.83
C ILE C 238 3.31 12.73 30.75
N LEU C 239 2.05 13.17 30.65
CA LEU C 239 1.56 14.31 31.40
C LEU C 239 0.68 13.95 32.59
N ALA C 240 0.53 12.64 32.85
CA ALA C 240 -0.41 12.13 33.83
C ALA C 240 -0.11 12.50 35.28
N GLY C 241 1.14 12.36 35.69
CA GLY C 241 1.50 12.59 37.09
C GLY C 241 1.81 14.03 37.46
N THR C 242 1.62 14.94 36.51
CA THR C 242 2.01 16.35 36.69
C THR C 242 1.08 17.10 37.65
N GLU C 243 1.56 18.25 38.13
CA GLU C 243 0.83 19.11 39.06
C GLU C 243 -0.48 19.61 38.46
N GLU C 244 -0.46 19.93 37.18
CA GLU C 244 -1.58 20.55 36.48
C GLU C 244 -2.67 19.56 36.07
N SER C 245 -2.36 18.27 36.16
CA SER C 245 -3.31 17.22 35.82
C SER C 245 -4.33 17.01 36.94
N PRO C 246 -5.56 16.60 36.59
CA PRO C 246 -6.60 16.33 37.58
C PRO C 246 -6.20 15.20 38.53
N GLY C 247 -6.69 15.27 39.76
CA GLY C 247 -6.35 14.29 40.79
C GLY C 247 -5.64 14.90 41.97
N GLU C 248 -5.59 14.15 43.07
CA GLU C 248 -5.00 14.63 44.31
C GLU C 248 -3.68 13.93 44.60
N LYS C 249 -2.79 14.64 45.29
CA LYS C 249 -1.50 14.09 45.69
C LYS C 249 -1.64 13.27 46.97
N GLU C 250 -0.92 12.15 47.02
CA GLU C 250 -0.84 11.33 48.24
C GLU C 250 0.55 10.74 48.39
N LEU C 251 0.89 10.36 49.62
CA LEU C 251 2.21 9.79 49.92
C LEU C 251 2.11 8.29 50.21
N ILE C 252 2.85 7.50 49.44
CA ILE C 252 2.94 6.05 49.68
C ILE C 252 4.42 5.65 49.78
N GLY C 253 4.94 5.68 51.01
CA GLY C 253 6.33 5.31 51.29
C GLY C 253 7.33 6.32 50.80
N ASP C 254 7.18 7.56 51.26
CA ASP C 254 8.07 8.69 50.88
C ASP C 254 8.10 8.99 49.37
N THR C 255 7.04 8.60 48.67
CA THR C 255 6.90 8.89 47.24
C THR C 255 5.50 9.42 46.96
N VAL C 256 5.42 10.54 46.25
CA VAL C 256 4.15 11.18 45.92
C VAL C 256 3.53 10.54 44.68
N TYR C 257 2.21 10.31 44.73
CA TYR C 257 1.49 9.66 43.64
C TYR C 257 0.20 10.36 43.25
N LYS C 258 -0.29 10.02 42.05
CA LYS C 258 -1.65 10.31 41.62
C LYS C 258 -2.06 9.31 40.53
N TYR C 259 -3.37 9.14 40.32
CA TYR C 259 -3.88 8.05 39.48
C TYR C 259 -3.84 8.31 37.98
N TYR C 260 -3.78 7.23 37.21
CA TYR C 260 -3.78 7.29 35.74
C TYR C 260 -4.66 6.21 35.12
N ARG C 261 -5.59 6.62 34.27
CA ARG C 261 -6.50 5.71 33.56
C ARG C 261 -6.97 6.29 32.22
N GLY C 291 -13.70 1.23 35.80
CA GLY C 291 -12.53 0.52 35.32
C GLY C 291 -11.24 1.12 35.81
N ILE C 292 -10.68 0.52 36.86
CA ILE C 292 -9.43 0.98 37.48
C ILE C 292 -8.23 0.62 36.58
N GLU C 293 -7.21 1.48 36.55
CA GLU C 293 -6.07 1.29 35.62
C GLU C 293 -4.69 1.66 36.18
N GLY C 294 -4.46 1.42 37.47
CA GLY C 294 -3.13 1.59 38.06
C GLY C 294 -2.70 3.02 38.36
N ARG C 295 -1.66 3.15 39.18
CA ARG C 295 -1.22 4.44 39.72
C ARG C 295 0.12 4.87 39.12
N VAL C 296 0.34 6.19 39.04
CA VAL C 296 1.60 6.73 38.51
C VAL C 296 2.26 7.73 39.47
N LYS C 297 3.60 7.76 39.47
CA LYS C 297 4.37 8.66 40.30
C LYS C 297 4.16 10.12 39.89
N TYR C 298 4.20 11.01 40.89
CA TYR C 298 4.10 12.45 40.67
C TYR C 298 5.29 12.94 39.86
N LYS C 299 5.01 13.62 38.75
CA LYS C 299 6.04 14.01 37.77
C LYS C 299 6.50 15.47 37.91
N GLY C 300 5.93 16.19 38.88
CA GLY C 300 6.30 17.58 39.13
C GLY C 300 5.55 18.57 38.27
N GLU C 301 6.17 19.72 38.02
CA GLU C 301 5.59 20.77 37.21
C GLU C 301 5.58 20.38 35.73
N MET C 302 4.51 20.74 35.02
CA MET C 302 4.33 20.33 33.62
C MET C 302 5.29 21.04 32.65
N GLU C 303 5.69 22.26 33.00
CA GLU C 303 6.58 23.07 32.16
C GLU C 303 7.90 22.37 31.92
N GLY C 304 8.49 21.79 32.97
CA GLY C 304 9.75 21.06 32.87
C GLY C 304 9.65 19.84 31.97
N VAL C 305 8.49 19.18 32.00
CA VAL C 305 8.22 18.02 31.17
C VAL C 305 8.10 18.43 29.69
N VAL C 306 7.38 19.52 29.45
CA VAL C 306 7.17 20.04 28.11
C VAL C 306 8.47 20.58 27.52
N TYR C 307 9.27 21.25 28.34
CA TYR C 307 10.55 21.81 27.92
C TYR C 307 11.48 20.73 27.35
N GLN C 308 11.57 19.60 28.05
CA GLN C 308 12.37 18.47 27.60
C GLN C 308 11.84 17.90 26.28
N LEU C 309 10.52 17.74 26.18
CA LEU C 309 9.89 17.23 24.97
C LEU C 309 10.14 18.15 23.76
N VAL C 310 9.96 19.44 23.98
CA VAL C 310 10.21 20.45 22.95
C VAL C 310 11.70 20.50 22.58
N GLY C 311 12.56 20.47 23.60
CA GLY C 311 14.00 20.46 23.41
C GLY C 311 14.49 19.28 22.59
N GLY C 312 13.97 18.10 22.91
CA GLY C 312 14.32 16.88 22.19
C GLY C 312 13.89 16.90 20.74
N LEU C 313 12.75 17.51 20.46
CA LEU C 313 12.21 17.63 19.11
C LEU C 313 13.03 18.63 18.28
N ARG C 314 13.47 19.71 18.92
CA ARG C 314 14.35 20.68 18.28
C ARG C 314 15.66 20.03 17.85
N SER C 315 16.28 19.29 18.78
CA SER C 315 17.49 18.53 18.50
C SER C 315 17.32 17.58 17.32
N CYS C 316 16.25 16.81 17.36
CA CYS C 316 15.88 15.91 16.26
C CYS C 316 15.87 16.65 14.93
N MET C 317 15.17 17.78 14.90
CA MET C 317 15.03 18.56 13.67
C MET C 317 16.36 19.19 13.22
N GLY C 318 17.24 19.43 14.17
CA GLY C 318 18.62 19.81 13.87
C GLY C 318 19.33 18.70 13.09
N TYR C 319 19.32 17.49 13.65
CA TYR C 319 19.91 16.32 13.00
C TYR C 319 19.42 16.11 11.57
N LEU C 320 18.13 16.34 11.34
CA LEU C 320 17.53 16.12 10.02
C LEU C 320 17.56 17.36 9.14
N GLY C 321 18.19 18.42 9.64
CA GLY C 321 18.39 19.66 8.87
C GLY C 321 17.09 20.30 8.42
N SER C 322 16.12 20.32 9.32
CA SER C 322 14.78 20.79 9.00
C SER C 322 14.38 21.96 9.88
N ALA C 323 14.24 23.13 9.25
CA ALA C 323 13.88 24.37 9.95
C ALA C 323 12.39 24.40 10.32
N SER C 324 11.58 23.65 9.60
CA SER C 324 10.14 23.57 9.86
C SER C 324 9.62 22.14 9.73
N ILE C 325 8.39 21.93 10.19
CA ILE C 325 7.73 20.61 10.12
C ILE C 325 7.45 20.21 8.67
N GLU C 326 7.20 21.20 7.81
CA GLU C 326 7.04 20.98 6.38
C GLU C 326 8.34 20.49 5.72
N GLU C 327 9.46 21.08 6.14
CA GLU C 327 10.79 20.64 5.70
C GLU C 327 11.09 19.23 6.17
N LEU C 328 10.69 18.93 7.41
CA LEU C 328 10.84 17.61 8.00
C LEU C 328 10.18 16.54 7.14
N TRP C 329 8.92 16.78 6.74
CA TRP C 329 8.20 15.85 5.86
C TRP C 329 8.91 15.61 4.54
N LYS C 330 9.55 16.66 4.03
CA LYS C 330 10.21 16.60 2.73
C LYS C 330 11.58 15.92 2.81
N LYS C 331 12.21 15.97 3.99
CA LYS C 331 13.59 15.53 4.17
C LYS C 331 13.79 14.22 4.96
N SER C 332 12.72 13.71 5.57
CA SER C 332 12.81 12.60 6.51
C SER C 332 13.09 11.24 5.87
N SER C 333 13.96 10.47 6.53
CA SER C 333 14.19 9.07 6.21
C SER C 333 14.54 8.31 7.49
N TYR C 334 14.14 7.05 7.56
CA TYR C 334 14.40 6.25 8.74
C TYR C 334 14.94 4.85 8.43
N VAL C 335 15.62 4.26 9.41
CA VAL C 335 16.14 2.90 9.31
C VAL C 335 15.42 1.97 10.27
N GLU C 336 15.09 0.77 9.80
CA GLU C 336 14.55 -0.28 10.67
C GLU C 336 15.62 -0.79 11.63
N ILE C 337 15.20 -1.02 12.87
CA ILE C 337 16.09 -1.47 13.92
C ILE C 337 15.64 -2.84 14.41
N THR C 338 16.60 -3.75 14.59
CA THR C 338 16.31 -5.09 15.09
C THR C 338 15.98 -5.05 16.57
N THR C 339 15.25 -6.06 17.03
CA THR C 339 14.84 -6.19 18.44
C THR C 339 15.94 -5.86 19.46
N SER C 340 17.17 -6.28 19.17
CA SER C 340 18.33 -5.95 20.01
C SER C 340 19.36 -5.09 19.26
N MET D 4 8.06 -2.48 2.07
CA MET D 4 7.17 -1.37 2.50
C MET D 4 7.98 -0.17 2.98
N GLY D 5 7.86 0.94 2.26
CA GLY D 5 8.58 2.16 2.58
C GLY D 5 7.73 3.10 3.42
N THR D 6 7.63 4.36 3.02
CA THR D 6 8.32 4.89 1.84
C THR D 6 9.63 5.60 2.22
N LYS D 7 9.68 6.06 3.47
CA LYS D 7 10.87 6.73 4.00
C LYS D 7 11.80 5.70 4.66
N ASN D 8 11.39 4.44 4.63
CA ASN D 8 12.23 3.33 5.05
C ASN D 8 13.30 3.10 3.99
N ILE D 9 14.56 3.08 4.43
CA ILE D 9 15.69 2.90 3.50
C ILE D 9 16.36 1.53 3.64
N GLY D 10 15.88 0.74 4.59
CA GLY D 10 16.40 -0.59 4.82
C GLY D 10 16.54 -0.94 6.28
N LYS D 11 17.01 -2.15 6.55
CA LYS D 11 17.21 -2.64 7.90
C LYS D 11 18.63 -2.29 8.38
N GLY D 12 18.72 -1.67 9.55
CA GLY D 12 20.00 -1.29 10.13
C GLY D 12 20.54 -2.36 11.05
N LEU D 13 21.82 -2.70 10.87
CA LEU D 13 22.47 -3.74 11.65
C LEU D 13 23.47 -3.16 12.64
N THR D 14 23.43 -3.65 13.88
CA THR D 14 24.40 -3.27 14.90
C THR D 14 25.36 -4.43 15.18
N PHE D 15 26.29 -4.23 16.12
CA PHE D 15 27.30 -5.25 16.43
C PHE D 15 26.70 -6.60 16.80
N GLU D 16 25.63 -6.57 17.59
CA GLU D 16 24.98 -7.78 18.09
C GLU D 16 24.17 -8.50 17.01
N ASP D 17 23.98 -7.84 15.87
CA ASP D 17 23.17 -8.39 14.78
C ASP D 17 23.92 -9.33 13.84
N ILE D 18 25.25 -9.28 13.88
CA ILE D 18 26.06 -10.04 12.92
C ILE D 18 27.14 -10.90 13.57
N LEU D 19 27.63 -11.87 12.80
CA LEU D 19 28.77 -12.69 13.20
C LEU D 19 29.73 -12.86 12.03
N LEU D 20 31.01 -12.74 12.29
CA LEU D 20 32.03 -12.91 11.26
C LEU D 20 32.24 -14.38 10.90
N VAL D 21 32.26 -14.65 9.60
CA VAL D 21 32.43 -16.00 9.07
C VAL D 21 33.92 -16.32 8.94
N PRO D 22 34.38 -17.41 9.60
CA PRO D 22 35.78 -17.83 9.51
C PRO D 22 36.19 -18.22 8.10
N ASN D 23 37.45 -17.96 7.75
CA ASN D 23 38.01 -18.38 6.47
C ASN D 23 39.15 -19.34 6.70
N TYR D 24 39.72 -19.87 5.62
CA TYR D 24 40.96 -20.64 5.71
C TYR D 24 42.05 -19.77 6.34
N SER D 25 42.80 -20.34 7.27
CA SER D 25 43.82 -19.59 7.99
C SER D 25 45.18 -20.26 7.95
N GLU D 26 46.21 -19.45 7.71
CA GLU D 26 47.61 -19.88 7.83
C GLU D 26 48.30 -19.02 8.88
N VAL D 27 47.52 -18.17 9.55
CA VAL D 27 48.05 -17.20 10.49
C VAL D 27 47.63 -17.52 11.92
N LEU D 28 48.60 -17.53 12.82
CA LEU D 28 48.32 -17.58 14.26
C LEU D 28 48.08 -16.17 14.77
N PRO D 29 47.21 -16.01 15.79
CA PRO D 29 46.95 -14.70 16.40
C PRO D 29 48.22 -13.89 16.71
N ARG D 30 49.26 -14.56 17.16
CA ARG D 30 50.54 -13.91 17.49
C ARG D 30 51.26 -13.29 16.28
N GLU D 31 51.00 -13.84 15.10
CA GLU D 31 51.69 -13.42 13.88
C GLU D 31 50.90 -12.39 13.05
N VAL D 32 49.94 -11.73 13.71
CA VAL D 32 49.07 -10.76 13.04
C VAL D 32 49.59 -9.33 13.17
N SER D 33 49.62 -8.62 12.05
CA SER D 33 49.99 -7.20 12.03
C SER D 33 48.77 -6.33 12.27
N LEU D 34 48.81 -5.56 13.36
CA LEU D 34 47.70 -4.67 13.71
C LEU D 34 47.94 -3.22 13.29
N GLU D 35 49.04 -2.97 12.58
CA GLU D 35 49.39 -1.64 12.09
C GLU D 35 48.28 -1.08 11.21
N THR D 36 47.89 0.16 11.47
CA THR D 36 46.81 0.79 10.72
C THR D 36 47.03 2.29 10.50
N LYS D 37 46.24 2.84 9.59
CA LYS D 37 46.29 4.26 9.26
C LYS D 37 45.27 5.00 10.14
N LEU D 38 45.72 6.06 10.81
CA LEU D 38 44.81 6.90 11.60
C LEU D 38 44.23 8.02 10.74
N THR D 39 45.11 8.77 10.10
CA THR D 39 44.73 9.76 9.09
C THR D 39 45.54 9.49 7.84
N LYS D 40 45.42 10.38 6.85
CA LYS D 40 46.20 10.27 5.61
C LYS D 40 47.71 10.20 5.88
N ASN D 41 48.17 10.89 6.93
CA ASN D 41 49.61 11.00 7.20
C ASN D 41 50.09 10.37 8.52
N VAL D 42 49.16 10.14 9.45
CA VAL D 42 49.50 9.53 10.74
C VAL D 42 49.03 8.08 10.80
N SER D 43 49.84 7.21 11.41
CA SER D 43 49.54 5.80 11.52
C SER D 43 49.82 5.24 12.92
N LEU D 44 49.17 4.14 13.25
CA LEU D 44 49.27 3.54 14.60
C LEU D 44 49.61 2.06 14.54
N LYS D 45 50.13 1.54 15.65
CA LYS D 45 50.54 0.14 15.75
C LYS D 45 49.42 -0.80 16.21
N ILE D 46 48.49 -0.25 16.99
CA ILE D 46 47.22 -0.94 17.29
C ILE D 46 46.05 0.00 16.97
N PRO D 47 44.94 -0.54 16.44
CA PRO D 47 43.86 0.31 15.95
C PRO D 47 42.87 0.73 17.03
N LEU D 48 43.40 1.29 18.12
CA LEU D 48 42.57 1.71 19.26
C LEU D 48 42.80 3.16 19.61
N ILE D 49 41.70 3.88 19.78
CA ILE D 49 41.72 5.29 20.18
C ILE D 49 40.88 5.45 21.44
N SER D 50 41.39 6.22 22.40
CA SER D 50 40.60 6.53 23.60
C SER D 50 39.76 7.79 23.39
N SER D 51 38.48 7.69 23.75
CA SER D 51 37.48 8.75 23.49
C SER D 51 37.85 10.12 24.04
N ALA D 52 37.38 11.16 23.36
CA ALA D 52 37.59 12.54 23.79
C ALA D 52 36.54 12.94 24.83
N MET D 53 36.60 12.31 25.99
CA MET D 53 35.62 12.54 27.05
C MET D 53 36.30 12.88 28.37
N ASP D 54 35.70 13.79 29.13
CA ASP D 54 36.31 14.33 30.35
C ASP D 54 36.41 13.31 31.48
N THR D 55 36.05 12.08 31.17
CA THR D 55 36.02 11.01 32.15
C THR D 55 36.78 9.76 31.66
N VAL D 56 37.36 9.86 30.45
CA VAL D 56 38.22 8.79 29.93
C VAL D 56 39.64 9.25 29.55
N THR D 57 39.77 10.36 28.81
CA THR D 57 41.09 10.72 28.26
C THR D 57 41.64 12.10 28.66
N GLU D 58 42.66 12.07 29.51
CA GLU D 58 43.55 13.22 29.70
C GLU D 58 44.99 12.73 29.46
N HIS D 59 45.98 13.38 30.08
CA HIS D 59 47.38 13.08 29.75
C HIS D 59 47.83 11.64 30.07
N LEU D 60 47.47 11.14 31.25
CA LEU D 60 47.84 9.77 31.66
C LEU D 60 47.26 8.70 30.74
N MET D 61 46.02 8.89 30.31
CA MET D 61 45.37 7.97 29.38
C MET D 61 46.04 8.02 28.01
N ALA D 62 46.29 9.23 27.52
CA ALA D 62 46.95 9.45 26.24
C ALA D 62 48.36 8.85 26.19
N VAL D 63 49.10 8.98 27.31
CA VAL D 63 50.44 8.42 27.44
C VAL D 63 50.41 6.90 27.34
N GLY D 64 49.53 6.26 28.11
CA GLY D 64 49.33 4.82 28.07
C GLY D 64 48.90 4.29 26.71
N MET D 65 47.98 5.00 26.07
CA MET D 65 47.48 4.64 24.74
C MET D 65 48.60 4.62 23.69
N ALA D 66 49.38 5.70 23.65
CA ALA D 66 50.50 5.83 22.72
C ALA D 66 51.59 4.82 23.05
N ARG D 67 51.79 4.58 24.35
CA ARG D 67 52.79 3.63 24.84
C ARG D 67 52.47 2.19 24.45
N LEU D 68 51.22 1.93 24.05
CA LEU D 68 50.79 0.59 23.62
C LEU D 68 50.53 0.50 22.13
N GLY D 69 50.83 1.57 21.39
CA GLY D 69 50.70 1.57 19.93
C GLY D 69 49.46 2.26 19.39
N GLY D 70 48.64 2.79 20.30
CA GLY D 70 47.43 3.50 19.93
C GLY D 70 47.58 5.00 20.07
N ILE D 71 46.49 5.68 20.43
CA ILE D 71 46.50 7.14 20.61
C ILE D 71 45.38 7.59 21.56
N GLY D 72 45.61 8.71 22.23
CA GLY D 72 44.58 9.33 23.06
C GLY D 72 44.13 10.67 22.50
N ILE D 73 42.86 10.98 22.64
CA ILE D 73 42.33 12.28 22.25
C ILE D 73 41.92 13.07 23.49
N ILE D 74 42.65 14.13 23.77
CA ILE D 74 42.36 15.00 24.92
C ILE D 74 41.02 15.70 24.71
N HIS D 75 40.15 15.59 25.71
CA HIS D 75 38.81 16.18 25.65
C HIS D 75 38.85 17.70 25.71
N LYS D 76 37.80 18.32 25.19
CA LYS D 76 37.72 19.79 25.12
C LYS D 76 36.94 20.43 26.27
N ASN D 77 36.53 19.62 27.24
CA ASN D 77 35.80 20.13 28.41
C ASN D 77 36.75 20.73 29.45
N MET D 78 37.53 21.71 29.00
CA MET D 78 38.50 22.44 29.82
C MET D 78 38.91 23.68 29.03
N ASP D 79 39.59 24.63 29.68
CA ASP D 79 40.07 25.83 28.97
C ASP D 79 41.22 25.47 28.02
N MET D 80 41.53 26.39 27.11
CA MET D 80 42.55 26.16 26.07
C MET D 80 43.94 25.86 26.63
N GLU D 81 44.35 26.63 27.63
CA GLU D 81 45.68 26.46 28.24
C GLU D 81 45.82 25.14 29.00
N SER D 82 44.71 24.64 29.53
CA SER D 82 44.68 23.34 30.20
C SER D 82 44.88 22.20 29.19
N GLN D 83 44.23 22.32 28.03
CA GLN D 83 44.32 21.31 26.98
C GLN D 83 45.74 21.24 26.39
N VAL D 84 46.33 22.42 26.18
CA VAL D 84 47.72 22.53 25.71
C VAL D 84 48.68 21.86 26.68
N ASN D 85 48.49 22.11 27.98
CA ASN D 85 49.29 21.48 29.04
C ASN D 85 49.22 19.96 29.03
N GLU D 86 48.04 19.43 28.71
CA GLU D 86 47.84 17.99 28.61
C GLU D 86 48.59 17.41 27.41
N VAL D 87 48.53 18.11 26.28
CA VAL D 87 49.26 17.73 25.07
C VAL D 87 50.76 17.76 25.30
N LEU D 88 51.23 18.78 26.02
CA LEU D 88 52.65 18.92 26.35
C LEU D 88 53.14 17.88 27.35
N LYS D 89 52.29 17.53 28.31
CA LYS D 89 52.62 16.48 29.28
C LYS D 89 52.81 15.10 28.63
N VAL D 90 52.08 14.87 27.54
CA VAL D 90 52.25 13.64 26.76
C VAL D 90 53.59 13.69 26.02
N LYS D 91 53.95 14.88 25.52
CA LYS D 91 55.20 15.07 24.78
C LYS D 91 56.44 14.92 25.64
N ASN D 92 56.32 15.25 26.93
CA ASN D 92 57.45 15.16 27.86
C ASN D 92 57.88 13.73 28.18
N SER D 93 56.94 12.80 28.10
CA SER D 93 57.22 11.39 28.40
C SER D 93 57.50 10.59 27.14
N GLY D 94 58.44 11.08 26.33
CA GLY D 94 58.84 10.42 25.10
C GLY D 94 58.16 11.00 23.87
N GLY D 95 58.70 10.69 22.71
CA GLY D 95 58.11 11.11 21.44
C GLY D 95 56.84 10.33 21.16
N LEU D 96 55.77 10.70 21.86
CA LEU D 96 54.50 9.98 21.78
C LEU D 96 53.47 10.77 20.98
N ARG D 97 52.68 10.04 20.19
CA ARG D 97 51.58 10.61 19.43
C ARG D 97 50.43 10.98 20.36
N VAL D 98 49.71 12.05 20.02
CA VAL D 98 48.54 12.49 20.78
C VAL D 98 47.59 13.32 19.92
N GLY D 99 46.30 13.19 20.16
CA GLY D 99 45.28 13.98 19.49
C GLY D 99 44.57 14.90 20.45
N ALA D 100 43.79 15.83 19.92
CA ALA D 100 42.99 16.74 20.75
C ALA D 100 41.63 17.03 20.12
N ALA D 101 40.60 17.06 20.94
CA ALA D 101 39.23 17.31 20.49
C ALA D 101 38.97 18.81 20.37
N ILE D 102 38.14 19.16 19.40
CA ILE D 102 37.79 20.54 19.11
C ILE D 102 36.33 20.69 18.71
N GLY D 103 35.70 21.77 19.17
CA GLY D 103 34.32 22.08 18.82
C GLY D 103 34.22 23.00 17.63
N VAL D 104 32.99 23.26 17.18
CA VAL D 104 32.74 24.11 16.02
C VAL D 104 33.26 25.53 16.24
N ASN D 105 33.86 26.10 15.20
CA ASN D 105 34.37 27.48 15.19
C ASN D 105 35.53 27.79 16.15
N GLU D 106 35.98 26.79 16.91
CA GLU D 106 37.07 27.00 17.87
C GLU D 106 38.44 27.04 17.19
N ILE D 107 38.70 28.14 16.49
CA ILE D 107 39.94 28.33 15.72
C ILE D 107 41.13 28.68 16.61
N GLU D 108 40.92 29.57 17.58
CA GLU D 108 41.95 29.93 18.55
C GLU D 108 42.50 28.66 19.21
N ARG D 109 41.58 27.78 19.62
CA ARG D 109 41.90 26.50 20.22
C ARG D 109 42.78 25.63 19.32
N ALA D 110 42.47 25.61 18.03
CA ALA D 110 43.20 24.79 17.05
C ALA D 110 44.65 25.24 16.84
N LYS D 111 44.87 26.55 16.77
CA LYS D 111 46.20 27.12 16.59
C LYS D 111 47.13 26.83 17.77
N LEU D 112 46.58 26.87 18.98
CA LEU D 112 47.35 26.62 20.19
C LEU D 112 47.70 25.14 20.32
N LEU D 113 46.75 24.28 19.96
CA LEU D 113 46.93 22.83 20.00
C LEU D 113 47.97 22.35 18.99
N VAL D 114 47.98 22.94 17.80
CA VAL D 114 49.00 22.66 16.78
C VAL D 114 50.39 23.09 17.27
N GLU D 115 50.46 24.26 17.91
CA GLU D 115 51.68 24.76 18.54
C GLU D 115 52.21 23.83 19.63
N ALA D 116 51.29 23.15 20.33
CA ALA D 116 51.66 22.23 21.39
C ALA D 116 52.16 20.89 20.84
N GLY D 117 52.13 20.75 19.52
CA GLY D 117 52.66 19.56 18.85
C GLY D 117 51.68 18.42 18.70
N VAL D 118 50.38 18.75 18.63
CA VAL D 118 49.34 17.75 18.43
C VAL D 118 49.48 17.07 17.06
N ASP D 119 49.21 15.77 17.01
CA ASP D 119 49.39 14.98 15.79
C ASP D 119 48.11 14.93 14.96
N VAL D 120 46.97 15.04 15.64
CA VAL D 120 45.68 15.11 14.96
C VAL D 120 44.71 16.03 15.69
N ILE D 121 44.01 16.86 14.92
CA ILE D 121 42.89 17.63 15.44
C ILE D 121 41.60 16.87 15.16
N VAL D 122 40.83 16.63 16.22
CA VAL D 122 39.52 15.97 16.09
C VAL D 122 38.41 17.02 16.13
N LEU D 123 37.89 17.36 14.96
CA LEU D 123 36.76 18.27 14.85
C LEU D 123 35.49 17.50 15.20
N ASP D 124 35.18 17.51 16.49
CA ASP D 124 34.14 16.67 17.07
C ASP D 124 32.82 17.42 17.16
N SER D 125 31.75 16.75 16.72
CA SER D 125 30.39 17.29 16.78
C SER D 125 29.37 16.16 16.82
N ALA D 126 28.26 16.42 17.50
CA ALA D 126 27.14 15.48 17.55
C ALA D 126 26.60 15.22 16.14
N HIS D 127 26.55 16.27 15.34
CA HIS D 127 26.13 16.18 13.95
C HIS D 127 27.21 16.76 13.03
N GLY D 128 28.10 15.87 12.59
CA GLY D 128 29.26 16.26 11.77
C GLY D 128 28.94 16.77 10.38
N HIS D 129 27.76 16.41 9.87
CA HIS D 129 27.34 16.86 8.55
C HIS D 129 26.53 18.15 8.63
N SER D 130 27.18 19.21 9.10
CA SER D 130 26.56 20.51 9.21
C SER D 130 27.39 21.59 8.51
N LEU D 131 26.75 22.72 8.23
CA LEU D 131 27.37 23.84 7.53
C LEU D 131 28.48 24.49 8.37
N ASN D 132 28.31 24.47 9.69
CA ASN D 132 29.30 25.01 10.61
C ASN D 132 30.61 24.19 10.68
N ILE D 133 30.49 22.87 10.62
CA ILE D 133 31.66 21.98 10.65
C ILE D 133 32.52 22.10 9.39
N ILE D 134 31.86 22.14 8.24
CA ILE D 134 32.55 22.29 6.95
C ILE D 134 33.32 23.62 6.88
N ARG D 135 32.72 24.68 7.40
CA ARG D 135 33.37 26.00 7.46
C ARG D 135 34.62 25.98 8.34
N THR D 136 34.53 25.28 9.47
CA THR D 136 35.66 25.10 10.38
C THR D 136 36.77 24.25 9.72
N LEU D 137 36.36 23.22 8.98
CA LEU D 137 37.30 22.35 8.26
C LEU D 137 38.10 23.15 7.23
N LYS D 138 37.40 23.96 6.44
CA LYS D 138 38.01 24.77 5.39
C LYS D 138 38.96 25.83 5.94
N GLU D 139 38.63 26.39 7.10
CA GLU D 139 39.44 27.43 7.73
C GLU D 139 40.73 26.87 8.31
N ILE D 140 40.65 25.69 8.91
CA ILE D 140 41.83 25.01 9.46
C ILE D 140 42.80 24.60 8.35
N LYS D 141 42.29 23.87 7.35
CA LYS D 141 43.14 23.33 6.28
C LYS D 141 43.80 24.38 5.39
N SER D 142 43.34 25.62 5.50
CA SER D 142 43.90 26.74 4.76
C SER D 142 44.89 27.55 5.60
N LYS D 143 44.76 27.44 6.92
CA LYS D 143 45.50 28.28 7.85
C LYS D 143 46.53 27.50 8.67
N MET D 144 46.43 26.17 8.67
CA MET D 144 47.29 25.32 9.51
C MET D 144 47.76 24.05 8.80
N ASN D 145 48.96 23.61 9.17
CA ASN D 145 49.51 22.34 8.68
C ASN D 145 49.24 21.23 9.69
N ILE D 146 48.08 20.61 9.58
CA ILE D 146 47.64 19.57 10.53
C ILE D 146 46.60 18.62 9.91
N ASP D 147 46.67 17.35 10.31
CA ASP D 147 45.67 16.37 9.91
C ASP D 147 44.41 16.50 10.74
N VAL D 148 43.26 16.49 10.07
CA VAL D 148 41.97 16.71 10.74
C VAL D 148 41.02 15.52 10.59
N ILE D 149 40.69 14.91 11.72
CA ILE D 149 39.62 13.90 11.79
C ILE D 149 38.31 14.60 12.08
N VAL D 150 37.31 14.35 11.23
CA VAL D 150 36.01 14.99 11.37
C VAL D 150 34.92 13.96 11.66
N GLY D 151 34.13 14.24 12.70
CA GLY D 151 32.94 13.45 13.03
C GLY D 151 31.89 14.29 13.74
N ASN D 152 30.74 13.68 14.08
CA ASN D 152 30.44 12.31 13.73
C ASN D 152 29.40 12.23 12.61
N VAL D 153 29.55 11.24 11.74
CA VAL D 153 28.65 11.06 10.60
C VAL D 153 28.16 9.62 10.45
N VAL D 154 27.17 9.41 9.58
CA VAL D 154 26.60 8.08 9.35
C VAL D 154 26.26 7.79 7.88
N THR D 155 26.28 8.81 7.03
CA THR D 155 25.81 8.67 5.65
C THR D 155 26.91 8.80 4.59
N GLU D 156 26.63 8.31 3.38
CA GLU D 156 27.52 8.42 2.22
C GLU D 156 27.80 9.87 1.85
N GLU D 157 26.73 10.67 1.77
CA GLU D 157 26.80 12.08 1.39
C GLU D 157 27.62 12.86 2.41
N ALA D 158 27.44 12.54 3.68
CA ALA D 158 28.14 13.21 4.78
C ALA D 158 29.65 13.00 4.70
N THR D 159 30.06 11.75 4.50
CA THR D 159 31.48 11.42 4.44
C THR D 159 32.12 11.95 3.16
N LYS D 160 31.39 11.89 2.05
CA LYS D 160 31.87 12.39 0.76
C LYS D 160 32.15 13.90 0.78
N GLU D 161 31.25 14.66 1.41
CA GLU D 161 31.39 16.11 1.48
C GLU D 161 32.55 16.55 2.37
N LEU D 162 32.75 15.86 3.48
CA LEU D 162 33.86 16.16 4.39
C LEU D 162 35.22 15.83 3.78
N ILE D 163 35.31 14.72 3.05
CA ILE D 163 36.54 14.34 2.36
C ILE D 163 36.93 15.39 1.32
N GLU D 164 35.96 15.83 0.54
CA GLU D 164 36.16 16.90 -0.46
C GLU D 164 36.67 18.21 0.15
N ASN D 165 36.22 18.49 1.37
CA ASN D 165 36.64 19.69 2.08
C ASN D 165 37.89 19.52 2.94
N GLY D 166 38.62 18.42 2.70
CA GLY D 166 39.94 18.22 3.26
C GLY D 166 40.00 17.50 4.60
N ALA D 167 39.08 16.56 4.82
CA ALA D 167 39.12 15.73 6.01
C ALA D 167 40.13 14.60 5.81
N ASP D 168 41.03 14.44 6.78
CA ASP D 168 42.07 13.43 6.71
C ASP D 168 41.60 12.13 7.36
N GLY D 169 40.50 12.22 8.10
CA GLY D 169 39.85 11.07 8.71
C GLY D 169 38.38 11.34 8.93
N ILE D 170 37.58 10.27 8.83
CA ILE D 170 36.14 10.37 9.04
C ILE D 170 35.75 9.52 10.25
N LYS D 171 35.09 10.16 11.23
CA LYS D 171 34.66 9.46 12.43
C LYS D 171 33.15 9.18 12.37
N VAL D 172 32.80 7.92 12.49
CA VAL D 172 31.39 7.48 12.37
C VAL D 172 30.78 7.09 13.71
N GLY D 173 29.52 7.48 13.91
CA GLY D 173 28.80 7.15 15.13
C GLY D 173 27.84 8.20 15.64
N ILE D 174 26.58 8.08 15.24
CA ILE D 174 25.47 8.81 15.85
C ILE D 174 24.45 7.74 16.24
N GLY D 175 24.27 7.53 17.54
CA GLY D 175 23.42 6.45 18.02
C GLY D 175 24.11 5.51 19.00
N PRO D 176 25.26 4.92 18.61
CA PRO D 176 25.95 4.02 19.52
C PRO D 176 26.60 4.78 20.67
N GLY D 177 27.19 4.05 21.62
CA GLY D 177 27.80 4.66 22.78
C GLY D 177 26.98 4.32 24.00
N SER D 178 27.60 3.61 24.94
CA SER D 178 26.93 3.12 26.13
C SER D 178 26.14 4.19 26.88
N ILE D 179 26.72 5.39 26.97
CA ILE D 179 26.11 6.52 27.69
C ILE D 179 25.20 7.40 26.81
N CYS D 180 25.10 7.06 25.53
CA CYS D 180 24.33 7.85 24.55
C CYS D 180 22.83 7.61 24.65
N THR D 181 22.06 8.70 24.64
CA THR D 181 20.59 8.63 24.67
C THR D 181 19.97 9.42 23.52
N THR D 182 20.77 9.71 22.50
CA THR D 182 20.32 10.40 21.28
C THR D 182 19.13 9.68 20.64
N ARG D 183 19.18 8.34 20.65
CA ARG D 183 18.09 7.51 20.17
C ARG D 183 16.79 7.78 20.92
N ILE D 184 16.91 8.00 22.23
CA ILE D 184 15.75 8.20 23.11
C ILE D 184 15.24 9.63 23.04
N VAL D 185 16.15 10.59 23.19
CA VAL D 185 15.81 12.02 23.24
C VAL D 185 15.40 12.59 21.87
N ALA D 186 16.14 12.22 20.82
CA ALA D 186 15.93 12.78 19.50
C ALA D 186 15.28 11.81 18.50
N GLY D 187 15.41 10.51 18.76
CA GLY D 187 14.89 9.49 17.85
C GLY D 187 15.78 9.34 16.63
N VAL D 188 17.03 9.76 16.79
CA VAL D 188 17.98 9.85 15.69
C VAL D 188 19.11 8.85 15.88
N GLY D 189 19.54 8.23 14.78
CA GLY D 189 20.68 7.35 14.80
C GLY D 189 20.70 6.37 13.66
N VAL D 190 21.86 5.76 13.44
CA VAL D 190 22.03 4.65 12.51
C VAL D 190 22.86 3.58 13.23
N PRO D 191 22.38 2.33 13.26
CA PRO D 191 23.12 1.21 13.85
C PRO D 191 24.53 1.11 13.28
N GLN D 192 25.50 0.77 14.13
CA GLN D 192 26.91 0.99 13.82
C GLN D 192 27.48 0.23 12.62
N ILE D 193 27.19 -1.06 12.50
CA ILE D 193 27.66 -1.84 11.35
C ILE D 193 27.23 -1.18 10.04
N THR D 194 25.93 -0.89 9.92
CA THR D 194 25.37 -0.21 8.77
C THR D 194 26.05 1.14 8.53
N ALA D 195 26.29 1.88 9.62
CA ALA D 195 26.94 3.19 9.56
C ALA D 195 28.37 3.13 9.00
N ILE D 196 29.16 2.16 9.45
CA ILE D 196 30.53 2.00 8.96
C ILE D 196 30.51 1.57 7.49
N GLU D 197 29.64 0.63 7.15
CA GLU D 197 29.49 0.15 5.78
C GLU D 197 29.20 1.28 4.80
N LYS D 198 28.24 2.13 5.16
CA LYS D 198 27.82 3.24 4.29
C LYS D 198 28.92 4.27 4.08
N CYS D 199 29.65 4.57 5.14
CA CYS D 199 30.73 5.56 5.09
C CYS D 199 32.01 5.02 4.45
N SER D 200 32.34 3.76 4.71
CA SER D 200 33.52 3.12 4.12
C SER D 200 33.42 2.99 2.61
N SER D 201 32.22 2.68 2.12
CA SER D 201 31.97 2.52 0.68
C SER D 201 32.43 3.75 -0.11
N VAL D 202 32.40 4.91 0.54
CA VAL D 202 32.90 6.15 -0.04
C VAL D 202 34.37 6.39 0.34
N ALA D 203 34.68 6.27 1.63
CA ALA D 203 36.00 6.61 2.15
C ALA D 203 37.14 5.72 1.64
N SER D 204 36.82 4.48 1.29
CA SER D 204 37.82 3.54 0.76
C SER D 204 38.23 3.89 -0.67
N LYS D 205 37.38 4.61 -1.38
CA LYS D 205 37.69 5.11 -2.73
C LYS D 205 38.73 6.22 -2.67
N PHE D 206 38.73 6.97 -1.57
CA PHE D 206 39.64 8.09 -1.38
C PHE D 206 40.79 7.75 -0.44
N GLY D 207 40.79 6.53 0.09
CA GLY D 207 41.82 6.09 1.05
C GLY D 207 41.79 6.85 2.36
N ILE D 208 40.63 7.38 2.72
CA ILE D 208 40.47 8.10 3.99
C ILE D 208 40.03 7.12 5.08
N PRO D 209 40.82 7.02 6.17
CA PRO D 209 40.51 6.10 7.26
C PRO D 209 39.19 6.42 7.96
N ILE D 210 38.41 5.38 8.22
CA ILE D 210 37.18 5.49 9.01
C ILE D 210 37.49 5.16 10.46
N ILE D 211 37.03 6.02 11.37
CA ILE D 211 37.09 5.73 12.79
C ILE D 211 35.70 5.30 13.25
N ALA D 212 35.61 4.07 13.74
CA ALA D 212 34.37 3.54 14.31
C ALA D 212 34.26 3.98 15.76
N ASP D 213 33.33 4.88 16.03
CA ASP D 213 33.22 5.51 17.34
C ASP D 213 31.95 5.11 18.10
N GLY D 214 32.15 4.52 19.28
CA GLY D 214 31.05 4.16 20.17
C GLY D 214 30.41 2.82 19.88
N GLY D 215 30.00 2.13 20.94
CA GLY D 215 29.25 0.88 20.82
C GLY D 215 30.06 -0.37 21.07
N ILE D 216 31.34 -0.20 21.40
CA ILE D 216 32.23 -1.32 21.64
C ILE D 216 32.14 -1.77 23.10
N ARG D 217 31.57 -2.96 23.30
CA ARG D 217 31.42 -3.55 24.64
C ARG D 217 32.44 -4.66 24.84
N TYR D 218 32.74 -5.38 23.76
CA TYR D 218 33.62 -6.54 23.81
C TYR D 218 34.66 -6.49 22.71
N SER D 219 35.76 -7.21 22.91
CA SER D 219 36.84 -7.28 21.93
C SER D 219 36.37 -7.75 20.56
N GLY D 220 35.30 -8.56 20.56
CA GLY D 220 34.70 -9.08 19.34
C GLY D 220 34.14 -8.00 18.43
N ASP D 221 33.64 -6.92 19.05
CA ASP D 221 33.06 -5.79 18.32
C ASP D 221 34.11 -5.05 17.49
N ILE D 222 35.34 -4.98 18.02
CA ILE D 222 36.46 -4.34 17.33
C ILE D 222 36.70 -5.02 15.98
N GLY D 223 36.74 -6.36 16.01
CA GLY D 223 36.89 -7.15 14.80
C GLY D 223 35.77 -6.90 13.82
N LYS D 224 34.55 -6.77 14.34
CA LYS D 224 33.37 -6.50 13.52
C LYS D 224 33.46 -5.14 12.85
N ALA D 225 33.90 -4.14 13.60
CA ALA D 225 34.04 -2.79 13.08
C ALA D 225 35.13 -2.71 12.01
N LEU D 226 36.29 -3.30 12.29
CA LEU D 226 37.42 -3.28 11.36
C LEU D 226 37.10 -4.08 10.10
N ALA D 227 36.57 -5.30 10.30
CA ALA D 227 36.27 -6.22 9.19
C ALA D 227 35.29 -5.63 8.19
N VAL D 228 34.39 -4.78 8.69
CA VAL D 228 33.34 -4.22 7.86
C VAL D 228 33.79 -2.97 7.10
N GLY D 229 34.95 -2.41 7.46
CA GLY D 229 35.54 -1.30 6.72
C GLY D 229 36.23 -0.18 7.49
N ALA D 230 36.30 -0.30 8.81
CA ALA D 230 36.94 0.74 9.64
C ALA D 230 38.45 0.51 9.80
N SER D 231 39.20 1.60 9.96
CA SER D 231 40.64 1.53 10.15
C SER D 231 41.02 1.49 11.63
N SER D 232 40.30 2.24 12.45
CA SER D 232 40.52 2.26 13.88
C SER D 232 39.20 2.27 14.64
N VAL D 233 39.28 2.09 15.95
CA VAL D 233 38.10 1.99 16.80
C VAL D 233 38.28 2.90 18.03
N MET D 234 37.40 3.89 18.15
CA MET D 234 37.41 4.76 19.32
C MET D 234 36.54 4.17 20.43
N ILE D 235 37.11 4.11 21.63
CA ILE D 235 36.45 3.50 22.78
C ILE D 235 36.45 4.43 23.99
N GLY D 236 35.37 4.41 24.75
CA GLY D 236 35.27 5.19 25.98
C GLY D 236 34.88 4.32 27.16
N SER D 237 33.70 3.72 27.06
CA SER D 237 33.12 2.87 28.10
C SER D 237 34.10 1.93 28.78
N ILE D 238 34.78 1.11 27.97
CA ILE D 238 35.67 0.07 28.47
C ILE D 238 36.99 0.58 29.04
N LEU D 239 37.25 1.88 28.85
CA LEU D 239 38.44 2.51 29.41
C LEU D 239 38.10 3.38 30.62
N ALA D 240 36.84 3.75 30.74
CA ALA D 240 36.35 4.50 31.89
C ALA D 240 36.43 3.63 33.13
N GLY D 241 37.03 4.16 34.19
CA GLY D 241 37.18 3.41 35.43
C GLY D 241 38.51 2.69 35.55
N THR D 242 39.38 2.86 34.56
CA THR D 242 40.74 2.33 34.66
C THR D 242 41.60 3.29 35.48
N GLU D 243 42.73 2.78 35.98
CA GLU D 243 43.67 3.56 36.79
C GLU D 243 44.13 4.86 36.12
N GLU D 244 44.18 4.85 34.79
CA GLU D 244 44.70 5.99 34.02
C GLU D 244 43.63 7.00 33.58
N SER D 245 42.37 6.67 33.83
CA SER D 245 41.26 7.59 33.53
C SER D 245 41.23 8.74 34.55
N PRO D 246 40.85 9.95 34.10
CA PRO D 246 40.99 11.18 34.90
C PRO D 246 40.09 11.30 36.14
N GLY D 247 39.17 10.36 36.34
CA GLY D 247 38.27 10.40 37.49
C GLY D 247 38.93 10.15 38.84
N GLU D 248 38.15 10.36 39.91
CA GLU D 248 38.60 10.08 41.27
C GLU D 248 38.20 8.66 41.66
N LYS D 249 39.02 8.02 42.50
CA LYS D 249 38.75 6.66 42.96
C LYS D 249 37.89 6.70 44.22
N GLU D 250 36.91 5.79 44.32
CA GLU D 250 35.93 5.82 45.41
C GLU D 250 35.42 4.42 45.79
N LEU D 251 35.40 4.15 47.09
CA LEU D 251 34.92 2.86 47.61
C LEU D 251 33.48 2.93 48.09
N ILE D 252 32.62 2.12 47.48
CA ILE D 252 31.22 1.97 47.91
C ILE D 252 30.94 0.50 48.19
N GLY D 253 30.80 0.15 49.46
CA GLY D 253 30.61 -1.24 49.87
C GLY D 253 31.92 -2.01 49.80
N ASP D 254 31.91 -3.09 49.03
CA ASP D 254 33.09 -3.94 48.85
C ASP D 254 33.79 -3.69 47.52
N THR D 255 33.15 -2.86 46.68
CA THR D 255 33.65 -2.60 45.33
C THR D 255 34.11 -1.16 45.16
N VAL D 256 35.18 -0.98 44.41
CA VAL D 256 35.73 0.35 44.11
C VAL D 256 35.11 0.89 42.82
N TYR D 257 34.71 2.15 42.85
CA TYR D 257 34.02 2.79 41.72
C TYR D 257 34.72 4.04 41.21
N LYS D 258 34.53 4.31 39.92
CA LYS D 258 34.92 5.57 39.30
C LYS D 258 33.76 6.08 38.44
N TYR D 259 33.73 7.39 38.20
CA TYR D 259 32.62 8.00 37.48
C TYR D 259 32.76 7.92 35.96
N TYR D 260 31.64 7.76 35.28
CA TYR D 260 31.59 7.77 33.82
C TYR D 260 30.35 8.53 33.34
N ARG D 261 30.58 9.56 32.54
CA ARG D 261 29.51 10.43 32.03
C ARG D 261 29.74 10.82 30.57
N GLY D 262 28.64 10.93 29.83
CA GLY D 262 28.68 11.45 28.46
C GLY D 262 28.92 12.94 28.48
N MET D 263 29.44 13.47 27.37
CA MET D 263 29.78 14.88 27.25
C MET D 263 28.54 15.78 27.19
N GLY D 264 27.46 15.23 26.65
CA GLY D 264 26.17 15.91 26.61
C GLY D 264 25.24 15.51 27.74
N SER D 265 25.82 15.19 28.90
CA SER D 265 25.04 14.88 30.09
C SER D 265 24.85 16.14 30.94
N VAL D 266 24.01 16.05 31.98
CA VAL D 266 23.70 17.20 32.84
C VAL D 266 24.95 17.70 33.57
N GLY D 267 25.69 16.78 34.19
CA GLY D 267 26.89 17.12 34.95
C GLY D 267 28.05 17.64 34.10
N ALA D 268 28.20 17.08 32.90
CA ALA D 268 29.28 17.48 31.99
C ALA D 268 29.07 18.86 31.37
N MET D 269 27.81 19.22 31.15
CA MET D 269 27.45 20.52 30.58
C MET D 269 27.55 21.66 31.61
N LYS D 270 27.46 21.30 32.89
CA LYS D 270 27.58 22.27 34.00
C LYS D 270 28.95 22.93 34.04
N SER D 271 30.00 22.12 34.20
CA SER D 271 31.37 22.62 34.28
C SER D 271 32.09 22.45 32.94
N MET D 287 20.90 23.34 25.29
CA MET D 287 20.36 22.10 24.72
C MET D 287 19.97 21.09 25.79
N VAL D 288 19.02 20.22 25.46
CA VAL D 288 18.60 19.12 26.33
C VAL D 288 19.66 18.02 26.38
N PRO D 289 19.82 17.35 27.55
CA PRO D 289 20.82 16.30 27.72
C PRO D 289 20.64 15.12 26.77
N GLU D 290 21.73 14.74 26.10
CA GLU D 290 21.75 13.55 25.24
C GLU D 290 22.72 12.50 25.77
N GLY D 291 22.95 12.51 27.07
CA GLY D 291 23.84 11.56 27.73
C GLY D 291 23.46 11.29 29.17
N ILE D 292 23.72 10.07 29.62
CA ILE D 292 23.47 9.68 31.01
C ILE D 292 24.79 9.61 31.79
N GLU D 293 24.69 9.71 33.13
CA GLU D 293 25.85 9.61 34.00
C GLU D 293 25.66 8.54 35.07
N GLY D 294 26.76 7.93 35.47
CA GLY D 294 26.73 6.88 36.49
C GLY D 294 28.12 6.41 36.88
N ARG D 295 28.18 5.69 37.99
CA ARG D 295 29.43 5.11 38.45
C ARG D 295 29.75 3.83 37.68
N VAL D 296 31.03 3.56 37.53
CA VAL D 296 31.49 2.33 36.89
C VAL D 296 32.56 1.67 37.76
N LYS D 297 32.52 0.35 37.84
CA LYS D 297 33.46 -0.42 38.65
C LYS D 297 34.91 -0.18 38.22
N TYR D 298 35.80 -0.04 39.19
CA TYR D 298 37.22 0.16 38.93
C TYR D 298 37.78 -1.01 38.14
N LYS D 299 38.21 -0.73 36.91
CA LYS D 299 38.67 -1.75 35.96
C LYS D 299 40.15 -2.11 36.14
N GLY D 300 40.82 -1.39 37.04
CA GLY D 300 42.24 -1.64 37.32
C GLY D 300 43.16 -0.99 36.30
N GLU D 301 44.33 -1.61 36.10
CA GLU D 301 45.33 -1.12 35.17
C GLU D 301 44.83 -1.14 33.73
N MET D 302 45.06 -0.04 33.03
CA MET D 302 44.63 0.12 31.64
C MET D 302 45.33 -0.85 30.70
N GLU D 303 46.64 -1.02 30.89
CA GLU D 303 47.46 -1.92 30.08
C GLU D 303 46.86 -3.32 29.98
N GLY D 304 46.31 -3.80 31.10
CA GLY D 304 45.67 -5.11 31.16
C GLY D 304 44.41 -5.22 30.33
N VAL D 305 43.59 -4.16 30.37
CA VAL D 305 42.34 -4.11 29.61
C VAL D 305 42.59 -4.13 28.09
N VAL D 306 43.63 -3.44 27.65
CA VAL D 306 43.97 -3.32 26.24
C VAL D 306 44.49 -4.63 25.66
N TYR D 307 45.28 -5.37 26.46
CA TYR D 307 45.83 -6.65 26.03
C TYR D 307 44.75 -7.71 25.77
N GLN D 308 43.66 -7.65 26.54
CA GLN D 308 42.51 -8.52 26.31
C GLN D 308 41.84 -8.17 24.98
N LEU D 309 41.70 -6.88 24.70
CA LEU D 309 41.11 -6.40 23.46
C LEU D 309 41.96 -6.80 22.26
N VAL D 310 43.28 -6.60 22.39
CA VAL D 310 44.24 -6.92 21.34
C VAL D 310 44.27 -8.43 21.05
N GLY D 311 44.23 -9.24 22.11
CA GLY D 311 44.20 -10.70 21.99
C GLY D 311 42.98 -11.20 21.24
N GLY D 312 41.81 -10.70 21.63
CA GLY D 312 40.55 -11.02 20.94
C GLY D 312 40.54 -10.57 19.50
N LEU D 313 41.13 -9.41 19.24
CA LEU D 313 41.27 -8.88 17.88
C LEU D 313 42.16 -9.82 17.06
N ARG D 314 43.29 -10.22 17.63
CA ARG D 314 44.22 -11.17 17.00
C ARG D 314 43.54 -12.50 16.73
N SER D 315 42.79 -12.99 17.73
CA SER D 315 42.00 -14.21 17.59
C SER D 315 41.02 -14.12 16.43
N CYS D 316 40.33 -12.99 16.33
CA CYS D 316 39.36 -12.73 15.26
C CYS D 316 40.01 -12.85 13.89
N MET D 317 41.09 -12.09 13.70
CA MET D 317 41.84 -12.09 12.45
C MET D 317 42.51 -13.44 12.16
N GLY D 318 42.77 -14.19 13.23
CA GLY D 318 43.22 -15.58 13.11
C GLY D 318 42.14 -16.49 12.57
N TYR D 319 40.89 -16.26 12.98
CA TYR D 319 39.74 -17.02 12.49
C TYR D 319 39.47 -16.74 11.01
N LEU D 320 39.70 -15.50 10.59
CA LEU D 320 39.46 -15.09 9.22
C LEU D 320 40.72 -15.18 8.37
N GLY D 321 41.79 -15.66 9.00
CA GLY D 321 43.08 -15.86 8.32
C GLY D 321 43.63 -14.59 7.69
N SER D 322 43.55 -13.49 8.43
CA SER D 322 43.99 -12.19 7.93
C SER D 322 45.22 -11.70 8.72
N ALA D 323 46.32 -11.52 8.00
CA ALA D 323 47.59 -11.14 8.63
C ALA D 323 47.70 -9.63 8.88
N SER D 324 46.90 -8.86 8.15
CA SER D 324 46.82 -7.41 8.33
C SER D 324 45.38 -6.93 8.17
N ILE D 325 45.13 -5.68 8.52
CA ILE D 325 43.78 -5.11 8.40
C ILE D 325 43.37 -4.94 6.93
N GLU D 326 44.33 -4.67 6.06
CA GLU D 326 44.09 -4.65 4.61
C GLU D 326 43.63 -6.02 4.11
N GLU D 327 44.23 -7.09 4.66
CA GLU D 327 43.80 -8.46 4.38
C GLU D 327 42.39 -8.72 4.90
N LEU D 328 42.10 -8.19 6.09
CA LEU D 328 40.79 -8.32 6.72
C LEU D 328 39.67 -7.72 5.88
N TRP D 329 39.87 -6.51 5.37
CA TRP D 329 38.88 -5.86 4.51
C TRP D 329 38.57 -6.70 3.27
N LYS D 330 39.59 -7.29 2.68
CA LYS D 330 39.47 -8.03 1.43
C LYS D 330 38.80 -9.41 1.60
N LYS D 331 38.97 -10.02 2.77
CA LYS D 331 38.56 -11.41 2.97
C LYS D 331 37.33 -11.62 3.86
N SER D 332 36.89 -10.57 4.55
CA SER D 332 35.83 -10.71 5.57
C SER D 332 34.41 -10.78 5.01
N SER D 333 33.59 -11.61 5.66
CA SER D 333 32.17 -11.72 5.38
C SER D 333 31.43 -12.08 6.67
N TYR D 334 30.13 -11.80 6.72
CA TYR D 334 29.33 -12.01 7.93
C TYR D 334 27.92 -12.53 7.69
N VAL D 335 27.35 -13.15 8.72
CA VAL D 335 25.95 -13.58 8.73
C VAL D 335 25.12 -12.73 9.68
N GLU D 336 23.87 -12.47 9.30
CA GLU D 336 22.87 -11.90 10.21
C GLU D 336 22.43 -12.95 11.23
N ILE D 337 22.17 -12.52 12.46
CA ILE D 337 21.67 -13.43 13.51
C ILE D 337 20.46 -12.84 14.24
N THR D 338 19.65 -13.73 14.82
CA THR D 338 18.50 -13.30 15.62
C THR D 338 18.91 -13.19 17.09
N THR D 339 18.11 -12.47 17.88
CA THR D 339 18.44 -12.18 19.28
C THR D 339 18.38 -13.40 20.20
N GLY E 5 -0.52 5.77 -4.87
CA GLY E 5 0.54 6.74 -5.25
C GLY E 5 0.98 7.59 -4.08
N THR E 6 2.29 7.61 -3.83
CA THR E 6 2.86 8.37 -2.72
C THR E 6 3.50 9.69 -3.19
N LYS E 7 3.59 9.86 -4.50
CA LYS E 7 4.16 11.07 -5.09
C LYS E 7 3.05 11.93 -5.73
N ASN E 8 1.82 11.45 -5.63
CA ASN E 8 0.64 12.18 -6.08
C ASN E 8 0.30 13.28 -5.09
N ILE E 9 0.46 14.53 -5.52
CA ILE E 9 0.26 15.68 -4.62
C ILE E 9 -1.18 16.24 -4.68
N GLY E 10 -2.04 15.58 -5.46
CA GLY E 10 -3.44 15.97 -5.59
C GLY E 10 -3.96 15.82 -7.00
N LYS E 11 -5.23 16.17 -7.20
CA LYS E 11 -5.84 16.13 -8.53
C LYS E 11 -5.91 17.54 -9.12
N GLY E 12 -5.15 17.76 -10.19
CA GLY E 12 -5.09 19.07 -10.84
C GLY E 12 -6.34 19.37 -11.66
N LEU E 13 -6.74 20.64 -11.66
CA LEU E 13 -7.92 21.06 -12.40
C LEU E 13 -7.58 22.11 -13.47
N THR E 14 -8.11 21.91 -14.67
CA THR E 14 -7.95 22.85 -15.77
C THR E 14 -9.25 23.68 -15.96
N PHE E 15 -9.27 24.53 -16.98
CA PHE E 15 -10.43 25.38 -17.26
C PHE E 15 -11.70 24.59 -17.56
N GLU E 16 -11.56 23.49 -18.28
CA GLU E 16 -12.71 22.66 -18.68
C GLU E 16 -13.24 21.78 -17.54
N ASP E 17 -12.47 21.69 -16.46
CA ASP E 17 -12.85 20.87 -15.30
C ASP E 17 -13.90 21.54 -14.41
N ILE E 18 -13.94 22.87 -14.44
CA ILE E 18 -14.76 23.63 -13.50
C ILE E 18 -15.79 24.53 -14.18
N LEU E 19 -16.77 24.99 -13.40
CA LEU E 19 -17.69 26.04 -13.81
C LEU E 19 -17.96 26.96 -12.63
N LEU E 20 -17.99 28.27 -12.90
CA LEU E 20 -18.21 29.27 -11.86
C LEU E 20 -19.67 29.31 -11.40
N VAL E 21 -19.85 29.44 -10.08
CA VAL E 21 -21.16 29.44 -9.46
C VAL E 21 -21.68 30.88 -9.30
N PRO E 22 -22.91 31.16 -9.78
CA PRO E 22 -23.54 32.48 -9.67
C PRO E 22 -23.84 32.92 -8.23
N ASN E 23 -23.66 34.21 -7.98
CA ASN E 23 -23.98 34.82 -6.68
C ASN E 23 -25.13 35.81 -6.83
N TYR E 24 -25.57 36.39 -5.72
CA TYR E 24 -26.54 37.48 -5.76
C TYR E 24 -25.92 38.68 -6.48
N SER E 25 -26.66 39.27 -7.41
CA SER E 25 -26.13 40.35 -8.24
C SER E 25 -26.92 41.64 -8.17
N GLU E 26 -26.20 42.76 -8.21
CA GLU E 26 -26.78 44.09 -8.30
C GLU E 26 -26.17 44.83 -9.49
N VAL E 27 -24.98 44.40 -9.88
CA VAL E 27 -24.22 45.05 -10.95
C VAL E 27 -24.50 44.39 -12.29
N LEU E 28 -24.98 45.18 -13.26
CA LEU E 28 -25.18 44.73 -14.63
C LEU E 28 -23.84 44.72 -15.38
N PRO E 29 -23.69 43.82 -16.37
CA PRO E 29 -22.45 43.67 -17.15
C PRO E 29 -21.86 44.98 -17.69
N ARG E 30 -22.72 45.92 -18.08
CA ARG E 30 -22.29 47.21 -18.62
C ARG E 30 -21.75 48.16 -17.55
N GLU E 31 -22.01 47.84 -16.28
CA GLU E 31 -21.57 48.67 -15.15
C GLU E 31 -20.41 48.04 -14.38
N VAL E 32 -19.69 47.13 -15.04
CA VAL E 32 -18.59 46.41 -14.41
C VAL E 32 -17.25 47.09 -14.73
N SER E 33 -16.49 47.38 -13.68
CA SER E 33 -15.13 47.87 -13.82
C SER E 33 -14.20 46.68 -14.11
N LEU E 34 -13.51 46.73 -15.24
CA LEU E 34 -12.59 45.66 -15.64
C LEU E 34 -11.13 46.00 -15.33
N GLU E 35 -10.93 47.07 -14.58
CA GLU E 35 -9.59 47.54 -14.23
C GLU E 35 -8.83 46.56 -13.34
N THR E 36 -7.56 46.35 -13.68
CA THR E 36 -6.71 45.43 -12.93
C THR E 36 -5.28 45.95 -12.87
N LYS E 37 -4.47 45.32 -12.02
CA LYS E 37 -3.05 45.62 -11.94
C LYS E 37 -2.27 44.63 -12.79
N LEU E 38 -1.44 45.15 -13.70
CA LEU E 38 -0.52 44.32 -14.48
C LEU E 38 0.67 43.93 -13.62
N THR E 39 1.36 44.95 -13.11
CA THR E 39 2.39 44.78 -12.09
C THR E 39 1.98 45.57 -10.85
N LYS E 40 2.92 45.78 -9.93
CA LYS E 40 2.66 46.57 -8.72
C LYS E 40 2.52 48.06 -9.02
N ASN E 41 3.05 48.49 -10.16
CA ASN E 41 3.08 49.90 -10.53
C ASN E 41 2.36 50.23 -11.84
N VAL E 42 2.16 49.20 -12.67
CA VAL E 42 1.42 49.36 -13.92
C VAL E 42 0.06 48.67 -13.81
N SER E 43 -0.98 49.38 -14.23
CA SER E 43 -2.35 48.86 -14.20
C SER E 43 -3.06 49.06 -15.53
N LEU E 44 -4.01 48.17 -15.84
CA LEU E 44 -4.68 48.14 -17.13
C LEU E 44 -6.19 48.38 -17.04
N LYS E 45 -6.76 48.90 -18.12
CA LYS E 45 -8.21 49.09 -18.21
C LYS E 45 -8.95 47.78 -18.45
N ILE E 46 -8.38 46.91 -19.29
CA ILE E 46 -8.88 45.54 -19.46
C ILE E 46 -7.77 44.52 -19.17
N PRO E 47 -8.13 43.38 -18.53
CA PRO E 47 -7.14 42.41 -18.07
C PRO E 47 -6.59 41.49 -19.16
N LEU E 48 -6.44 42.01 -20.38
CA LEU E 48 -5.95 41.21 -21.50
C LEU E 48 -4.55 41.61 -21.95
N ILE E 49 -3.72 40.60 -22.21
CA ILE E 49 -2.36 40.78 -22.71
C ILE E 49 -2.14 39.88 -23.91
N SER E 50 -1.61 40.44 -24.98
CA SER E 50 -1.22 39.65 -26.15
C SER E 50 0.16 39.03 -25.95
N SER E 51 0.27 37.75 -26.24
CA SER E 51 1.45 36.93 -25.92
C SER E 51 2.75 37.39 -26.57
N ALA E 52 3.88 36.93 -26.00
CA ALA E 52 5.20 37.19 -26.55
C ALA E 52 5.59 36.10 -27.53
N MET E 53 4.85 36.01 -28.63
CA MET E 53 5.10 35.02 -29.68
C MET E 53 5.23 35.72 -31.03
N ASP E 54 6.12 35.22 -31.87
CA ASP E 54 6.36 35.82 -33.19
C ASP E 54 5.16 35.72 -34.13
N THR E 55 4.22 34.84 -33.78
CA THR E 55 3.00 34.64 -34.58
C THR E 55 1.83 35.51 -34.11
N VAL E 56 1.99 36.18 -32.96
CA VAL E 56 0.90 36.99 -32.41
C VAL E 56 1.16 38.49 -32.25
N THR E 57 2.28 38.85 -31.62
CA THR E 57 2.48 40.25 -31.22
C THR E 57 3.77 40.90 -31.73
N GLU E 58 3.57 41.89 -32.59
CA GLU E 58 4.63 42.85 -32.95
C GLU E 58 4.09 44.25 -32.70
N HIS E 59 4.53 45.23 -33.47
CA HIS E 59 4.10 46.62 -33.25
C HIS E 59 2.64 46.87 -33.63
N LEU E 60 2.16 46.13 -34.64
CA LEU E 60 0.79 46.30 -35.14
C LEU E 60 -0.26 45.75 -34.16
N MET E 61 0.11 44.69 -33.45
CA MET E 61 -0.77 44.07 -32.44
C MET E 61 -0.78 44.88 -31.14
N ALA E 62 0.39 45.37 -30.73
CA ALA E 62 0.55 46.14 -29.50
C ALA E 62 -0.19 47.47 -29.51
N VAL E 63 -0.27 48.09 -30.69
CA VAL E 63 -1.04 49.34 -30.88
C VAL E 63 -2.53 49.08 -30.69
N GLY E 64 -3.00 47.96 -31.25
CA GLY E 64 -4.40 47.54 -31.11
C GLY E 64 -4.77 47.24 -29.67
N MET E 65 -3.85 46.60 -28.95
CA MET E 65 -4.08 46.23 -27.55
C MET E 65 -4.16 47.45 -26.64
N ALA E 66 -3.28 48.42 -26.88
CA ALA E 66 -3.20 49.63 -26.07
C ALA E 66 -4.43 50.52 -26.22
N ARG E 67 -4.99 50.55 -27.44
CA ARG E 67 -6.18 51.34 -27.75
C ARG E 67 -7.45 50.73 -27.17
N LEU E 68 -7.40 49.45 -26.80
CA LEU E 68 -8.55 48.73 -26.25
C LEU E 68 -8.54 48.65 -24.72
N GLY E 69 -7.36 48.86 -24.12
CA GLY E 69 -7.23 48.89 -22.67
C GLY E 69 -6.06 48.11 -22.12
N GLY E 70 -5.70 47.03 -22.79
CA GLY E 70 -4.59 46.18 -22.37
C GLY E 70 -3.27 46.60 -22.97
N ILE E 71 -2.31 45.68 -23.02
CA ILE E 71 -1.00 45.92 -23.62
C ILE E 71 -0.51 44.72 -24.44
N GLY E 72 0.54 44.94 -25.21
CA GLY E 72 1.19 43.88 -25.98
C GLY E 72 2.63 43.66 -25.57
N ILE E 73 3.06 42.41 -25.61
CA ILE E 73 4.45 42.05 -25.33
C ILE E 73 5.13 41.57 -26.62
N ILE E 74 6.09 42.36 -27.10
CA ILE E 74 6.84 42.01 -28.31
C ILE E 74 7.81 40.86 -28.02
N HIS E 75 7.82 39.88 -28.93
CA HIS E 75 8.64 38.68 -28.79
C HIS E 75 10.15 38.95 -28.87
N LYS E 76 10.94 37.94 -28.47
CA LYS E 76 12.40 38.06 -28.45
C LYS E 76 13.08 37.32 -29.62
N ASN E 77 12.30 36.93 -30.63
CA ASN E 77 12.82 36.23 -31.80
C ASN E 77 13.24 37.16 -32.94
N MET E 78 14.02 38.19 -32.60
CA MET E 78 14.57 39.14 -33.57
C MET E 78 15.83 39.80 -33.03
N ASP E 79 16.43 40.68 -33.83
CA ASP E 79 17.62 41.43 -33.43
C ASP E 79 17.30 42.43 -32.33
N MET E 80 18.29 42.73 -31.49
CA MET E 80 18.14 43.68 -30.39
C MET E 80 17.68 45.05 -30.89
N GLU E 81 18.30 45.53 -31.95
CA GLU E 81 17.95 46.82 -32.56
C GLU E 81 16.59 46.77 -33.24
N SER E 82 16.21 45.60 -33.74
CA SER E 82 14.90 45.39 -34.36
C SER E 82 13.79 45.46 -33.32
N GLN E 83 14.03 44.85 -32.16
CA GLN E 83 13.06 44.84 -31.06
C GLN E 83 12.83 46.25 -30.50
N VAL E 84 13.91 47.04 -30.46
CA VAL E 84 13.83 48.45 -30.06
C VAL E 84 13.08 49.26 -31.12
N ASN E 85 13.27 48.91 -32.39
CA ASN E 85 12.57 49.54 -33.49
C ASN E 85 11.07 49.24 -33.49
N GLU E 86 10.71 48.09 -32.91
CA GLU E 86 9.31 47.68 -32.79
C GLU E 86 8.59 48.44 -31.69
N VAL E 87 9.26 48.62 -30.54
CA VAL E 87 8.68 49.28 -29.38
C VAL E 87 8.56 50.80 -29.57
N LEU E 88 9.42 51.37 -30.42
CA LEU E 88 9.39 52.80 -30.70
C LEU E 88 8.26 53.19 -31.66
N LYS E 89 7.83 52.25 -32.48
CA LYS E 89 6.73 52.46 -33.43
C LYS E 89 5.40 52.74 -32.73
N VAL E 90 5.23 52.17 -31.53
CA VAL E 90 4.02 52.35 -30.73
C VAL E 90 3.97 53.76 -30.14
N LYS E 91 5.15 54.31 -29.86
CA LYS E 91 5.29 55.64 -29.24
C LYS E 91 4.77 56.78 -30.13
N ASN E 92 4.73 56.54 -31.44
CA ASN E 92 4.20 57.52 -32.40
C ASN E 92 2.68 57.64 -32.34
N SER E 93 2.19 58.86 -32.61
CA SER E 93 0.75 59.18 -32.60
C SER E 93 0.04 58.73 -31.33
N GLY E 94 0.47 59.27 -30.19
CA GLY E 94 -0.08 58.92 -28.89
C GLY E 94 0.88 58.09 -28.05
N GLY E 95 1.05 58.49 -26.80
CA GLY E 95 1.94 57.79 -25.87
C GLY E 95 1.32 56.50 -25.34
N LEU E 96 1.17 55.52 -26.23
CA LEU E 96 0.55 54.23 -25.90
C LEU E 96 1.55 53.31 -25.20
N ARG E 97 1.07 52.63 -24.16
CA ARG E 97 1.91 51.73 -23.35
C ARG E 97 2.14 50.40 -24.05
N VAL E 98 3.32 49.82 -23.84
CA VAL E 98 3.73 48.59 -24.53
C VAL E 98 4.88 47.88 -23.81
N GLY E 99 4.87 46.54 -23.84
CA GLY E 99 5.91 45.73 -23.21
C GLY E 99 6.80 44.97 -24.19
N ALA E 100 7.80 44.27 -23.65
CA ALA E 100 8.76 43.50 -24.46
C ALA E 100 9.38 42.35 -23.68
N ALA E 101 9.70 41.26 -24.37
CA ALA E 101 10.24 40.06 -23.75
C ALA E 101 11.77 40.01 -23.72
N ILE E 102 12.32 39.27 -22.75
CA ILE E 102 13.76 39.12 -22.58
C ILE E 102 14.16 37.65 -22.34
N GLY E 103 15.39 37.31 -22.70
CA GLY E 103 15.91 35.95 -22.54
C GLY E 103 16.29 35.58 -21.12
N VAL E 104 17.06 34.50 -20.99
CA VAL E 104 17.38 33.90 -19.67
C VAL E 104 18.64 34.46 -19.01
N ASN E 105 19.57 34.99 -19.82
CA ASN E 105 20.82 35.55 -19.30
C ASN E 105 21.27 36.78 -20.08
N GLU E 106 20.31 37.44 -20.73
CA GLU E 106 20.59 38.61 -21.56
C GLU E 106 20.28 39.89 -20.80
N ILE E 107 21.30 40.74 -20.64
CA ILE E 107 21.18 41.98 -19.88
C ILE E 107 21.21 43.20 -20.79
N GLU E 108 21.98 43.10 -21.90
CA GLU E 108 22.13 44.20 -22.85
C GLU E 108 20.84 44.50 -23.60
N ARG E 109 20.16 43.45 -24.08
CA ARG E 109 18.86 43.59 -24.76
C ARG E 109 17.84 44.26 -23.84
N ALA E 110 17.85 43.87 -22.56
CA ALA E 110 16.97 44.45 -21.56
C ALA E 110 17.26 45.93 -21.32
N LYS E 111 18.54 46.27 -21.22
CA LYS E 111 19.00 47.64 -20.98
C LYS E 111 18.61 48.58 -22.11
N LEU E 112 18.69 48.08 -23.35
CA LEU E 112 18.36 48.86 -24.54
C LEU E 112 16.90 49.27 -24.60
N LEU E 113 16.01 48.37 -24.16
CA LEU E 113 14.56 48.57 -24.23
C LEU E 113 14.05 49.64 -23.26
N VAL E 114 14.68 49.73 -22.09
CA VAL E 114 14.33 50.74 -21.09
C VAL E 114 14.63 52.15 -21.64
N GLU E 115 15.76 52.27 -22.33
CA GLU E 115 16.17 53.54 -22.94
C GLU E 115 15.22 53.97 -24.07
N ALA E 116 14.54 53.00 -24.67
CA ALA E 116 13.54 53.27 -25.70
C ALA E 116 12.24 53.81 -25.10
N GLY E 117 11.89 53.32 -23.92
CA GLY E 117 10.71 53.79 -23.20
C GLY E 117 9.68 52.70 -22.90
N VAL E 118 10.17 51.48 -22.71
CA VAL E 118 9.30 50.34 -22.43
C VAL E 118 8.64 50.46 -21.04
N ASP E 119 7.39 50.02 -20.95
CA ASP E 119 6.63 50.11 -19.71
C ASP E 119 6.92 48.96 -18.75
N VAL E 120 7.07 47.76 -19.31
CA VAL E 120 7.36 46.56 -18.53
C VAL E 120 8.15 45.54 -19.36
N ILE E 121 9.05 44.80 -18.71
CA ILE E 121 9.83 43.76 -19.36
C ILE E 121 9.43 42.39 -18.81
N VAL E 122 9.17 41.45 -19.71
CA VAL E 122 8.79 40.09 -19.34
C VAL E 122 9.97 39.13 -19.48
N LEU E 123 10.47 38.65 -18.34
CA LEU E 123 11.56 37.68 -18.32
C LEU E 123 11.01 36.30 -18.64
N ASP E 124 11.15 35.90 -19.90
CA ASP E 124 10.52 34.70 -20.44
C ASP E 124 11.43 33.48 -20.38
N SER E 125 10.90 32.39 -19.83
CA SER E 125 11.61 31.11 -19.74
C SER E 125 10.62 29.94 -19.72
N ALA E 126 11.05 28.81 -20.28
CA ALA E 126 10.27 27.58 -20.25
C ALA E 126 10.10 27.07 -18.83
N HIS E 127 11.14 27.25 -18.02
CA HIS E 127 11.11 26.92 -16.60
C HIS E 127 11.63 28.10 -15.78
N GLY E 128 10.69 28.86 -15.22
CA GLY E 128 11.00 30.11 -14.52
C GLY E 128 11.71 29.97 -13.18
N HIS E 129 11.54 28.82 -12.54
CA HIS E 129 12.15 28.58 -11.24
C HIS E 129 13.51 27.90 -11.36
N SER E 130 14.51 28.69 -11.75
CA SER E 130 15.89 28.21 -11.90
C SER E 130 16.90 29.27 -11.46
N LEU E 131 18.14 28.85 -11.26
CA LEU E 131 19.24 29.75 -10.89
C LEU E 131 19.44 30.87 -11.92
N ASN E 132 19.37 30.52 -13.20
CA ASN E 132 19.61 31.43 -14.31
C ASN E 132 18.68 32.65 -14.32
N ILE E 133 17.45 32.45 -13.83
CA ILE E 133 16.46 33.52 -13.77
C ILE E 133 16.68 34.44 -12.57
N ILE E 134 16.91 33.84 -11.40
CA ILE E 134 17.14 34.58 -10.15
C ILE E 134 18.30 35.56 -10.28
N ARG E 135 19.38 35.12 -10.92
CA ARG E 135 20.55 35.96 -11.19
C ARG E 135 20.23 37.11 -12.16
N THR E 136 19.38 36.82 -13.14
CA THR E 136 18.98 37.83 -14.14
C THR E 136 18.04 38.86 -13.54
N LEU E 137 17.18 38.42 -12.63
CA LEU E 137 16.19 39.30 -11.99
C LEU E 137 16.86 40.45 -11.23
N LYS E 138 17.79 40.11 -10.34
CA LYS E 138 18.50 41.11 -9.54
C LYS E 138 19.51 41.92 -10.37
N GLU E 139 19.95 41.35 -11.49
CA GLU E 139 20.84 42.04 -12.43
C GLU E 139 20.11 43.22 -13.07
N ILE E 140 18.86 42.99 -13.48
CA ILE E 140 18.01 44.05 -14.04
C ILE E 140 17.58 45.03 -12.96
N LYS E 141 17.32 44.51 -11.76
CA LYS E 141 16.87 45.33 -10.64
C LYS E 141 17.94 46.25 -10.06
N SER E 142 19.18 45.75 -9.95
CA SER E 142 20.28 46.55 -9.41
C SER E 142 20.82 47.58 -10.42
N LYS E 143 20.63 47.32 -11.71
CA LYS E 143 21.07 48.23 -12.77
C LYS E 143 19.96 49.20 -13.19
N MET E 144 18.79 48.66 -13.52
CA MET E 144 17.68 49.44 -14.07
C MET E 144 16.56 49.64 -13.06
N ASN E 145 15.57 50.45 -13.43
CA ASN E 145 14.50 50.86 -12.52
C ASN E 145 13.11 50.31 -12.87
N ILE E 146 12.94 49.87 -14.11
CA ILE E 146 11.64 49.48 -14.64
C ILE E 146 11.09 48.17 -14.06
N ASP E 147 9.78 47.96 -14.25
CA ASP E 147 9.08 46.77 -13.76
C ASP E 147 9.50 45.50 -14.52
N VAL E 148 9.42 44.36 -13.83
CA VAL E 148 9.82 43.07 -14.40
C VAL E 148 8.78 41.98 -14.14
N ILE E 149 8.26 41.39 -15.21
CA ILE E 149 7.37 40.23 -15.12
C ILE E 149 8.19 38.94 -15.29
N VAL E 150 8.06 38.02 -14.34
CA VAL E 150 8.88 36.80 -14.33
C VAL E 150 8.04 35.55 -14.57
N GLY E 151 8.44 34.73 -15.53
CA GLY E 151 7.76 33.48 -15.85
C GLY E 151 8.66 32.43 -16.50
N ASN E 152 8.18 31.19 -16.55
CA ASN E 152 6.86 30.80 -16.05
C ASN E 152 6.92 29.93 -14.80
N VAL E 153 5.93 30.09 -13.93
CA VAL E 153 5.89 29.44 -12.63
C VAL E 153 4.57 28.69 -12.42
N VAL E 154 4.59 27.66 -11.57
CA VAL E 154 3.39 26.88 -11.25
C VAL E 154 3.24 26.52 -9.76
N THR E 155 4.28 26.77 -8.98
CA THR E 155 4.30 26.33 -7.57
C THR E 155 4.41 27.49 -6.56
N GLU E 156 4.09 27.18 -5.30
CA GLU E 156 4.15 28.17 -4.21
C GLU E 156 5.58 28.58 -3.87
N GLU E 157 6.48 27.59 -3.78
CA GLU E 157 7.89 27.84 -3.46
C GLU E 157 8.56 28.70 -4.52
N ALA E 158 8.09 28.58 -5.76
CA ALA E 158 8.64 29.32 -6.89
C ALA E 158 8.25 30.80 -6.87
N THR E 159 6.97 31.07 -6.60
CA THR E 159 6.47 32.45 -6.59
C THR E 159 6.95 33.24 -5.38
N LYS E 160 7.08 32.58 -4.23
CA LYS E 160 7.56 33.19 -3.00
C LYS E 160 8.99 33.71 -3.17
N GLU E 161 9.86 32.85 -3.69
CA GLU E 161 11.29 33.14 -3.86
C GLU E 161 11.53 34.28 -4.85
N LEU E 162 10.73 34.33 -5.92
CA LEU E 162 10.89 35.35 -6.96
C LEU E 162 10.46 36.74 -6.48
N ILE E 163 9.32 36.82 -5.78
CA ILE E 163 8.81 38.09 -5.27
C ILE E 163 9.79 38.71 -4.26
N GLU E 164 10.41 37.86 -3.45
CA GLU E 164 11.45 38.29 -2.50
C GLU E 164 12.70 38.78 -3.21
N ASN E 165 12.97 38.23 -4.40
CA ASN E 165 14.07 38.70 -5.24
C ASN E 165 13.74 39.95 -6.06
N GLY E 166 12.51 40.44 -5.90
CA GLY E 166 12.10 41.71 -6.50
C GLY E 166 11.18 41.61 -7.69
N ALA E 167 10.47 40.49 -7.83
CA ALA E 167 9.53 40.30 -8.93
C ALA E 167 8.32 41.22 -8.74
N ASP E 168 8.06 42.05 -9.75
CA ASP E 168 6.96 43.01 -9.71
C ASP E 168 5.63 42.40 -10.20
N GLY E 169 5.71 41.18 -10.70
CA GLY E 169 4.53 40.44 -11.17
C GLY E 169 4.96 39.18 -11.89
N ILE E 170 4.52 38.03 -11.38
CA ILE E 170 4.88 36.74 -11.99
C ILE E 170 3.77 36.19 -12.89
N LYS E 171 4.15 35.51 -13.97
CA LYS E 171 3.17 34.86 -14.83
C LYS E 171 3.17 33.33 -14.66
N VAL E 172 1.96 32.77 -14.66
CA VAL E 172 1.75 31.37 -14.31
C VAL E 172 1.32 30.56 -15.54
N GLY E 173 2.01 29.44 -15.77
CA GLY E 173 1.66 28.54 -16.85
C GLY E 173 2.84 27.79 -17.46
N ILE E 174 3.03 26.55 -17.02
CA ILE E 174 3.99 25.64 -17.65
C ILE E 174 3.23 24.47 -18.28
N GLY E 175 3.25 24.42 -19.61
CA GLY E 175 2.59 23.38 -20.39
C GLY E 175 1.09 23.25 -20.16
N PRO E 176 0.32 24.31 -20.46
CA PRO E 176 -1.13 24.27 -20.27
C PRO E 176 -1.89 23.93 -21.56
N CYS E 180 -0.62 20.94 -26.83
CA CYS E 180 0.51 21.27 -25.98
C CYS E 180 1.76 20.46 -26.35
N THR E 181 2.93 20.99 -26.02
CA THR E 181 4.20 20.34 -26.38
C THR E 181 5.04 19.88 -25.18
N THR E 182 5.09 20.71 -24.12
CA THR E 182 5.80 20.36 -22.89
C THR E 182 5.09 19.19 -22.20
N ARG E 183 3.78 19.10 -22.40
CA ARG E 183 2.95 18.01 -21.91
C ARG E 183 3.42 16.67 -22.48
N ILE E 184 3.90 16.69 -23.72
CA ILE E 184 4.22 15.50 -24.48
C ILE E 184 5.73 15.18 -24.51
N VAL E 185 6.54 16.21 -24.80
CA VAL E 185 7.99 16.05 -24.92
C VAL E 185 8.65 15.76 -23.56
N ALA E 186 8.37 16.62 -22.58
CA ALA E 186 8.93 16.47 -21.25
C ALA E 186 8.02 15.69 -20.30
N GLY E 187 6.71 15.73 -20.57
CA GLY E 187 5.73 15.10 -19.69
C GLY E 187 5.61 15.87 -18.39
N VAL E 188 5.73 17.20 -18.50
CA VAL E 188 5.80 18.10 -17.36
C VAL E 188 4.77 19.21 -17.50
N GLY E 189 4.07 19.51 -16.40
CA GLY E 189 3.10 20.60 -16.39
C GLY E 189 2.12 20.55 -15.23
N VAL E 190 1.45 21.66 -15.00
CA VAL E 190 0.39 21.77 -14.00
C VAL E 190 -0.83 22.43 -14.65
N PRO E 191 -2.02 21.80 -14.53
CA PRO E 191 -3.29 22.37 -14.99
C PRO E 191 -3.53 23.76 -14.41
N GLN E 192 -4.04 24.67 -15.24
CA GLN E 192 -4.05 26.11 -14.94
C GLN E 192 -4.81 26.55 -13.68
N ILE E 193 -6.02 26.04 -13.47
CA ILE E 193 -6.81 26.44 -12.29
C ILE E 193 -6.04 26.15 -11.00
N THR E 194 -5.50 24.93 -10.89
CA THR E 194 -4.67 24.53 -9.76
C THR E 194 -3.37 25.34 -9.73
N ALA E 195 -2.84 25.65 -10.91
CA ALA E 195 -1.60 26.43 -11.04
C ALA E 195 -1.77 27.87 -10.54
N ILE E 196 -2.87 28.51 -10.93
CA ILE E 196 -3.16 29.88 -10.49
C ILE E 196 -3.44 29.95 -8.99
N GLU E 197 -4.28 29.04 -8.50
CA GLU E 197 -4.67 28.99 -7.09
C GLU E 197 -3.48 28.91 -6.14
N LYS E 198 -2.55 27.99 -6.43
CA LYS E 198 -1.34 27.80 -5.62
C LYS E 198 -0.51 29.08 -5.54
N CYS E 199 -0.28 29.70 -6.70
CA CYS E 199 0.53 30.91 -6.79
C CYS E 199 -0.18 32.15 -6.22
N SER E 200 -1.50 32.19 -6.35
CA SER E 200 -2.30 33.31 -5.83
C SER E 200 -2.31 33.38 -4.30
N SER E 201 -2.28 32.22 -3.66
CA SER E 201 -2.25 32.14 -2.20
C SER E 201 -0.98 32.74 -1.60
N VAL E 202 -0.01 33.04 -2.46
CA VAL E 202 1.25 33.65 -2.05
C VAL E 202 1.40 35.06 -2.62
N ALA E 203 1.15 35.21 -3.92
CA ALA E 203 1.37 36.47 -4.63
C ALA E 203 0.45 37.61 -4.18
N SER E 204 -0.79 37.26 -3.81
CA SER E 204 -1.76 38.26 -3.35
C SER E 204 -1.39 38.87 -2.02
N LYS E 205 -0.64 38.11 -1.21
CA LYS E 205 -0.19 38.57 0.11
C LYS E 205 0.80 39.72 0.02
N PHE E 206 1.60 39.74 -1.04
CA PHE E 206 2.57 40.80 -1.28
C PHE E 206 2.01 41.91 -2.18
N GLY E 207 0.75 41.76 -2.58
CA GLY E 207 0.12 42.70 -3.51
C GLY E 207 0.67 42.57 -4.92
N ILE E 208 1.15 41.37 -5.24
CA ILE E 208 1.76 41.09 -6.53
C ILE E 208 0.78 40.37 -7.45
N PRO E 209 0.50 40.95 -8.63
CA PRO E 209 -0.45 40.40 -9.61
C PRO E 209 -0.01 39.07 -10.23
N ILE E 210 -1.00 38.28 -10.65
CA ILE E 210 -0.76 37.02 -11.33
C ILE E 210 -1.22 37.15 -12.78
N ILE E 211 -0.35 36.76 -13.71
CA ILE E 211 -0.69 36.72 -15.12
C ILE E 211 -0.92 35.26 -15.53
N ALA E 212 -2.16 34.94 -15.90
CA ALA E 212 -2.50 33.60 -16.37
C ALA E 212 -2.08 33.45 -17.84
N ASP E 213 -1.04 32.64 -18.05
CA ASP E 213 -0.45 32.48 -19.38
C ASP E 213 -0.72 31.08 -19.95
N GLY E 214 -1.44 31.03 -21.05
CA GLY E 214 -1.72 29.78 -21.75
C GLY E 214 -2.99 29.07 -21.32
N GLY E 215 -3.59 28.33 -22.24
CA GLY E 215 -4.77 27.52 -21.94
C GLY E 215 -6.09 28.16 -22.28
N ILE E 216 -6.11 29.48 -22.41
CA ILE E 216 -7.33 30.23 -22.72
C ILE E 216 -7.77 29.95 -24.16
N ARG E 217 -8.88 29.23 -24.28
CA ARG E 217 -9.45 28.89 -25.59
C ARG E 217 -10.79 29.61 -25.83
N TYR E 218 -11.45 29.99 -24.74
CA TYR E 218 -12.75 30.66 -24.81
C TYR E 218 -12.81 31.89 -23.89
N SER E 219 -13.83 32.71 -24.07
CA SER E 219 -14.02 33.91 -23.25
C SER E 219 -14.38 33.57 -21.80
N GLY E 220 -15.02 32.43 -21.60
CA GLY E 220 -15.36 31.95 -20.26
C GLY E 220 -14.14 31.57 -19.44
N ASP E 221 -13.09 31.13 -20.12
CA ASP E 221 -11.83 30.75 -19.48
C ASP E 221 -11.16 31.94 -18.78
N ILE E 222 -11.32 33.14 -19.34
CA ILE E 222 -10.78 34.36 -18.76
C ILE E 222 -11.41 34.63 -17.39
N GLY E 223 -12.74 34.50 -17.33
CA GLY E 223 -13.47 34.62 -16.08
C GLY E 223 -13.01 33.62 -15.04
N LYS E 224 -12.85 32.37 -15.46
CA LYS E 224 -12.38 31.30 -14.59
C LYS E 224 -10.98 31.58 -14.04
N ALA E 225 -10.09 32.04 -14.92
CA ALA E 225 -8.71 32.36 -14.54
C ALA E 225 -8.67 33.50 -13.53
N LEU E 226 -9.37 34.59 -13.83
CA LEU E 226 -9.39 35.77 -12.97
C LEU E 226 -10.06 35.52 -11.62
N ALA E 227 -11.22 34.88 -11.65
CA ALA E 227 -12.00 34.61 -10.43
C ALA E 227 -11.25 33.73 -9.42
N VAL E 228 -10.41 32.84 -9.95
CA VAL E 228 -9.72 31.87 -9.12
C VAL E 228 -8.43 32.42 -8.50
N GLY E 229 -8.00 33.60 -8.95
CA GLY E 229 -6.86 34.29 -8.36
C GLY E 229 -6.08 35.25 -9.24
N ALA E 230 -6.21 35.10 -10.56
CA ALA E 230 -5.43 35.89 -11.51
C ALA E 230 -5.89 37.36 -11.58
N SER E 231 -4.94 38.24 -11.93
CA SER E 231 -5.21 39.65 -12.11
C SER E 231 -5.37 40.00 -13.59
N SER E 232 -4.53 39.40 -14.43
CA SER E 232 -4.61 39.58 -15.88
C SER E 232 -4.40 38.26 -16.61
N VAL E 233 -4.83 38.20 -17.87
CA VAL E 233 -4.74 36.98 -18.68
C VAL E 233 -3.97 37.23 -19.97
N MET E 234 -2.94 36.42 -20.20
CA MET E 234 -2.17 36.45 -21.43
C MET E 234 -2.78 35.51 -22.48
N ILE E 235 -3.09 36.05 -23.65
CA ILE E 235 -3.73 35.29 -24.73
C ILE E 235 -2.90 35.30 -26.02
N GLY E 236 -2.73 34.12 -26.61
CA GLY E 236 -1.94 33.97 -27.84
C GLY E 236 -2.72 33.37 -28.99
N SER E 237 -2.99 32.07 -28.89
CA SER E 237 -3.75 31.30 -29.89
C SER E 237 -4.99 32.03 -30.41
N ILE E 238 -5.65 32.75 -29.52
CA ILE E 238 -6.87 33.50 -29.85
C ILE E 238 -6.63 34.67 -30.81
N LEU E 239 -5.42 35.23 -30.78
CA LEU E 239 -5.09 36.42 -31.58
C LEU E 239 -4.19 36.12 -32.79
N ALA E 240 -3.78 34.86 -32.93
CA ALA E 240 -2.80 34.45 -33.95
C ALA E 240 -3.22 34.73 -35.40
N GLY E 241 -4.51 34.61 -35.70
CA GLY E 241 -4.99 34.74 -37.07
C GLY E 241 -5.58 36.08 -37.45
N THR E 242 -5.57 37.02 -36.50
CA THR E 242 -6.16 38.35 -36.72
C THR E 242 -5.33 39.18 -37.71
N GLU E 243 -5.95 40.25 -38.23
CA GLU E 243 -5.29 41.14 -39.20
C GLU E 243 -4.03 41.80 -38.62
N GLU E 244 -4.07 42.13 -37.33
CA GLU E 244 -2.98 42.81 -36.65
C GLU E 244 -1.80 41.88 -36.33
N SER E 245 -1.92 40.62 -36.73
CA SER E 245 -0.89 39.61 -36.49
C SER E 245 0.29 39.79 -37.46
N PRO E 246 1.51 39.40 -37.05
CA PRO E 246 2.75 39.63 -37.80
C PRO E 246 2.84 38.99 -39.19
N GLY E 247 2.10 37.90 -39.42
CA GLY E 247 2.19 37.15 -40.68
C GLY E 247 1.61 37.83 -41.91
N GLU E 248 1.57 37.10 -43.02
CA GLU E 248 1.01 37.59 -44.29
C GLU E 248 -0.13 36.71 -44.79
N LYS E 249 -1.15 37.34 -45.38
CA LYS E 249 -2.32 36.64 -45.90
C LYS E 249 -1.98 35.65 -47.01
N GLU E 250 -2.61 34.48 -46.97
CA GLU E 250 -2.38 33.41 -47.92
C GLU E 250 -3.68 32.66 -48.18
N LEU E 251 -4.08 32.58 -49.46
CA LEU E 251 -5.33 31.91 -49.84
C LEU E 251 -5.08 30.45 -50.21
N ILE E 252 -5.69 29.54 -49.46
CA ILE E 252 -5.60 28.10 -49.72
C ILE E 252 -7.00 27.52 -49.91
N GLY E 253 -7.27 27.03 -51.11
CA GLY E 253 -8.58 26.49 -51.47
C GLY E 253 -9.60 27.58 -51.66
N ASP E 254 -10.24 27.98 -50.57
CA ASP E 254 -11.23 29.07 -50.59
C ASP E 254 -11.09 29.96 -49.34
N THR E 255 -10.39 29.46 -48.33
CA THR E 255 -10.21 30.16 -47.06
C THR E 255 -8.83 30.81 -46.93
N VAL E 256 -8.78 31.91 -46.19
CA VAL E 256 -7.55 32.68 -45.99
C VAL E 256 -6.76 32.18 -44.77
N TYR E 257 -5.44 32.18 -44.89
CA TYR E 257 -4.53 31.80 -43.81
C TYR E 257 -3.46 32.88 -43.63
N LYS E 258 -2.61 32.73 -42.62
CA LYS E 258 -1.53 33.68 -42.37
C LYS E 258 -0.14 33.03 -42.36
N TYR E 259 0.85 33.76 -42.87
CA TYR E 259 2.25 33.32 -43.00
C TYR E 259 2.38 32.08 -43.88
N ARG E 295 1.16 29.92 -40.21
CA ARG E 295 0.33 28.89 -40.82
C ARG E 295 -0.91 28.60 -39.98
N VAL E 296 -1.78 29.61 -39.86
CA VAL E 296 -3.03 29.49 -39.10
C VAL E 296 -4.18 30.23 -39.82
N LYS E 297 -5.41 29.79 -39.55
CA LYS E 297 -6.60 30.37 -40.19
C LYS E 297 -6.80 31.84 -39.84
N TYR E 298 -7.15 32.63 -40.84
CA TYR E 298 -7.40 34.07 -40.69
C TYR E 298 -8.64 34.32 -39.86
N LYS E 299 -8.48 35.08 -38.77
CA LYS E 299 -9.54 35.30 -37.79
C LYS E 299 -10.28 36.63 -37.96
N GLY E 300 -9.95 37.35 -39.02
CA GLY E 300 -10.59 38.64 -39.32
C GLY E 300 -10.01 39.79 -38.53
N GLU E 301 -10.87 40.73 -38.14
CA GLU E 301 -10.46 41.89 -37.35
C GLU E 301 -10.20 41.53 -35.89
N MET E 302 -9.24 42.23 -35.29
CA MET E 302 -8.82 42.00 -33.91
C MET E 302 -9.85 42.57 -32.92
N GLU E 303 -10.38 43.74 -33.23
CA GLU E 303 -11.31 44.45 -32.35
C GLU E 303 -12.58 43.65 -32.03
N GLY E 304 -13.06 42.89 -33.00
CA GLY E 304 -14.24 42.04 -32.82
C GLY E 304 -13.98 40.82 -31.95
N VAL E 305 -12.74 40.33 -32.00
CA VAL E 305 -12.34 39.17 -31.19
C VAL E 305 -12.18 39.57 -29.72
N VAL E 306 -11.53 40.72 -29.49
CA VAL E 306 -11.33 41.25 -28.14
C VAL E 306 -12.66 41.66 -27.49
N TYR E 307 -13.55 42.23 -28.29
CA TYR E 307 -14.87 42.66 -27.81
C TYR E 307 -15.71 41.51 -27.29
N GLN E 308 -15.60 40.35 -27.95
CA GLN E 308 -16.29 39.13 -27.52
C GLN E 308 -15.76 38.63 -26.19
N LEU E 309 -14.44 38.71 -26.01
CA LEU E 309 -13.79 38.29 -24.76
C LEU E 309 -14.15 39.23 -23.60
N VAL E 310 -14.10 40.53 -23.87
CA VAL E 310 -14.47 41.55 -22.90
C VAL E 310 -15.94 41.42 -22.51
N GLY E 311 -16.81 41.23 -23.51
CA GLY E 311 -18.25 41.06 -23.29
C GLY E 311 -18.58 39.80 -22.52
N GLY E 312 -17.80 38.74 -22.75
CA GLY E 312 -17.99 37.47 -22.05
C GLY E 312 -17.57 37.55 -20.59
N LEU E 313 -16.56 38.37 -20.32
CA LEU E 313 -16.07 38.58 -18.95
C LEU E 313 -17.02 39.45 -18.14
N ARG E 314 -17.56 40.50 -18.77
CA ARG E 314 -18.55 41.37 -18.14
C ARG E 314 -19.82 40.61 -17.84
N SER E 315 -20.18 39.68 -18.75
CA SER E 315 -21.31 38.79 -18.56
C SER E 315 -21.06 37.88 -17.37
N CYS E 316 -19.83 37.36 -17.26
CA CYS E 316 -19.42 36.47 -16.19
C CYS E 316 -19.48 37.14 -14.81
N MET E 317 -18.94 38.36 -14.73
CA MET E 317 -18.91 39.11 -13.49
C MET E 317 -20.29 39.64 -13.11
N GLY E 318 -21.17 39.72 -14.11
CA GLY E 318 -22.58 40.01 -13.89
C GLY E 318 -23.27 38.86 -13.19
N TYR E 319 -22.91 37.64 -13.56
CA TYR E 319 -23.42 36.42 -12.94
C TYR E 319 -22.95 36.27 -11.49
N LEU E 320 -21.73 36.73 -11.21
CA LEU E 320 -21.13 36.57 -9.88
C LEU E 320 -21.30 37.81 -9.00
N GLY E 321 -22.07 38.78 -9.50
CA GLY E 321 -22.40 39.99 -8.75
C GLY E 321 -21.21 40.81 -8.30
N SER E 322 -20.16 40.84 -9.13
CA SER E 322 -18.91 41.52 -8.77
C SER E 322 -18.68 42.74 -9.65
N ALA E 323 -18.47 43.89 -9.02
CA ALA E 323 -18.25 45.15 -9.73
C ALA E 323 -16.79 45.33 -10.15
N SER E 324 -15.90 44.56 -9.55
CA SER E 324 -14.47 44.62 -9.82
C SER E 324 -13.81 43.25 -9.67
N ILE E 325 -12.56 43.14 -10.13
CA ILE E 325 -11.77 41.91 -9.97
C ILE E 325 -11.58 41.59 -8.49
N GLU E 326 -11.49 42.64 -7.67
CA GLU E 326 -11.38 42.53 -6.22
C GLU E 326 -12.58 41.80 -5.62
N GLU E 327 -13.78 42.24 -6.00
CA GLU E 327 -15.02 41.58 -5.57
C GLU E 327 -15.16 40.19 -6.17
N LEU E 328 -14.57 40.00 -7.36
CA LEU E 328 -14.55 38.69 -8.02
C LEU E 328 -13.70 37.69 -7.24
N TRP E 329 -12.53 38.13 -6.74
CA TRP E 329 -11.68 37.30 -5.88
C TRP E 329 -12.37 37.00 -4.54
N LYS E 330 -13.25 37.92 -4.13
CA LYS E 330 -13.90 37.86 -2.83
C LYS E 330 -15.15 36.97 -2.82
N LYS E 331 -15.90 36.97 -3.91
CA LYS E 331 -17.22 36.33 -3.97
C LYS E 331 -17.28 35.02 -4.77
N SER E 332 -16.22 34.72 -5.50
CA SER E 332 -16.21 33.60 -6.46
C SER E 332 -16.12 32.21 -5.84
N SER E 333 -16.88 31.28 -6.42
CA SER E 333 -16.79 29.86 -6.11
C SER E 333 -17.02 29.03 -7.38
N TYR E 334 -16.63 27.77 -7.37
CA TYR E 334 -16.78 26.90 -8.54
C TYR E 334 -17.15 25.46 -8.21
N VAL E 335 -17.78 24.79 -9.17
CA VAL E 335 -18.09 23.35 -9.09
C VAL E 335 -17.19 22.52 -10.02
N GLU E 336 -17.09 21.23 -9.74
CA GLU E 336 -16.34 20.29 -10.59
C GLU E 336 -17.28 19.54 -11.53
N ILE E 337 -16.87 19.45 -12.80
CA ILE E 337 -17.69 18.84 -13.84
C ILE E 337 -17.00 17.59 -14.39
N THR E 338 -17.78 16.65 -14.91
CA THR E 338 -17.25 15.54 -15.70
C THR E 338 -17.16 15.98 -17.17
N THR E 339 -16.65 15.11 -18.03
CA THR E 339 -16.47 15.45 -19.45
C THR E 339 -17.79 15.53 -20.24
N SER E 340 -18.43 14.38 -20.46
CA SER E 340 -19.72 14.31 -21.16
C SER E 340 -20.86 13.96 -20.19
N THR F 6 -11.05 27.05 0.61
CA THR F 6 -11.09 26.74 -0.84
C THR F 6 -12.32 27.35 -1.52
N LYS F 7 -12.26 27.46 -2.85
CA LYS F 7 -13.40 27.93 -3.64
C LYS F 7 -14.16 26.77 -4.27
N ASN F 8 -13.56 25.58 -4.21
CA ASN F 8 -14.17 24.34 -4.70
C ASN F 8 -15.29 23.90 -3.78
N ILE F 9 -16.53 24.00 -4.26
CA ILE F 9 -17.70 23.69 -3.42
C ILE F 9 -18.24 22.27 -3.64
N GLY F 10 -17.51 21.46 -4.41
CA GLY F 10 -17.88 20.07 -4.63
C GLY F 10 -17.99 19.67 -6.09
N LYS F 11 -18.34 18.42 -6.33
CA LYS F 11 -18.47 17.87 -7.67
C LYS F 11 -19.92 17.91 -8.16
N GLY F 12 -20.17 18.76 -9.15
CA GLY F 12 -21.48 18.86 -9.78
C GLY F 12 -21.80 17.66 -10.65
N LEU F 13 -23.09 17.38 -10.81
CA LEU F 13 -23.54 16.21 -11.56
C LEU F 13 -24.65 16.56 -12.55
N THR F 14 -24.46 16.13 -13.81
CA THR F 14 -25.49 16.30 -14.85
C THR F 14 -26.28 14.99 -15.02
N PHE F 15 -27.29 15.01 -15.89
CA PHE F 15 -28.13 13.83 -16.15
C PHE F 15 -27.34 12.60 -16.58
N GLU F 16 -26.32 12.84 -17.39
CA GLU F 16 -25.48 11.78 -17.97
C GLU F 16 -24.58 11.11 -16.92
N ASP F 17 -24.41 11.76 -15.77
CA ASP F 17 -23.57 11.25 -14.69
C ASP F 17 -24.30 10.26 -13.79
N ILE F 18 -25.62 10.14 -13.98
CA ILE F 18 -26.47 9.49 -12.98
C ILE F 18 -27.50 8.53 -13.59
N LEU F 19 -27.65 7.38 -12.94
CA LEU F 19 -28.72 6.42 -13.25
C LEU F 19 -29.55 6.11 -12.01
N LEU F 20 -30.87 6.09 -12.19
CA LEU F 20 -31.80 5.84 -11.09
C LEU F 20 -31.84 4.37 -10.71
N VAL F 21 -31.76 4.11 -9.41
CA VAL F 21 -31.75 2.74 -8.87
C VAL F 21 -33.17 2.19 -8.75
N PRO F 22 -33.42 1.00 -9.32
CA PRO F 22 -34.74 0.35 -9.24
C PRO F 22 -35.10 -0.06 -7.81
N ASN F 23 -36.38 0.10 -7.47
CA ASN F 23 -36.91 -0.32 -6.17
C ASN F 23 -37.97 -1.42 -6.32
N TYR F 24 -38.53 -1.84 -5.20
CA TYR F 24 -39.67 -2.78 -5.21
C TYR F 24 -40.88 -2.10 -5.84
N SER F 25 -41.55 -2.82 -6.74
CA SER F 25 -42.65 -2.24 -7.49
C SER F 25 -43.93 -3.08 -7.44
N GLU F 26 -45.03 -2.41 -7.17
CA GLU F 26 -46.36 -3.01 -7.27
C GLU F 26 -47.14 -2.30 -8.37
N VAL F 27 -46.76 -1.06 -8.66
CA VAL F 27 -47.41 -0.26 -9.69
C VAL F 27 -46.81 -0.47 -11.08
N LEU F 28 -47.66 -0.85 -12.02
CA LEU F 28 -47.29 -0.98 -13.43
C LEU F 28 -47.19 0.42 -14.05
N PRO F 29 -46.35 0.58 -15.10
CA PRO F 29 -46.13 1.88 -15.75
C PRO F 29 -47.44 2.55 -16.18
N ARG F 30 -48.39 1.74 -16.64
CA ARG F 30 -49.68 2.23 -17.13
C ARG F 30 -50.69 2.57 -16.02
N GLU F 31 -50.24 2.52 -14.78
CA GLU F 31 -51.08 2.85 -13.62
C GLU F 31 -50.49 4.01 -12.80
N VAL F 32 -49.39 4.58 -13.29
CA VAL F 32 -48.70 5.67 -12.61
C VAL F 32 -49.42 7.00 -12.83
N SER F 33 -49.64 7.74 -11.74
CA SER F 33 -50.23 9.07 -11.81
C SER F 33 -49.15 10.12 -12.03
N LEU F 34 -49.21 10.79 -13.18
CA LEU F 34 -48.20 11.78 -13.55
C LEU F 34 -48.63 13.20 -13.18
N GLU F 35 -49.71 13.30 -12.41
CA GLU F 35 -50.25 14.58 -11.96
C GLU F 35 -49.24 15.31 -11.08
N THR F 36 -49.13 16.62 -11.28
CA THR F 36 -48.15 17.44 -10.57
C THR F 36 -48.62 18.88 -10.40
N LYS F 37 -47.84 19.67 -9.67
CA LYS F 37 -48.16 21.06 -9.38
C LYS F 37 -47.21 21.99 -10.14
N LEU F 38 -47.78 22.88 -10.95
CA LEU F 38 -47.00 23.85 -11.71
C LEU F 38 -46.55 25.00 -10.81
N THR F 39 -47.53 25.70 -10.24
CA THR F 39 -47.29 26.67 -9.18
C THR F 39 -48.04 26.18 -7.94
N LYS F 40 -47.95 26.94 -6.85
CA LYS F 40 -48.68 26.62 -5.63
C LYS F 40 -50.21 26.67 -5.81
N ASN F 41 -50.66 27.25 -6.93
CA ASN F 41 -52.09 27.43 -7.19
C ASN F 41 -52.57 26.86 -8.53
N VAL F 42 -51.67 26.28 -9.32
CA VAL F 42 -52.00 25.67 -10.60
C VAL F 42 -51.43 24.26 -10.71
N SER F 43 -52.23 23.33 -11.23
CA SER F 43 -51.83 21.94 -11.36
C SER F 43 -51.90 21.44 -12.81
N LEU F 44 -51.13 20.39 -13.10
CA LEU F 44 -51.07 19.79 -14.44
C LEU F 44 -51.27 18.28 -14.38
N LYS F 45 -51.70 17.69 -15.50
CA LYS F 45 -51.85 16.24 -15.62
C LYS F 45 -50.55 15.52 -15.99
N ILE F 46 -49.68 16.21 -16.71
CA ILE F 46 -48.32 15.72 -16.99
C ILE F 46 -47.29 16.78 -16.61
N PRO F 47 -46.07 16.35 -16.20
CA PRO F 47 -45.05 17.30 -15.76
C PRO F 47 -44.17 17.83 -16.90
N LEU F 48 -44.80 18.34 -17.96
CA LEU F 48 -44.07 18.83 -19.13
C LEU F 48 -44.44 20.27 -19.48
N ILE F 49 -43.42 21.10 -19.69
CA ILE F 49 -43.61 22.49 -20.09
C ILE F 49 -42.78 22.79 -21.35
N SER F 50 -43.40 23.47 -22.32
CA SER F 50 -42.67 23.92 -23.49
C SER F 50 -41.96 25.25 -23.19
N SER F 51 -40.71 25.36 -23.63
CA SER F 51 -39.83 26.50 -23.31
C SER F 51 -40.32 27.84 -23.88
N ALA F 52 -39.91 28.92 -23.21
CA ALA F 52 -40.29 30.27 -23.62
C ALA F 52 -39.33 30.83 -24.69
N MET F 53 -39.19 30.07 -25.78
CA MET F 53 -38.31 30.44 -26.89
C MET F 53 -39.12 30.59 -28.17
N ASP F 54 -38.70 31.53 -29.02
CA ASP F 54 -39.40 31.83 -30.28
C ASP F 54 -39.32 30.70 -31.31
N THR F 55 -38.50 29.70 -31.03
CA THR F 55 -38.33 28.55 -31.93
C THR F 55 -39.17 27.36 -31.48
N VAL F 56 -39.77 27.43 -30.30
CA VAL F 56 -40.52 26.31 -29.75
C VAL F 56 -42.01 26.61 -29.43
N THR F 57 -42.27 27.69 -28.72
CA THR F 57 -43.63 27.93 -28.20
C THR F 57 -44.32 29.22 -28.65
N GLU F 58 -45.34 29.03 -29.48
CA GLU F 58 -46.35 30.05 -29.74
C GLU F 58 -47.71 29.37 -29.57
N HIS F 59 -48.79 30.08 -29.87
CA HIS F 59 -50.15 29.59 -29.60
C HIS F 59 -50.40 28.13 -30.01
N LEU F 60 -49.83 27.72 -31.15
CA LEU F 60 -50.05 26.39 -31.71
C LEU F 60 -49.41 25.30 -30.85
N MET F 61 -48.25 25.60 -30.27
CA MET F 61 -47.57 24.72 -29.32
C MET F 61 -48.31 24.74 -27.97
N ALA F 62 -48.79 25.92 -27.58
CA ALA F 62 -49.51 26.11 -26.32
C ALA F 62 -50.86 25.40 -26.29
N VAL F 63 -51.58 25.42 -27.41
CA VAL F 63 -52.83 24.67 -27.55
C VAL F 63 -52.57 23.17 -27.41
N GLY F 64 -51.53 22.70 -28.10
CA GLY F 64 -51.15 21.29 -28.09
C GLY F 64 -50.65 20.80 -26.75
N MET F 65 -49.81 21.58 -26.09
CA MET F 65 -49.26 21.23 -24.78
C MET F 65 -50.35 21.11 -23.70
N ALA F 66 -51.31 22.02 -23.73
CA ALA F 66 -52.43 22.01 -22.79
C ALA F 66 -53.40 20.86 -23.05
N ARG F 67 -53.53 20.46 -24.31
CA ARG F 67 -54.43 19.38 -24.70
C ARG F 67 -53.96 18.01 -24.21
N LEU F 68 -52.66 17.84 -24.09
CA LEU F 68 -52.07 16.57 -23.66
C LEU F 68 -51.85 16.47 -22.15
N GLY F 69 -52.08 17.57 -21.43
CA GLY F 69 -52.00 17.59 -19.98
C GLY F 69 -51.09 18.67 -19.40
N GLY F 70 -50.15 19.15 -20.19
CA GLY F 70 -49.16 20.12 -19.74
C GLY F 70 -49.57 21.57 -20.00
N ILE F 71 -48.58 22.40 -20.29
CA ILE F 71 -48.80 23.83 -20.51
C ILE F 71 -47.70 24.40 -21.42
N GLY F 72 -47.99 25.55 -22.04
CA GLY F 72 -47.02 26.27 -22.86
C GLY F 72 -46.85 27.70 -22.40
N ILE F 73 -45.60 28.17 -22.40
CA ILE F 73 -45.29 29.56 -22.04
C ILE F 73 -44.90 30.35 -23.30
N ILE F 74 -45.72 31.33 -23.64
CA ILE F 74 -45.50 32.19 -24.80
C ILE F 74 -44.27 33.07 -24.56
N HIS F 75 -43.35 33.05 -25.53
CA HIS F 75 -42.08 33.79 -25.43
C HIS F 75 -42.26 35.31 -25.45
N LYS F 76 -41.28 36.02 -24.89
CA LYS F 76 -41.32 37.48 -24.77
C LYS F 76 -40.76 38.22 -26.00
N ASN F 77 -40.23 37.47 -26.96
CA ASN F 77 -39.59 38.05 -28.14
C ASN F 77 -40.59 38.51 -29.21
N MET F 78 -41.56 39.33 -28.79
CA MET F 78 -42.57 39.89 -29.68
C MET F 78 -43.24 41.12 -29.08
N ASP F 79 -44.02 41.83 -29.89
CA ASP F 79 -44.78 43.01 -29.46
C ASP F 79 -45.76 42.65 -28.34
N MET F 80 -45.93 43.58 -27.40
CA MET F 80 -46.85 43.41 -26.27
C MET F 80 -48.26 43.00 -26.72
N GLU F 81 -48.77 43.73 -27.71
CA GLU F 81 -50.11 43.48 -28.26
C GLU F 81 -50.21 42.11 -28.93
N SER F 82 -49.18 41.74 -29.70
CA SER F 82 -49.16 40.46 -30.41
C SER F 82 -48.93 39.27 -29.47
N GLN F 83 -48.34 39.53 -28.30
CA GLN F 83 -48.18 38.50 -27.27
C GLN F 83 -49.52 38.20 -26.60
N VAL F 84 -50.30 39.26 -26.35
CA VAL F 84 -51.65 39.15 -25.80
C VAL F 84 -52.56 38.39 -26.77
N ASN F 85 -52.39 38.65 -28.07
CA ASN F 85 -53.10 37.94 -29.13
C ASN F 85 -52.93 36.42 -29.05
N GLU F 86 -51.70 35.98 -28.80
CA GLU F 86 -51.37 34.55 -28.74
C GLU F 86 -51.95 33.86 -27.50
N VAL F 87 -52.02 34.60 -26.40
CA VAL F 87 -52.62 34.11 -25.15
C VAL F 87 -54.13 33.89 -25.34
N LEU F 88 -54.78 34.89 -25.94
CA LEU F 88 -56.22 34.84 -26.21
C LEU F 88 -56.60 33.79 -27.26
N LYS F 89 -55.68 33.54 -28.20
CA LYS F 89 -55.91 32.57 -29.28
C LYS F 89 -56.06 31.14 -28.75
N VAL F 90 -55.34 30.84 -27.66
CA VAL F 90 -55.44 29.54 -27.00
C VAL F 90 -56.70 29.49 -26.14
N LYS F 91 -57.04 30.63 -25.55
CA LYS F 91 -58.23 30.74 -24.69
C LYS F 91 -59.54 30.51 -25.44
N ASN F 92 -59.65 31.10 -26.63
CA ASN F 92 -60.85 30.97 -27.46
C ASN F 92 -60.79 29.79 -28.44
N SER F 93 -60.04 28.75 -28.06
CA SER F 93 -59.95 27.53 -28.86
C SER F 93 -59.83 26.29 -27.96
N GLY F 94 -60.72 26.19 -26.98
CA GLY F 94 -60.75 25.04 -26.09
C GLY F 94 -60.91 25.38 -24.62
N GLY F 95 -60.65 26.63 -24.26
CA GLY F 95 -60.68 27.08 -22.87
C GLY F 95 -59.57 26.42 -22.06
N LEU F 96 -58.37 26.42 -22.65
CA LEU F 96 -57.20 25.77 -22.06
C LEU F 96 -56.37 26.76 -21.25
N ARG F 97 -55.42 26.24 -20.47
CA ARG F 97 -54.55 27.08 -19.65
C ARG F 97 -53.20 27.36 -20.32
N VAL F 98 -52.69 28.58 -20.14
CA VAL F 98 -51.43 29.01 -20.75
C VAL F 98 -50.52 29.80 -19.81
N GLY F 99 -49.26 29.93 -20.23
CA GLY F 99 -48.28 30.76 -19.55
C GLY F 99 -47.67 31.78 -20.49
N ALA F 100 -46.98 32.78 -19.93
CA ALA F 100 -46.34 33.82 -20.71
C ALA F 100 -45.06 34.31 -20.04
N ALA F 101 -44.04 34.59 -20.86
CA ALA F 101 -42.74 35.03 -20.36
C ALA F 101 -42.59 36.55 -20.38
N ILE F 102 -42.00 37.10 -19.32
CA ILE F 102 -41.69 38.52 -19.23
C ILE F 102 -40.27 38.75 -18.68
N GLY F 103 -39.65 39.85 -19.12
CA GLY F 103 -38.32 40.22 -18.65
C GLY F 103 -38.34 41.13 -17.43
N VAL F 104 -37.23 41.80 -17.16
CA VAL F 104 -37.10 42.69 -16.01
C VAL F 104 -37.98 43.94 -16.13
N ASN F 105 -38.61 44.32 -15.02
CA ASN F 105 -39.57 45.43 -14.92
C ASN F 105 -40.38 45.74 -16.19
N GLU F 106 -41.10 44.73 -16.68
CA GLU F 106 -42.05 44.89 -17.77
C GLU F 106 -43.47 44.85 -17.20
N ILE F 107 -43.70 45.67 -16.18
CA ILE F 107 -44.97 45.70 -15.44
C ILE F 107 -46.17 45.92 -16.34
N GLU F 108 -46.04 46.85 -17.30
CA GLU F 108 -47.10 47.16 -18.25
C GLU F 108 -47.45 45.95 -19.11
N ARG F 109 -46.43 45.20 -19.52
CA ARG F 109 -46.61 43.96 -20.28
C ARG F 109 -47.23 42.86 -19.40
N ALA F 110 -46.82 42.81 -18.14
CA ALA F 110 -47.36 41.87 -17.17
C ALA F 110 -48.84 42.14 -16.87
N LYS F 111 -49.21 43.42 -16.88
CA LYS F 111 -50.59 43.84 -16.66
C LYS F 111 -51.49 43.43 -17.82
N LEU F 112 -50.97 43.58 -19.05
CA LEU F 112 -51.72 43.23 -20.26
C LEU F 112 -51.97 41.73 -20.41
N LEU F 113 -51.29 40.92 -19.61
CA LEU F 113 -51.44 39.47 -19.64
C LEU F 113 -52.45 38.96 -18.61
N VAL F 114 -52.46 39.59 -17.43
CA VAL F 114 -53.39 39.22 -16.35
C VAL F 114 -54.84 39.48 -16.74
N GLU F 115 -55.11 40.67 -17.28
CA GLU F 115 -56.46 41.03 -17.72
C GLU F 115 -56.91 40.26 -18.97
N ALA F 116 -55.94 39.78 -19.74
CA ALA F 116 -56.20 38.97 -20.93
C ALA F 116 -56.62 37.55 -20.57
N GLY F 117 -56.36 37.15 -19.33
CA GLY F 117 -56.78 35.85 -18.81
C GLY F 117 -55.70 34.77 -18.86
N VAL F 118 -54.45 35.17 -18.62
CA VAL F 118 -53.35 34.21 -18.52
C VAL F 118 -53.42 33.49 -17.17
N ASP F 119 -52.82 32.30 -17.08
CA ASP F 119 -52.90 31.50 -15.86
C ASP F 119 -51.62 31.55 -15.02
N VAL F 120 -50.47 31.57 -15.69
CA VAL F 120 -49.18 31.72 -15.02
C VAL F 120 -48.29 32.73 -15.76
N ILE F 121 -47.54 33.52 -15.00
CA ILE F 121 -46.57 34.45 -15.55
C ILE F 121 -45.17 34.03 -15.16
N VAL F 122 -44.32 33.81 -16.16
CA VAL F 122 -42.95 33.38 -15.93
C VAL F 122 -41.98 34.56 -16.04
N LEU F 123 -41.49 35.02 -14.88
CA LEU F 123 -40.49 36.06 -14.81
C LEU F 123 -39.11 35.43 -15.05
N ASP F 124 -38.65 35.52 -16.29
CA ASP F 124 -37.43 34.85 -16.72
C ASP F 124 -36.25 35.80 -16.95
N SER F 125 -35.08 35.37 -16.48
CA SER F 125 -33.82 36.07 -16.69
C SER F 125 -32.70 35.05 -16.88
N ALA F 126 -31.59 35.50 -17.47
CA ALA F 126 -30.40 34.67 -17.58
C ALA F 126 -29.83 34.38 -16.20
N HIS F 127 -29.94 35.37 -15.32
CA HIS F 127 -29.55 35.23 -13.92
C HIS F 127 -30.66 35.75 -13.01
N GLY F 128 -31.40 34.83 -12.42
CA GLY F 128 -32.59 35.15 -11.62
C GLY F 128 -32.32 35.81 -10.28
N HIS F 129 -31.20 35.46 -9.65
CA HIS F 129 -30.86 35.99 -8.33
C HIS F 129 -30.23 37.37 -8.43
N SER F 130 -31.01 38.33 -8.94
CA SER F 130 -30.56 39.70 -9.13
C SER F 130 -31.52 40.71 -8.53
N LEU F 131 -31.04 41.93 -8.31
CA LEU F 131 -31.84 43.01 -7.74
C LEU F 131 -33.03 43.39 -8.63
N ASN F 132 -32.77 43.51 -9.94
CA ASN F 132 -33.81 43.86 -10.91
C ASN F 132 -34.99 42.90 -10.97
N ILE F 133 -34.73 41.63 -10.64
CA ILE F 133 -35.77 40.60 -10.61
C ILE F 133 -36.68 40.76 -9.38
N ILE F 134 -36.08 40.98 -8.21
CA ILE F 134 -36.82 41.13 -6.96
C ILE F 134 -37.76 42.33 -6.98
N ARG F 135 -37.29 43.45 -7.54
CA ARG F 135 -38.11 44.65 -7.72
C ARG F 135 -39.35 44.39 -8.57
N THR F 136 -39.19 43.58 -9.61
CA THR F 136 -40.29 43.22 -10.50
C THR F 136 -41.27 42.26 -9.83
N LEU F 137 -40.74 41.34 -9.03
CA LEU F 137 -41.54 40.36 -8.31
C LEU F 137 -42.47 41.03 -7.29
N LYS F 138 -41.92 41.97 -6.53
CA LYS F 138 -42.67 42.69 -5.49
C LYS F 138 -43.72 43.64 -6.07
N GLU F 139 -43.43 44.20 -7.23
CA GLU F 139 -44.32 45.15 -7.89
C GLU F 139 -45.50 44.45 -8.57
N ILE F 140 -45.30 43.20 -8.99
CA ILE F 140 -46.35 42.41 -9.63
C ILE F 140 -47.32 41.81 -8.61
N LYS F 141 -46.77 41.12 -7.60
CA LYS F 141 -47.58 40.40 -6.61
C LYS F 141 -48.51 41.30 -5.80
N SER F 142 -48.07 42.53 -5.55
CA SER F 142 -48.87 43.51 -4.81
C SER F 142 -49.99 44.09 -5.69
N LYS F 143 -49.65 44.46 -6.92
CA LYS F 143 -50.60 45.15 -7.81
C LYS F 143 -51.61 44.23 -8.47
N MET F 144 -51.13 43.15 -9.09
CA MET F 144 -52.02 42.21 -9.80
C MET F 144 -52.03 40.82 -9.16
N ASN F 145 -53.15 40.12 -9.31
CA ASN F 145 -53.36 38.82 -8.71
C ASN F 145 -53.13 37.68 -9.71
N ILE F 146 -51.94 37.09 -9.67
CA ILE F 146 -51.53 36.04 -10.61
C ILE F 146 -50.38 35.20 -10.05
N ASP F 147 -50.26 33.96 -10.55
CA ASP F 147 -49.14 33.08 -10.20
C ASP F 147 -47.86 33.47 -10.93
N VAL F 148 -46.78 33.65 -10.17
CA VAL F 148 -45.50 34.07 -10.74
C VAL F 148 -44.41 33.01 -10.55
N ILE F 149 -43.93 32.47 -11.67
CA ILE F 149 -42.76 31.59 -11.68
C ILE F 149 -41.52 32.42 -11.95
N VAL F 150 -40.49 32.26 -11.11
CA VAL F 150 -39.28 33.06 -11.25
C VAL F 150 -38.05 32.19 -11.54
N GLY F 151 -37.30 32.57 -12.57
CA GLY F 151 -36.05 31.92 -12.94
C GLY F 151 -35.13 32.86 -13.70
N ASN F 152 -33.93 32.40 -14.03
CA ASN F 152 -33.43 31.08 -13.65
C ASN F 152 -32.40 31.20 -12.52
N VAL F 153 -32.54 30.35 -11.51
CA VAL F 153 -31.59 30.30 -10.40
C VAL F 153 -30.96 28.92 -10.27
N VAL F 154 -29.93 28.82 -9.43
CA VAL F 154 -29.14 27.60 -9.36
C VAL F 154 -28.65 27.27 -7.94
N THR F 155 -28.72 28.27 -7.05
CA THR F 155 -28.28 28.10 -5.66
C THR F 155 -29.45 28.14 -4.67
N GLU F 156 -29.21 27.59 -3.49
CA GLU F 156 -30.22 27.57 -2.41
C GLU F 156 -30.43 28.94 -1.78
N GLU F 157 -29.37 29.75 -1.75
CA GLU F 157 -29.45 31.14 -1.27
C GLU F 157 -30.41 31.93 -2.15
N ALA F 158 -30.36 31.63 -3.46
CA ALA F 158 -31.22 32.26 -4.46
C ALA F 158 -32.67 31.81 -4.34
N THR F 159 -32.87 30.53 -4.03
CA THR F 159 -34.20 29.93 -3.88
C THR F 159 -34.93 30.51 -2.66
N LYS F 160 -34.19 30.68 -1.57
CA LYS F 160 -34.73 31.20 -0.31
C LYS F 160 -35.31 32.61 -0.48
N GLU F 161 -34.55 33.50 -1.13
CA GLU F 161 -34.96 34.90 -1.31
C GLU F 161 -36.24 35.06 -2.12
N LEU F 162 -36.34 34.33 -3.22
CA LEU F 162 -37.49 34.44 -4.13
C LEU F 162 -38.81 33.96 -3.51
N ILE F 163 -38.75 32.85 -2.77
CA ILE F 163 -39.91 32.33 -2.04
C ILE F 163 -40.41 33.35 -1.02
N GLU F 164 -39.47 33.93 -0.27
CA GLU F 164 -39.79 34.95 0.74
C GLU F 164 -40.27 36.26 0.13
N ASN F 165 -39.91 36.50 -1.13
CA ASN F 165 -40.41 37.67 -1.87
C ASN F 165 -41.64 37.37 -2.73
N GLY F 166 -42.27 36.22 -2.47
CA GLY F 166 -43.56 35.88 -3.05
C GLY F 166 -43.54 35.19 -4.41
N ALA F 167 -42.62 34.25 -4.59
CA ALA F 167 -42.58 33.43 -5.79
C ALA F 167 -43.40 32.16 -5.59
N ASP F 168 -44.17 31.79 -6.60
CA ASP F 168 -45.06 30.64 -6.54
C ASP F 168 -44.44 29.40 -7.17
N GLY F 169 -43.51 29.62 -8.09
CA GLY F 169 -42.77 28.54 -8.74
C GLY F 169 -41.35 29.00 -9.03
N ILE F 170 -40.40 28.08 -8.94
CA ILE F 170 -39.00 28.43 -9.18
C ILE F 170 -38.36 27.58 -10.28
N LYS F 171 -37.86 28.26 -11.31
CA LYS F 171 -37.25 27.63 -12.47
C LYS F 171 -35.74 27.52 -12.28
N VAL F 172 -35.24 26.29 -12.33
CA VAL F 172 -33.82 26.01 -12.10
C VAL F 172 -33.14 25.61 -13.41
N GLY F 173 -32.02 26.28 -13.71
CA GLY F 173 -31.25 25.97 -14.91
C GLY F 173 -30.39 27.11 -15.43
N ILE F 174 -29.10 27.06 -15.13
CA ILE F 174 -28.10 27.95 -15.71
C ILE F 174 -26.92 27.11 -16.19
N GLY F 175 -26.79 26.98 -17.50
CA GLY F 175 -25.72 26.16 -18.08
C GLY F 175 -26.15 25.04 -19.01
N PRO F 176 -27.10 24.17 -18.59
CA PRO F 176 -27.43 23.01 -19.41
C PRO F 176 -28.30 23.35 -20.62
N GLY F 177 -28.71 22.32 -21.35
CA GLY F 177 -29.56 22.50 -22.52
C GLY F 177 -28.77 22.86 -23.75
N SER F 178 -29.15 22.27 -24.87
CA SER F 178 -28.49 22.52 -26.16
C SER F 178 -28.59 23.99 -26.57
N ILE F 179 -27.75 24.38 -27.54
CA ILE F 179 -27.58 25.77 -27.99
C ILE F 179 -27.50 26.83 -26.86
N CYS F 180 -26.99 26.42 -25.71
CA CYS F 180 -26.66 27.34 -24.62
C CYS F 180 -25.15 27.55 -24.59
N THR F 181 -24.75 28.81 -24.47
CA THR F 181 -23.34 29.17 -24.56
C THR F 181 -22.79 29.77 -23.25
N THR F 182 -23.63 29.81 -22.21
CA THR F 182 -23.26 30.36 -20.90
C THR F 182 -22.00 29.72 -20.32
N ARG F 183 -21.85 28.42 -20.52
CA ARG F 183 -20.66 27.69 -20.08
C ARG F 183 -19.41 28.14 -20.83
N ILE F 184 -19.56 28.37 -22.14
CA ILE F 184 -18.45 28.74 -23.02
C ILE F 184 -18.13 30.23 -22.97
N VAL F 185 -19.18 31.05 -23.03
CA VAL F 185 -19.04 32.51 -23.07
C VAL F 185 -18.68 33.10 -21.70
N ALA F 186 -19.37 32.64 -20.66
CA ALA F 186 -19.19 33.20 -19.31
C ALA F 186 -18.39 32.30 -18.37
N GLY F 187 -18.38 31.00 -18.64
CA GLY F 187 -17.72 30.03 -17.76
C GLY F 187 -18.53 29.77 -16.50
N VAL F 188 -19.80 30.16 -16.55
CA VAL F 188 -20.69 30.14 -15.40
C VAL F 188 -21.77 29.07 -15.58
N GLY F 189 -22.12 28.41 -14.49
CA GLY F 189 -23.19 27.41 -14.50
C GLY F 189 -22.99 26.32 -13.48
N VAL F 190 -24.09 25.65 -13.14
CA VAL F 190 -24.07 24.50 -12.23
C VAL F 190 -24.87 23.36 -12.87
N PRO F 191 -24.26 22.15 -12.95
CA PRO F 191 -24.90 20.96 -13.53
C PRO F 191 -26.31 20.74 -12.98
N GLN F 192 -27.21 20.31 -13.86
CA GLN F 192 -28.65 20.35 -13.59
C GLN F 192 -29.14 19.51 -12.40
N ILE F 193 -28.68 18.26 -12.27
CA ILE F 193 -29.07 17.42 -11.14
C ILE F 193 -28.69 18.07 -9.80
N THR F 194 -27.43 18.49 -9.68
CA THR F 194 -26.94 19.21 -8.51
C THR F 194 -27.77 20.47 -8.27
N ALA F 195 -28.05 21.21 -9.34
CA ALA F 195 -28.82 22.45 -9.28
C ALA F 195 -30.22 22.24 -8.71
N ILE F 196 -30.88 21.16 -9.12
CA ILE F 196 -32.21 20.81 -8.61
C ILE F 196 -32.12 20.39 -7.15
N GLU F 197 -31.12 19.55 -6.84
CA GLU F 197 -30.89 19.07 -5.48
C GLU F 197 -30.70 20.20 -4.46
N LYS F 198 -29.96 21.23 -4.85
CA LYS F 198 -29.70 22.36 -3.97
C LYS F 198 -30.91 23.27 -3.84
N CYS F 199 -31.64 23.47 -4.93
CA CYS F 199 -32.81 24.35 -4.95
C CYS F 199 -34.05 23.73 -4.31
N SER F 200 -34.25 22.43 -4.55
CA SER F 200 -35.41 21.72 -4.01
C SER F 200 -35.27 21.45 -2.50
N SER F 201 -34.04 21.47 -2.00
CA SER F 201 -33.79 21.29 -0.57
C SER F 201 -34.41 22.42 0.26
N VAL F 202 -34.41 23.62 -0.30
CA VAL F 202 -35.04 24.79 0.33
C VAL F 202 -36.52 24.87 -0.04
N ALA F 203 -36.84 24.64 -1.31
CA ALA F 203 -38.21 24.79 -1.82
C ALA F 203 -39.20 23.75 -1.30
N SER F 204 -38.71 22.55 -0.99
CA SER F 204 -39.56 21.49 -0.44
C SER F 204 -39.90 21.74 1.02
N LYS F 205 -39.04 22.49 1.71
CA LYS F 205 -39.30 22.92 3.09
C LYS F 205 -40.49 23.86 3.14
N PHE F 206 -40.59 24.70 2.11
CA PHE F 206 -41.77 25.53 1.89
C PHE F 206 -42.73 24.74 0.99
N GLY F 207 -43.71 25.42 0.39
CA GLY F 207 -44.67 24.72 -0.47
C GLY F 207 -44.33 24.75 -1.95
N ILE F 208 -43.28 25.50 -2.29
CA ILE F 208 -43.00 25.89 -3.68
C ILE F 208 -42.44 24.76 -4.55
N PRO F 209 -43.11 24.48 -5.69
CA PRO F 209 -42.65 23.52 -6.70
C PRO F 209 -41.45 24.01 -7.50
N ILE F 210 -40.65 23.05 -8.00
CA ILE F 210 -39.45 23.34 -8.79
C ILE F 210 -39.64 22.93 -10.25
N ILE F 211 -39.30 23.85 -11.16
CA ILE F 211 -39.32 23.57 -12.59
C ILE F 211 -37.88 23.33 -13.09
N ALA F 212 -37.64 22.13 -13.61
CA ALA F 212 -36.32 21.76 -14.13
C ALA F 212 -36.16 22.19 -15.59
N ASP F 213 -35.34 23.21 -15.82
CA ASP F 213 -35.21 23.83 -17.13
C ASP F 213 -33.88 23.46 -17.83
N GLY F 214 -34.01 22.91 -19.03
CA GLY F 214 -32.85 22.60 -19.87
C GLY F 214 -32.13 21.32 -19.51
N GLY F 215 -31.39 20.77 -20.47
CA GLY F 215 -30.58 19.58 -20.26
C GLY F 215 -31.24 18.29 -20.70
N ILE F 216 -32.55 18.36 -20.93
CA ILE F 216 -33.35 17.19 -21.27
C ILE F 216 -33.18 16.78 -22.72
N ARG F 217 -32.35 15.77 -22.95
CA ARG F 217 -32.09 15.26 -24.29
C ARG F 217 -32.96 14.03 -24.59
N TYR F 218 -33.22 13.23 -23.56
CA TYR F 218 -34.03 12.02 -23.71
C TYR F 218 -35.19 11.95 -22.71
N SER F 219 -36.05 10.96 -22.89
CA SER F 219 -37.20 10.73 -22.01
C SER F 219 -36.78 10.30 -20.60
N GLY F 220 -35.62 9.66 -20.51
CA GLY F 220 -35.04 9.26 -19.22
C GLY F 220 -34.58 10.42 -18.38
N ASP F 221 -34.20 11.53 -19.02
CA ASP F 221 -33.74 12.72 -18.32
C ASP F 221 -34.85 13.39 -17.50
N ILE F 222 -36.09 13.25 -17.96
CA ILE F 222 -37.26 13.79 -17.25
C ILE F 222 -37.40 13.10 -15.89
N GLY F 223 -37.33 11.77 -15.89
CA GLY F 223 -37.43 10.96 -14.67
C GLY F 223 -36.35 11.28 -13.65
N LYS F 224 -35.13 11.51 -14.12
CA LYS F 224 -34.00 11.88 -13.27
C LYS F 224 -34.22 13.24 -12.61
N ALA F 225 -34.75 14.18 -13.39
CA ALA F 225 -35.01 15.54 -12.90
C ALA F 225 -36.11 15.57 -11.84
N LEU F 226 -37.17 14.80 -12.06
CA LEU F 226 -38.31 14.76 -11.14
C LEU F 226 -37.99 14.04 -9.83
N ALA F 227 -37.28 12.91 -9.93
CA ALA F 227 -36.91 12.10 -8.77
C ALA F 227 -36.01 12.84 -7.79
N VAL F 228 -35.25 13.80 -8.31
CA VAL F 228 -34.27 14.54 -7.54
C VAL F 228 -34.89 15.70 -6.73
N GLY F 229 -36.11 16.09 -7.10
CA GLY F 229 -36.84 17.10 -6.33
C GLY F 229 -37.63 18.12 -7.13
N ALA F 230 -37.71 17.91 -8.45
CA ALA F 230 -38.45 18.82 -9.32
C ALA F 230 -39.89 18.38 -9.51
N SER F 231 -40.79 19.35 -9.63
CA SER F 231 -42.21 19.10 -9.86
C SER F 231 -42.52 19.03 -11.35
N SER F 232 -41.88 19.89 -12.12
CA SER F 232 -42.11 19.95 -13.57
C SER F 232 -40.80 20.07 -14.35
N VAL F 233 -40.86 19.71 -15.63
CA VAL F 233 -39.70 19.77 -16.52
C VAL F 233 -40.00 20.64 -17.74
N MET F 234 -39.20 21.69 -17.93
CA MET F 234 -39.33 22.55 -19.11
C MET F 234 -38.44 22.06 -20.25
N ILE F 235 -39.08 21.74 -21.38
CA ILE F 235 -38.37 21.21 -22.55
C ILE F 235 -38.50 22.14 -23.76
N GLY F 236 -37.45 22.20 -24.57
CA GLY F 236 -37.40 23.11 -25.72
C GLY F 236 -36.97 22.47 -27.03
N SER F 237 -35.71 22.02 -27.09
CA SER F 237 -35.12 21.51 -28.33
C SER F 237 -35.79 20.24 -28.84
N ILE F 238 -36.25 19.38 -27.94
CA ILE F 238 -36.92 18.14 -28.34
C ILE F 238 -38.33 18.39 -28.89
N LEU F 239 -38.77 19.64 -28.81
CA LEU F 239 -40.04 20.08 -29.42
C LEU F 239 -39.81 21.08 -30.56
N ALA F 240 -38.54 21.41 -30.82
CA ALA F 240 -38.17 22.46 -31.78
C ALA F 240 -38.52 22.11 -33.22
N GLY F 241 -38.43 20.83 -33.57
CA GLY F 241 -38.69 20.39 -34.94
C GLY F 241 -40.07 19.82 -35.19
N THR F 242 -40.98 19.99 -34.23
CA THR F 242 -42.34 19.45 -34.34
C THR F 242 -43.24 20.35 -35.18
N GLU F 243 -44.35 19.78 -35.65
CA GLU F 243 -45.32 20.47 -36.50
C GLU F 243 -45.91 21.75 -35.86
N GLU F 244 -46.20 21.68 -34.56
CA GLU F 244 -46.88 22.77 -33.86
C GLU F 244 -45.96 23.92 -33.45
N SER F 245 -44.65 23.71 -33.59
CA SER F 245 -43.66 24.74 -33.30
C SER F 245 -43.62 25.80 -34.42
N PRO F 246 -43.23 27.05 -34.08
CA PRO F 246 -43.14 28.12 -35.08
C PRO F 246 -42.02 27.88 -36.09
N GLY F 247 -42.18 28.45 -37.28
CA GLY F 247 -41.17 28.34 -38.33
C GLY F 247 -41.65 27.58 -39.54
N GLU F 248 -41.31 28.11 -40.73
CA GLU F 248 -41.67 27.48 -42.00
CA GLU F 248 -41.67 27.48 -42.00
C GLU F 248 -40.87 26.20 -42.22
N LYS F 249 -41.39 25.31 -43.07
CA LYS F 249 -40.72 24.04 -43.38
C LYS F 249 -39.82 24.17 -44.60
N GLU F 250 -38.64 23.56 -44.52
CA GLU F 250 -37.68 23.56 -45.62
C GLU F 250 -37.27 22.13 -45.96
N LEU F 251 -36.95 21.89 -47.22
CA LEU F 251 -36.52 20.58 -47.68
C LEU F 251 -35.14 20.64 -48.33
N ILE F 252 -34.12 20.20 -47.61
CA ILE F 252 -32.77 20.08 -48.17
C ILE F 252 -32.44 18.60 -48.39
N GLY F 253 -32.06 18.27 -49.62
CA GLY F 253 -31.74 16.89 -50.00
C GLY F 253 -32.88 15.92 -49.70
N ASP F 254 -32.62 15.00 -48.78
CA ASP F 254 -33.58 13.93 -48.43
C ASP F 254 -34.43 14.26 -47.21
N THR F 255 -33.89 15.06 -46.30
CA THR F 255 -34.54 15.34 -45.01
C THR F 255 -35.27 16.69 -44.97
N VAL F 256 -36.29 16.75 -44.13
CA VAL F 256 -37.09 17.96 -43.94
C VAL F 256 -36.63 18.73 -42.69
N TYR F 257 -36.58 20.05 -42.79
CA TYR F 257 -36.11 20.91 -41.70
C TYR F 257 -37.07 22.05 -41.42
N LYS F 258 -36.98 22.63 -40.22
CA LYS F 258 -37.81 23.79 -39.87
C LYS F 258 -36.96 25.06 -39.74
N TYR F 259 -37.09 25.91 -40.76
CA TYR F 259 -36.32 27.15 -40.89
C TYR F 259 -36.98 28.29 -40.12
N TYR F 260 -36.16 29.15 -39.52
CA TYR F 260 -36.64 30.29 -38.74
C TYR F 260 -35.65 31.45 -38.77
N ARG F 295 -33.48 25.80 -36.76
CA ARG F 295 -32.90 25.09 -37.89
C ARG F 295 -32.47 23.67 -37.49
N VAL F 296 -33.47 22.78 -37.40
CA VAL F 296 -33.26 21.39 -37.01
C VAL F 296 -34.21 20.48 -37.80
N LYS F 297 -33.93 19.17 -37.79
CA LYS F 297 -34.72 18.19 -38.53
C LYS F 297 -36.18 18.15 -38.11
N TYR F 298 -37.05 17.80 -39.06
CA TYR F 298 -38.48 17.67 -38.81
C TYR F 298 -38.75 16.48 -37.89
N LYS F 299 -39.53 16.72 -36.83
CA LYS F 299 -39.70 15.76 -35.75
C LYS F 299 -41.11 15.15 -35.75
N GLY F 300 -41.85 15.41 -36.82
CA GLY F 300 -43.22 14.91 -36.95
C GLY F 300 -44.20 15.73 -36.15
N GLU F 301 -45.35 15.13 -35.83
CA GLU F 301 -46.37 15.79 -35.02
C GLU F 301 -46.00 15.66 -33.54
N MET F 302 -46.36 16.68 -32.76
CA MET F 302 -45.93 16.78 -31.36
C MET F 302 -46.49 15.68 -30.44
N GLU F 303 -47.65 15.15 -30.76
CA GLU F 303 -48.30 14.13 -29.94
C GLU F 303 -47.46 12.86 -29.86
N GLY F 304 -46.88 12.46 -30.99
CA GLY F 304 -46.00 11.29 -31.04
C GLY F 304 -44.70 11.46 -30.27
N VAL F 305 -44.27 12.70 -30.11
CA VAL F 305 -43.06 13.03 -29.36
C VAL F 305 -43.32 13.01 -27.85
N VAL F 306 -44.38 13.69 -27.43
CA VAL F 306 -44.79 13.76 -26.02
C VAL F 306 -45.22 12.39 -25.49
N TYR F 307 -45.88 11.60 -26.35
CA TYR F 307 -46.30 10.24 -26.04
C TYR F 307 -45.12 9.37 -25.60
N GLN F 308 -44.01 9.47 -26.33
CA GLN F 308 -42.80 8.73 -26.03
C GLN F 308 -42.16 9.20 -24.72
N LEU F 309 -42.19 10.51 -24.49
CA LEU F 309 -41.65 11.12 -23.27
C LEU F 309 -42.43 10.69 -22.03
N VAL F 310 -43.75 10.76 -22.12
CA VAL F 310 -44.66 10.33 -21.06
C VAL F 310 -44.52 8.83 -20.82
N GLY F 311 -44.45 8.07 -21.91
CA GLY F 311 -44.26 6.61 -21.86
C GLY F 311 -42.94 6.23 -21.21
N GLY F 312 -41.89 6.99 -21.50
CA GLY F 312 -40.58 6.79 -20.90
C GLY F 312 -40.53 7.16 -19.42
N LEU F 313 -41.33 8.16 -19.04
CA LEU F 313 -41.46 8.57 -17.65
C LEU F 313 -42.19 7.50 -16.85
N ARG F 314 -43.31 7.02 -17.39
CA ARG F 314 -44.11 5.96 -16.78
C ARG F 314 -43.30 4.69 -16.56
N SER F 315 -42.46 4.37 -17.55
CA SER F 315 -41.56 3.22 -17.49
C SER F 315 -40.57 3.35 -16.34
N CYS F 316 -40.06 4.56 -16.13
CA CYS F 316 -39.10 4.87 -15.09
C CYS F 316 -39.68 4.71 -13.68
N MET F 317 -40.86 5.31 -13.47
CA MET F 317 -41.53 5.27 -12.17
C MET F 317 -42.02 3.88 -11.82
N GLY F 318 -42.24 3.06 -12.85
CA GLY F 318 -42.54 1.64 -12.67
C GLY F 318 -41.35 0.91 -12.07
N TYR F 319 -40.17 1.16 -12.63
CA TYR F 319 -38.92 0.57 -12.11
C TYR F 319 -38.65 0.95 -10.65
N LEU F 320 -39.08 2.14 -10.25
CA LEU F 320 -38.84 2.64 -8.90
C LEU F 320 -40.03 2.47 -7.97
N GLY F 321 -41.09 1.82 -8.46
CA GLY F 321 -42.29 1.53 -7.67
C GLY F 321 -42.96 2.76 -7.09
N SER F 322 -42.99 3.84 -7.88
CA SER F 322 -43.58 5.10 -7.45
C SER F 322 -44.85 5.40 -8.26
N ALA F 323 -45.96 5.58 -7.55
CA ALA F 323 -47.26 5.81 -8.18
C ALA F 323 -47.52 7.29 -8.49
N SER F 324 -46.79 8.18 -7.81
CA SER F 324 -46.91 9.62 -8.03
C SER F 324 -45.55 10.31 -7.88
N ILE F 325 -45.49 11.57 -8.29
CA ILE F 325 -44.25 12.36 -8.24
C ILE F 325 -43.76 12.54 -6.80
N GLU F 326 -44.68 12.84 -5.89
CA GLU F 326 -44.35 12.97 -4.46
C GLU F 326 -43.92 11.64 -3.85
N GLU F 327 -44.50 10.56 -4.38
CA GLU F 327 -44.11 9.20 -4.00
C GLU F 327 -42.68 8.92 -4.49
N LEU F 328 -42.36 9.44 -5.67
CA LEU F 328 -41.03 9.31 -6.26
C LEU F 328 -39.96 10.08 -5.48
N TRP F 329 -40.32 11.26 -4.97
CA TRP F 329 -39.40 12.08 -4.18
C TRP F 329 -38.90 11.37 -2.93
N LYS F 330 -39.77 10.58 -2.31
CA LYS F 330 -39.49 9.95 -1.03
C LYS F 330 -38.61 8.70 -1.15
N LYS F 331 -38.79 7.93 -2.22
CA LYS F 331 -38.15 6.61 -2.33
C LYS F 331 -37.11 6.45 -3.45
N SER F 332 -36.69 7.55 -4.05
CA SER F 332 -35.72 7.51 -5.16
C SER F 332 -34.27 7.60 -4.70
N SER F 333 -33.40 6.87 -5.39
CA SER F 333 -31.96 6.87 -5.15
C SER F 333 -31.22 6.66 -6.47
N TYR F 334 -29.98 7.15 -6.55
CA TYR F 334 -29.20 7.04 -7.78
C TYR F 334 -27.73 6.65 -7.59
N VAL F 335 -27.13 6.12 -8.66
CA VAL F 335 -25.70 5.83 -8.71
C VAL F 335 -24.97 6.73 -9.70
N GLU F 336 -23.79 7.21 -9.31
CA GLU F 336 -22.92 7.95 -10.20
C GLU F 336 -22.24 7.00 -11.18
N ILE F 337 -22.13 7.43 -12.44
CA ILE F 337 -21.60 6.58 -13.51
C ILE F 337 -20.58 7.31 -14.38
N THR F 338 -19.54 6.60 -14.79
CA THR F 338 -18.51 7.17 -15.66
C THR F 338 -18.90 7.10 -17.14
N THR F 339 -18.54 8.12 -17.89
CA THR F 339 -18.77 8.15 -19.34
C THR F 339 -17.50 8.60 -20.07
N THR G 6 -27.90 12.51 -0.01
CA THR G 6 -28.11 11.16 0.60
C THR G 6 -28.73 10.19 -0.42
N LYS G 7 -29.35 10.74 -1.46
CA LYS G 7 -29.93 9.94 -2.54
C LYS G 7 -28.86 9.24 -3.38
N ASN G 8 -27.66 9.79 -3.35
CA ASN G 8 -26.50 9.16 -4.00
C ASN G 8 -26.01 7.98 -3.15
N ILE G 9 -26.21 6.77 -3.66
CA ILE G 9 -25.81 5.56 -2.93
C ILE G 9 -24.37 5.12 -3.25
N GLY G 10 -23.60 6.03 -3.84
CA GLY G 10 -22.19 5.77 -4.15
C GLY G 10 -21.87 5.77 -5.63
N LYS G 11 -20.66 5.32 -5.94
CA LYS G 11 -20.15 5.29 -7.31
C LYS G 11 -20.33 3.90 -7.92
N GLY G 12 -20.90 3.86 -9.12
CA GLY G 12 -21.11 2.60 -9.84
C GLY G 12 -20.05 2.34 -10.88
N LEU G 13 -19.68 1.06 -11.00
CA LEU G 13 -18.57 0.65 -11.87
C LEU G 13 -19.02 -0.36 -12.94
N THR G 14 -18.64 -0.10 -14.19
CA THR G 14 -18.94 -1.01 -15.31
C THR G 14 -17.74 -1.92 -15.59
N PHE G 15 -17.83 -2.73 -16.66
CA PHE G 15 -16.75 -3.61 -17.05
C PHE G 15 -15.47 -2.86 -17.45
N GLU G 16 -15.63 -1.80 -18.22
CA GLU G 16 -14.50 -0.98 -18.69
C GLU G 16 -13.88 -0.14 -17.57
N ASP G 17 -14.58 -0.04 -16.44
CA ASP G 17 -14.13 0.78 -15.31
C ASP G 17 -12.99 0.15 -14.50
N ILE G 18 -12.89 -1.17 -14.52
CA ILE G 18 -11.88 -1.88 -13.72
C ILE G 18 -11.02 -2.87 -14.51
N LEU G 19 -9.90 -3.26 -13.90
CA LEU G 19 -9.03 -4.30 -14.44
C LEU G 19 -8.59 -5.24 -13.33
N LEU G 20 -8.63 -6.54 -13.61
CA LEU G 20 -8.29 -7.56 -12.62
C LEU G 20 -6.80 -7.63 -12.35
N VAL G 21 -6.45 -7.74 -11.07
CA VAL G 21 -5.05 -7.76 -10.64
C VAL G 21 -4.56 -9.20 -10.48
N PRO G 22 -3.44 -9.55 -11.16
CA PRO G 22 -2.87 -10.90 -11.11
C PRO G 22 -2.33 -11.27 -9.72
N ASN G 23 -2.44 -12.56 -9.39
CA ASN G 23 -1.94 -13.09 -8.12
C ASN G 23 -0.87 -14.14 -8.35
N TYR G 24 -0.29 -14.65 -7.26
CA TYR G 24 0.64 -15.77 -7.34
C TYR G 24 -0.05 -16.99 -7.96
N SER G 25 0.44 -17.40 -9.12
CA SER G 25 -0.16 -18.49 -9.88
C SER G 25 0.62 -19.79 -9.76
N GLU G 26 -0.13 -20.91 -9.72
CA GLU G 26 0.46 -22.25 -9.78
C GLU G 26 -0.18 -23.04 -10.91
N VAL G 27 -1.45 -22.74 -11.18
CA VAL G 27 -2.19 -23.37 -12.27
C VAL G 27 -1.90 -22.72 -13.61
N LEU G 28 -1.82 -23.54 -14.66
CA LEU G 28 -1.68 -23.05 -16.02
C LEU G 28 -3.06 -22.84 -16.65
N PRO G 29 -3.20 -21.81 -17.49
CA PRO G 29 -4.47 -21.54 -18.19
C PRO G 29 -4.98 -22.73 -19.01
N ARG G 30 -4.05 -23.53 -19.52
CA ARG G 30 -4.35 -24.71 -20.33
C ARG G 30 -5.20 -25.75 -19.60
N GLU G 31 -5.05 -25.82 -18.27
CA GLU G 31 -5.77 -26.81 -17.46
C GLU G 31 -6.31 -26.25 -16.14
N VAL G 32 -7.55 -25.76 -16.19
CA VAL G 32 -8.29 -25.32 -15.00
C VAL G 32 -9.75 -25.77 -15.06
N SER G 33 -10.38 -25.89 -13.90
CA SER G 33 -11.79 -26.30 -13.81
C SER G 33 -12.71 -25.11 -14.06
N LEU G 34 -13.55 -25.22 -15.09
CA LEU G 34 -14.51 -24.18 -15.43
C LEU G 34 -15.93 -24.55 -15.02
N GLU G 35 -16.06 -25.67 -14.32
CA GLU G 35 -17.35 -26.15 -13.84
C GLU G 35 -17.99 -25.17 -12.87
N THR G 36 -19.30 -24.99 -13.01
CA THR G 36 -20.04 -24.04 -12.18
C THR G 36 -21.47 -24.50 -11.95
N LYS G 37 -22.10 -23.97 -10.89
CA LYS G 37 -23.51 -24.21 -10.63
C LYS G 37 -24.36 -23.18 -11.37
N LEU G 38 -25.25 -23.67 -12.22
CA LEU G 38 -26.22 -22.81 -12.91
C LEU G 38 -27.36 -22.46 -11.96
N THR G 39 -27.85 -23.48 -11.25
CA THR G 39 -28.90 -23.30 -10.25
C THR G 39 -28.50 -23.93 -8.92
N LYS G 40 -29.49 -24.16 -8.06
CA LYS G 40 -29.30 -24.81 -6.76
C LYS G 40 -28.83 -26.26 -6.91
N ASN G 41 -29.26 -26.91 -7.99
CA ASN G 41 -28.98 -28.33 -8.20
C ASN G 41 -28.21 -28.65 -9.48
N VAL G 42 -28.65 -28.08 -10.61
CA VAL G 42 -28.01 -28.37 -11.90
C VAL G 42 -26.70 -27.59 -12.08
N SER G 43 -25.76 -28.19 -12.81
CA SER G 43 -24.43 -27.62 -13.02
C SER G 43 -23.99 -27.71 -14.47
N LEU G 44 -22.97 -26.91 -14.81
CA LEU G 44 -22.45 -26.83 -16.18
C LEU G 44 -20.93 -27.03 -16.24
N LYS G 45 -20.44 -27.39 -17.42
CA LYS G 45 -19.00 -27.58 -17.64
C LYS G 45 -18.28 -26.25 -17.88
N ILE G 46 -18.94 -25.33 -18.59
CA ILE G 46 -18.45 -23.98 -18.81
C ILE G 46 -19.51 -22.94 -18.38
N PRO G 47 -19.07 -21.77 -17.89
CA PRO G 47 -20.04 -20.80 -17.35
C PRO G 47 -20.63 -19.86 -18.40
N LEU G 48 -20.93 -20.39 -19.59
CA LEU G 48 -21.52 -19.60 -20.67
C LEU G 48 -22.99 -19.94 -20.91
N ILE G 49 -23.80 -18.91 -21.10
CA ILE G 49 -25.23 -19.05 -21.36
C ILE G 49 -25.62 -18.18 -22.55
N SER G 50 -26.34 -18.76 -23.51
CA SER G 50 -26.89 -17.99 -24.63
C SER G 50 -28.19 -17.31 -24.22
N SER G 51 -28.33 -16.04 -24.57
CA SER G 51 -29.44 -15.19 -24.12
C SER G 51 -30.81 -15.65 -24.60
N ALA G 52 -31.85 -15.20 -23.89
CA ALA G 52 -33.24 -15.55 -24.22
C ALA G 52 -33.85 -14.54 -25.21
N MET G 53 -33.05 -14.16 -26.20
CA MET G 53 -33.50 -13.25 -27.26
C MET G 53 -33.83 -14.04 -28.51
N ASP G 54 -34.87 -13.59 -29.23
CA ASP G 54 -35.32 -14.24 -30.46
C ASP G 54 -34.29 -14.19 -31.59
N THR G 55 -33.28 -13.35 -31.41
CA THR G 55 -32.23 -13.14 -32.40
C THR G 55 -30.99 -14.03 -32.16
N VAL G 56 -30.96 -14.72 -31.02
CA VAL G 56 -29.76 -15.50 -30.64
C VAL G 56 -29.98 -17.01 -30.43
N THR G 57 -31.00 -17.38 -29.65
CA THR G 57 -31.16 -18.77 -29.25
C THR G 57 -32.37 -19.49 -29.85
N GLU G 58 -32.09 -20.37 -30.81
CA GLU G 58 -33.08 -21.29 -31.35
C GLU G 58 -32.72 -22.69 -30.85
N HIS G 59 -33.06 -23.74 -31.60
CA HIS G 59 -32.68 -25.10 -31.23
C HIS G 59 -31.24 -25.41 -31.64
N LEU G 60 -30.81 -24.87 -32.79
CA LEU G 60 -29.45 -25.04 -33.28
C LEU G 60 -28.42 -24.40 -32.35
N MET G 61 -28.82 -23.31 -31.69
CA MET G 61 -27.98 -22.63 -30.71
C MET G 61 -27.93 -23.40 -29.38
N ALA G 62 -29.11 -23.86 -28.93
CA ALA G 62 -29.22 -24.61 -27.68
C ALA G 62 -28.47 -25.94 -27.72
N VAL G 63 -28.50 -26.60 -28.88
CA VAL G 63 -27.74 -27.83 -29.09
C VAL G 63 -26.24 -27.50 -29.16
N GLY G 64 -25.91 -26.40 -29.83
CA GLY G 64 -24.54 -25.92 -29.94
C GLY G 64 -23.91 -25.58 -28.61
N MET G 65 -24.66 -24.88 -27.77
CA MET G 65 -24.22 -24.49 -26.43
C MET G 65 -24.00 -25.71 -25.53
N ALA G 66 -24.95 -26.64 -25.57
CA ALA G 66 -24.88 -27.86 -24.76
C ALA G 66 -23.79 -28.81 -25.23
N ARG G 67 -23.51 -28.80 -26.53
CA ARG G 67 -22.47 -29.63 -27.12
C ARG G 67 -21.07 -29.16 -26.71
N LEU G 68 -21.00 -27.97 -26.12
CA LEU G 68 -19.74 -27.37 -25.68
C LEU G 68 -19.65 -27.24 -24.15
N GLY G 69 -20.65 -27.74 -23.45
CA GLY G 69 -20.66 -27.74 -21.99
C GLY G 69 -21.55 -26.69 -21.33
N GLY G 70 -22.06 -25.77 -22.14
CA GLY G 70 -22.95 -24.71 -21.65
C GLY G 70 -24.43 -25.07 -21.76
N ILE G 71 -25.27 -24.05 -21.82
CA ILE G 71 -26.72 -24.24 -21.93
C ILE G 71 -27.37 -23.12 -22.75
N GLY G 72 -28.45 -23.46 -23.44
CA GLY G 72 -29.23 -22.49 -24.20
C GLY G 72 -30.62 -22.31 -23.64
N ILE G 73 -31.07 -21.06 -23.55
CA ILE G 73 -32.43 -20.75 -23.07
C ILE G 73 -33.28 -20.24 -24.23
N ILE G 74 -34.34 -20.99 -24.53
CA ILE G 74 -35.24 -20.68 -25.65
C ILE G 74 -36.14 -19.50 -25.31
N HIS G 75 -36.20 -18.53 -26.23
CA HIS G 75 -36.99 -17.31 -26.06
C HIS G 75 -38.49 -17.58 -26.08
N LYS G 76 -39.24 -16.73 -25.39
CA LYS G 76 -40.70 -16.84 -25.37
C LYS G 76 -41.39 -15.87 -26.34
N ASN G 77 -40.68 -15.51 -27.41
CA ASN G 77 -41.21 -14.58 -28.42
C ASN G 77 -41.99 -15.30 -29.53
N MET G 78 -42.43 -16.52 -29.25
CA MET G 78 -43.32 -17.28 -30.13
C MET G 78 -44.26 -18.19 -29.34
N ASP G 79 -45.35 -18.61 -30.00
CA ASP G 79 -46.42 -19.41 -29.37
C ASP G 79 -45.92 -20.69 -28.71
N MET G 80 -46.67 -21.17 -27.73
CA MET G 80 -46.33 -22.37 -26.95
C MET G 80 -46.19 -23.63 -27.82
N GLU G 81 -46.85 -23.62 -28.98
CA GLU G 81 -46.76 -24.73 -29.94
C GLU G 81 -45.34 -24.91 -30.45
N SER G 82 -44.63 -23.81 -30.66
CA SER G 82 -43.26 -23.82 -31.18
C SER G 82 -42.24 -24.11 -30.09
N GLN G 83 -42.35 -23.38 -28.97
CA GLN G 83 -41.34 -23.43 -27.89
C GLN G 83 -41.18 -24.82 -27.27
N VAL G 84 -42.29 -25.51 -27.05
CA VAL G 84 -42.25 -26.87 -26.50
C VAL G 84 -41.54 -27.82 -27.45
N ASN G 85 -41.81 -27.68 -28.75
CA ASN G 85 -41.13 -28.47 -29.78
C ASN G 85 -39.64 -28.16 -29.90
N GLU G 86 -39.28 -26.91 -29.61
CA GLU G 86 -37.88 -26.48 -29.61
C GLU G 86 -37.08 -27.13 -28.48
N VAL G 87 -37.72 -27.29 -27.33
CA VAL G 87 -37.13 -28.00 -26.19
C VAL G 87 -36.97 -29.48 -26.50
N LEU G 88 -37.98 -30.05 -27.16
CA LEU G 88 -37.97 -31.45 -27.60
C LEU G 88 -36.84 -31.75 -28.59
N LYS G 89 -36.66 -30.85 -29.56
CA LYS G 89 -35.64 -31.01 -30.61
C LYS G 89 -34.21 -31.07 -30.05
N VAL G 90 -34.00 -30.43 -28.90
CA VAL G 90 -32.70 -30.47 -28.22
C VAL G 90 -32.52 -31.78 -27.47
N LYS G 91 -33.59 -32.25 -26.83
CA LYS G 91 -33.58 -33.53 -26.12
C LYS G 91 -33.49 -34.73 -27.07
N ASN G 92 -34.22 -34.64 -28.18
CA ASN G 92 -34.21 -35.69 -29.21
C ASN G 92 -32.87 -35.75 -29.95
N SER G 93 -32.10 -34.68 -29.87
CA SER G 93 -30.79 -34.61 -30.49
C SER G 93 -29.76 -35.49 -29.80
N GLY G 94 -29.91 -35.63 -28.47
CA GLY G 94 -29.02 -36.50 -27.69
C GLY G 94 -29.05 -36.26 -26.19
N GLY G 95 -30.23 -35.92 -25.67
CA GLY G 95 -30.43 -35.71 -24.23
C GLY G 95 -29.50 -34.66 -23.65
N LEU G 96 -29.68 -33.41 -24.09
CA LEU G 96 -28.81 -32.30 -23.70
C LEU G 96 -29.46 -31.36 -22.70
N ARG G 97 -28.68 -30.40 -22.20
CA ARG G 97 -29.18 -29.38 -21.28
C ARG G 97 -30.02 -28.35 -22.02
N VAL G 98 -31.27 -28.18 -21.60
CA VAL G 98 -32.18 -27.23 -22.23
C VAL G 98 -32.69 -26.20 -21.21
N GLY G 99 -32.91 -24.97 -21.68
CA GLY G 99 -33.49 -23.92 -20.86
C GLY G 99 -34.64 -23.23 -21.59
N ALA G 100 -35.51 -22.57 -20.84
CA ALA G 100 -36.67 -21.88 -21.42
C ALA G 100 -36.98 -20.59 -20.67
N ALA G 101 -37.50 -19.60 -21.40
CA ALA G 101 -37.88 -18.32 -20.83
C ALA G 101 -39.40 -18.17 -20.75
N ILE G 102 -39.87 -17.58 -19.64
CA ILE G 102 -41.30 -17.29 -19.45
C ILE G 102 -41.51 -15.86 -18.94
N GLY G 103 -42.69 -15.33 -19.21
CA GLY G 103 -43.07 -14.01 -18.71
C GLY G 103 -43.93 -14.10 -17.45
N VAL G 104 -44.59 -13.00 -17.12
CA VAL G 104 -45.48 -12.93 -15.96
C VAL G 104 -46.80 -13.67 -16.22
N ASN G 105 -47.30 -14.37 -15.20
CA ASN G 105 -48.56 -15.11 -15.25
C ASN G 105 -48.60 -16.33 -16.20
N GLU G 106 -47.47 -16.61 -16.84
CA GLU G 106 -47.41 -17.69 -17.83
C GLU G 106 -47.18 -19.06 -17.18
N ILE G 107 -48.20 -19.51 -16.43
CA ILE G 107 -48.17 -20.81 -15.75
C ILE G 107 -48.42 -21.93 -16.76
N GLU G 108 -49.32 -21.68 -17.70
CA GLU G 108 -49.65 -22.61 -18.78
C GLU G 108 -48.41 -22.94 -19.62
N ARG G 109 -47.64 -21.92 -19.97
CA ARG G 109 -46.41 -22.08 -20.74
C ARG G 109 -45.34 -22.85 -19.94
N ALA G 110 -45.32 -22.62 -18.63
CA ALA G 110 -44.36 -23.27 -17.74
C ALA G 110 -44.64 -24.77 -17.58
N LYS G 111 -45.90 -25.12 -17.36
CA LYS G 111 -46.32 -26.51 -17.13
C LYS G 111 -46.00 -27.43 -18.31
N LEU G 112 -46.17 -26.91 -19.52
CA LEU G 112 -45.88 -27.66 -20.75
C LEU G 112 -44.37 -27.91 -20.93
N LEU G 113 -43.56 -27.00 -20.41
CA LEU G 113 -42.10 -27.10 -20.49
C LEU G 113 -41.55 -28.16 -19.53
N VAL G 114 -42.12 -28.23 -18.33
CA VAL G 114 -41.74 -29.22 -17.32
C VAL G 114 -42.01 -30.64 -17.85
N GLU G 115 -43.14 -30.79 -18.54
CA GLU G 115 -43.52 -32.05 -19.19
C GLU G 115 -42.65 -32.33 -20.41
N ALA G 116 -42.15 -31.27 -21.04
CA ALA G 116 -41.29 -31.37 -22.22
C ALA G 116 -39.90 -31.91 -21.90
N GLY G 117 -39.45 -31.70 -20.67
CA GLY G 117 -38.16 -32.21 -20.19
C GLY G 117 -37.09 -31.15 -20.07
N VAL G 118 -37.50 -29.91 -19.81
CA VAL G 118 -36.56 -28.80 -19.65
C VAL G 118 -35.84 -28.87 -18.30
N ASP G 119 -34.58 -28.45 -18.28
CA ASP G 119 -33.75 -28.50 -17.07
C ASP G 119 -34.00 -27.30 -16.15
N VAL G 120 -34.11 -26.12 -16.74
CA VAL G 120 -34.28 -24.88 -15.98
C VAL G 120 -35.33 -23.97 -16.62
N ILE G 121 -36.14 -23.33 -15.77
CA ILE G 121 -37.07 -22.31 -16.21
C ILE G 121 -36.52 -20.93 -15.82
N VAL G 122 -36.39 -20.05 -16.81
CA VAL G 122 -35.92 -18.69 -16.58
C VAL G 122 -37.10 -17.73 -16.59
N LEU G 123 -37.33 -17.07 -15.46
CA LEU G 123 -38.44 -16.15 -15.31
C LEU G 123 -38.00 -14.73 -15.68
N ASP G 124 -37.98 -14.47 -16.99
CA ASP G 124 -37.52 -13.19 -17.54
C ASP G 124 -38.49 -12.05 -17.32
N SER G 125 -37.95 -10.89 -16.97
CA SER G 125 -38.71 -9.67 -16.77
C SER G 125 -37.80 -8.46 -16.92
N ALA G 126 -38.38 -7.34 -17.35
CA ALA G 126 -37.67 -6.06 -17.40
C ALA G 126 -37.32 -5.60 -15.98
N HIS G 127 -38.27 -5.81 -15.06
CA HIS G 127 -38.08 -5.51 -13.65
C HIS G 127 -38.47 -6.72 -12.80
N GLY G 128 -37.48 -7.34 -12.18
CA GLY G 128 -37.68 -8.58 -11.42
C GLY G 128 -38.22 -8.42 -10.02
N HIS G 129 -38.06 -7.22 -9.44
CA HIS G 129 -38.52 -6.95 -8.08
C HIS G 129 -39.93 -6.36 -8.07
N SER G 130 -40.90 -7.19 -8.44
CA SER G 130 -42.31 -6.80 -8.48
C SER G 130 -43.18 -7.92 -7.92
N LEU G 131 -44.38 -7.55 -7.45
CA LEU G 131 -45.34 -8.51 -6.90
C LEU G 131 -45.75 -9.54 -7.95
N ASN G 132 -45.92 -9.08 -9.20
CA ASN G 132 -46.31 -9.92 -10.32
C ASN G 132 -45.34 -11.07 -10.60
N ILE G 133 -44.05 -10.80 -10.43
CA ILE G 133 -43.01 -11.82 -10.61
C ILE G 133 -42.98 -12.79 -9.44
N ILE G 134 -43.05 -12.26 -8.21
CA ILE G 134 -43.04 -13.06 -6.98
C ILE G 134 -44.25 -14.00 -6.91
N ARG G 135 -45.42 -13.47 -7.26
CA ARG G 135 -46.66 -14.26 -7.27
C ARG G 135 -46.60 -15.41 -8.29
N THR G 136 -45.96 -15.16 -9.42
CA THR G 136 -45.75 -16.18 -10.44
C THR G 136 -44.80 -17.28 -9.93
N LEU G 137 -43.72 -16.86 -9.27
CA LEU G 137 -42.71 -17.76 -8.72
C LEU G 137 -43.33 -18.82 -7.80
N LYS G 138 -44.20 -18.37 -6.90
CA LYS G 138 -44.89 -19.24 -5.94
C LYS G 138 -45.75 -20.31 -6.62
N GLU G 139 -46.47 -19.90 -7.66
CA GLU G 139 -47.39 -20.80 -8.38
C GLU G 139 -46.65 -21.85 -9.20
N ILE G 140 -45.39 -21.57 -9.55
CA ILE G 140 -44.57 -22.52 -10.30
C ILE G 140 -44.05 -23.64 -9.40
N LYS G 141 -43.48 -23.28 -8.26
CA LYS G 141 -42.90 -24.24 -7.33
C LYS G 141 -43.95 -25.11 -6.61
N SER G 142 -45.14 -24.56 -6.39
CA SER G 142 -46.23 -25.29 -5.73
C SER G 142 -47.11 -26.08 -6.72
N LYS G 143 -46.58 -26.30 -7.91
CA LYS G 143 -47.23 -27.14 -8.92
C LYS G 143 -46.21 -28.06 -9.60
N MET G 144 -45.00 -27.53 -9.81
CA MET G 144 -43.94 -28.24 -10.52
C MET G 144 -42.66 -28.18 -9.71
N ASN G 145 -41.92 -29.29 -9.66
CA ASN G 145 -40.62 -29.30 -8.97
C ASN G 145 -39.43 -29.23 -9.93
N ILE G 146 -39.07 -28.00 -10.29
CA ILE G 146 -37.92 -27.74 -11.15
C ILE G 146 -37.32 -26.37 -10.83
N ASP G 147 -35.99 -26.26 -10.97
CA ASP G 147 -35.25 -25.05 -10.60
C ASP G 147 -35.59 -23.85 -11.48
N VAL G 148 -35.87 -22.72 -10.83
CA VAL G 148 -36.29 -21.50 -11.52
C VAL G 148 -35.29 -20.36 -11.31
N ILE G 149 -34.80 -19.79 -12.42
CA ILE G 149 -33.94 -18.61 -12.40
C ILE G 149 -34.77 -17.35 -12.61
N VAL G 150 -34.61 -16.37 -11.72
CA VAL G 150 -35.42 -15.16 -11.74
C VAL G 150 -34.57 -13.91 -12.03
N GLY G 151 -35.05 -13.10 -12.99
CA GLY G 151 -34.40 -11.84 -13.34
C GLY G 151 -35.37 -10.87 -14.00
N ASN G 152 -34.94 -9.63 -14.23
CA ASN G 152 -33.61 -9.16 -13.85
C ASN G 152 -33.62 -8.28 -12.60
N VAL G 153 -32.51 -8.29 -11.87
CA VAL G 153 -32.40 -7.62 -10.58
C VAL G 153 -31.00 -7.03 -10.38
N VAL G 154 -30.92 -5.90 -9.67
CA VAL G 154 -29.63 -5.25 -9.41
C VAL G 154 -29.42 -4.91 -7.93
N THR G 155 -30.49 -4.90 -7.16
CA THR G 155 -30.43 -4.58 -5.73
C THR G 155 -30.40 -5.85 -4.88
N GLU G 156 -29.78 -5.75 -3.70
CA GLU G 156 -29.68 -6.88 -2.77
C GLU G 156 -31.01 -7.15 -2.06
N GLU G 157 -31.82 -6.11 -1.88
CA GLU G 157 -33.16 -6.25 -1.30
C GLU G 157 -34.03 -7.17 -2.16
N ALA G 158 -33.88 -7.04 -3.48
CA ALA G 158 -34.56 -7.89 -4.44
C ALA G 158 -33.96 -9.29 -4.46
N THR G 159 -32.64 -9.35 -4.31
CA THR G 159 -31.93 -10.64 -4.25
C THR G 159 -32.40 -11.44 -3.05
N LYS G 160 -32.52 -10.76 -1.91
CA LYS G 160 -33.00 -11.38 -0.66
C LYS G 160 -34.43 -11.90 -0.81
N GLU G 161 -35.35 -11.05 -1.27
CA GLU G 161 -36.76 -11.41 -1.42
C GLU G 161 -37.01 -12.59 -2.36
N LEU G 162 -36.27 -12.65 -3.46
CA LEU G 162 -36.43 -13.73 -4.42
C LEU G 162 -35.95 -15.08 -3.89
N ILE G 163 -34.82 -15.06 -3.17
CA ILE G 163 -34.30 -16.27 -2.52
C ILE G 163 -35.26 -16.79 -1.45
N GLU G 164 -35.80 -15.86 -0.66
CA GLU G 164 -36.81 -16.18 0.37
C GLU G 164 -38.03 -16.87 -0.22
N ASN G 165 -38.47 -16.39 -1.38
CA ASN G 165 -39.63 -16.96 -2.07
C ASN G 165 -39.30 -18.21 -2.89
N GLY G 166 -38.03 -18.64 -2.84
CA GLY G 166 -37.61 -19.90 -3.42
C GLY G 166 -37.03 -19.83 -4.82
N ALA G 167 -36.25 -18.79 -5.09
CA ALA G 167 -35.52 -18.68 -6.35
C ALA G 167 -34.25 -19.52 -6.28
N ASP G 168 -34.02 -20.31 -7.32
CA ASP G 168 -32.87 -21.20 -7.38
C ASP G 168 -31.72 -20.58 -8.17
N GLY G 169 -31.99 -19.44 -8.79
CA GLY G 169 -30.99 -18.70 -9.56
C GLY G 169 -31.35 -17.23 -9.69
N ILE G 170 -30.36 -16.36 -9.50
CA ILE G 170 -30.57 -14.92 -9.60
C ILE G 170 -29.88 -14.35 -10.83
N LYS G 171 -30.68 -13.79 -11.73
CA LYS G 171 -30.15 -13.18 -12.95
C LYS G 171 -30.04 -11.67 -12.79
N VAL G 172 -28.80 -11.18 -12.75
CA VAL G 172 -28.49 -9.78 -12.52
C VAL G 172 -28.22 -9.06 -13.84
N GLY G 173 -28.91 -7.93 -14.05
CA GLY G 173 -28.69 -7.12 -15.24
C GLY G 173 -29.80 -6.13 -15.59
N ILE G 174 -29.73 -4.95 -14.97
CA ILE G 174 -30.59 -3.83 -15.36
C ILE G 174 -29.70 -2.62 -15.66
N GLY G 175 -29.74 -2.17 -16.91
CA GLY G 175 -28.90 -1.07 -17.36
C GLY G 175 -28.03 -1.47 -18.53
N PRO G 176 -26.81 -1.99 -18.27
CA PRO G 176 -25.89 -2.39 -19.33
C PRO G 176 -26.41 -3.59 -20.13
N GLY G 177 -26.61 -3.39 -21.43
CA GLY G 177 -27.11 -4.42 -22.32
C GLY G 177 -26.70 -4.20 -23.76
N THR G 181 -31.69 0.04 -24.03
CA THR G 181 -32.11 1.43 -24.12
C THR G 181 -32.85 1.91 -22.86
N THR G 182 -32.80 1.08 -21.81
CA THR G 182 -33.41 1.41 -20.53
C THR G 182 -32.72 2.61 -19.88
N ARG G 183 -31.42 2.74 -20.15
CA ARG G 183 -30.62 3.87 -19.69
C ARG G 183 -31.02 5.18 -20.37
N ILE G 184 -31.64 5.05 -21.55
CA ILE G 184 -32.04 6.20 -22.36
C ILE G 184 -33.52 6.52 -22.18
N VAL G 185 -34.36 5.50 -22.34
CA VAL G 185 -35.82 5.66 -22.28
C VAL G 185 -36.29 5.97 -20.84
N ALA G 186 -35.89 5.12 -19.90
CA ALA G 186 -36.28 5.27 -18.51
C ALA G 186 -35.25 6.04 -17.68
N GLY G 187 -33.98 5.95 -18.07
CA GLY G 187 -32.89 6.55 -17.31
C GLY G 187 -32.67 5.79 -16.02
N VAL G 188 -32.82 4.46 -16.10
CA VAL G 188 -32.79 3.58 -14.94
C VAL G 188 -31.77 2.47 -15.18
N GLY G 189 -31.03 2.12 -14.14
CA GLY G 189 -30.09 1.00 -14.22
C GLY G 189 -28.96 1.05 -13.22
N VAL G 190 -28.28 -0.08 -13.06
CA VAL G 190 -27.09 -0.19 -12.21
C VAL G 190 -25.99 -0.91 -12.99
N PRO G 191 -24.80 -0.28 -13.09
CA PRO G 191 -23.63 -0.82 -13.78
C PRO G 191 -23.28 -2.24 -13.31
N GLN G 192 -22.93 -3.10 -14.27
CA GLN G 192 -22.86 -4.55 -14.05
C GLN G 192 -21.97 -4.99 -12.89
N ILE G 193 -20.77 -4.43 -12.78
CA ILE G 193 -19.83 -4.82 -11.73
C ILE G 193 -20.37 -4.55 -10.31
N THR G 194 -20.86 -3.33 -10.09
CA THR G 194 -21.44 -2.94 -8.80
C THR G 194 -22.74 -3.70 -8.51
N ALA G 195 -23.43 -4.11 -9.58
CA ALA G 195 -24.67 -4.87 -9.47
C ALA G 195 -24.43 -6.30 -8.99
N ILE G 196 -23.42 -6.96 -9.58
CA ILE G 196 -23.04 -8.32 -9.19
C ILE G 196 -22.42 -8.32 -7.79
N GLU G 197 -21.66 -7.27 -7.49
CA GLU G 197 -20.97 -7.12 -6.21
C GLU G 197 -21.93 -7.03 -5.04
N LYS G 198 -23.04 -6.31 -5.22
CA LYS G 198 -24.05 -6.14 -4.17
C LYS G 198 -24.98 -7.35 -4.04
N CYS G 199 -25.32 -7.96 -5.18
CA CYS G 199 -26.23 -9.11 -5.20
C CYS G 199 -25.56 -10.40 -4.71
N SER G 200 -24.26 -10.54 -4.96
CA SER G 200 -23.51 -11.72 -4.53
C SER G 200 -23.34 -11.79 -3.02
N SER G 201 -23.12 -10.65 -2.39
CA SER G 201 -22.94 -10.56 -0.93
C SER G 201 -24.20 -10.99 -0.17
N VAL G 202 -25.34 -10.96 -0.84
CA VAL G 202 -26.62 -11.35 -0.25
C VAL G 202 -27.16 -12.66 -0.83
N ALA G 203 -26.35 -13.33 -1.64
CA ALA G 203 -26.74 -14.60 -2.27
C ALA G 203 -25.72 -15.71 -2.07
N SER G 204 -24.46 -15.34 -1.91
CA SER G 204 -23.39 -16.31 -1.63
C SER G 204 -23.45 -16.80 -0.18
N LYS G 205 -24.24 -16.11 0.64
CA LYS G 205 -24.58 -16.60 1.98
C LYS G 205 -25.29 -17.95 1.86
N PHE G 206 -26.23 -18.02 0.93
CA PHE G 206 -26.88 -19.27 0.55
C PHE G 206 -26.12 -19.90 -0.61
N GLY G 207 -26.69 -20.94 -1.22
CA GLY G 207 -26.06 -21.59 -2.37
C GLY G 207 -26.62 -21.14 -3.69
N ILE G 208 -27.21 -19.95 -3.72
CA ILE G 208 -27.85 -19.41 -4.93
C ILE G 208 -26.83 -18.73 -5.85
N PRO G 209 -26.67 -19.26 -7.08
CA PRO G 209 -25.73 -18.70 -8.06
C PRO G 209 -26.25 -17.41 -8.69
N ILE G 210 -25.32 -16.59 -9.18
CA ILE G 210 -25.64 -15.33 -9.83
C ILE G 210 -25.34 -15.42 -11.33
N ILE G 211 -26.33 -15.08 -12.14
CA ILE G 211 -26.18 -15.06 -13.59
C ILE G 211 -26.00 -13.62 -14.08
N ALA G 212 -24.78 -13.28 -14.48
CA ALA G 212 -24.46 -11.96 -15.02
C ALA G 212 -25.03 -11.82 -16.42
N ASP G 213 -26.07 -11.00 -16.56
CA ASP G 213 -26.80 -10.87 -17.82
C ASP G 213 -26.62 -9.49 -18.45
N GLY G 214 -25.93 -9.46 -19.59
CA GLY G 214 -25.75 -8.24 -20.37
C GLY G 214 -24.46 -7.50 -20.08
N GLY G 215 -24.01 -6.72 -21.06
CA GLY G 215 -22.81 -5.89 -20.93
C GLY G 215 -21.55 -6.55 -21.45
N ILE G 216 -21.63 -7.83 -21.81
CA ILE G 216 -20.48 -8.59 -22.30
C ILE G 216 -20.20 -8.24 -23.76
N ARG G 217 -18.97 -7.79 -24.02
CA ARG G 217 -18.54 -7.47 -25.38
C ARG G 217 -17.21 -8.13 -25.72
N TYR G 218 -16.40 -8.38 -24.69
CA TYR G 218 -15.11 -9.04 -24.86
C TYR G 218 -14.92 -10.16 -23.83
N SER G 219 -14.04 -11.12 -24.16
CA SER G 219 -13.79 -12.29 -23.30
C SER G 219 -13.29 -11.90 -21.91
N GLY G 220 -12.64 -10.75 -21.81
CA GLY G 220 -12.16 -10.21 -20.54
C GLY G 220 -13.27 -9.86 -19.57
N ASP G 221 -14.42 -9.44 -20.12
CA ASP G 221 -15.59 -9.08 -19.31
C ASP G 221 -16.21 -10.29 -18.62
N ILE G 222 -16.07 -11.46 -19.23
CA ILE G 222 -16.53 -12.72 -18.65
C ILE G 222 -15.78 -13.00 -17.34
N GLY G 223 -14.46 -12.90 -17.39
CA GLY G 223 -13.61 -13.06 -16.21
C GLY G 223 -13.92 -12.04 -15.14
N LYS G 224 -14.11 -10.79 -15.55
CA LYS G 224 -14.44 -9.70 -14.65
C LYS G 224 -15.72 -9.96 -13.85
N ALA G 225 -16.77 -10.38 -14.54
CA ALA G 225 -18.07 -10.64 -13.92
C ALA G 225 -18.03 -11.81 -12.94
N LEU G 226 -17.33 -12.87 -13.34
CA LEU G 226 -17.18 -14.06 -12.50
C LEU G 226 -16.38 -13.77 -11.24
N ALA G 227 -15.29 -13.01 -11.39
CA ALA G 227 -14.41 -12.68 -10.27
C ALA G 227 -15.08 -11.82 -9.21
N VAL G 228 -16.05 -11.01 -9.64
CA VAL G 228 -16.76 -10.10 -8.75
C VAL G 228 -17.75 -10.86 -7.85
N GLY G 229 -18.32 -11.94 -8.36
CA GLY G 229 -19.21 -12.80 -7.56
C GLY G 229 -20.20 -13.64 -8.35
N ALA G 230 -20.13 -13.58 -9.68
CA ALA G 230 -21.04 -14.34 -10.54
C ALA G 230 -20.56 -15.76 -10.78
N SER G 231 -21.50 -16.66 -11.00
CA SER G 231 -21.20 -18.06 -11.28
C SER G 231 -21.26 -18.36 -12.77
N SER G 232 -22.08 -17.60 -13.49
CA SER G 232 -22.27 -17.77 -14.93
C SER G 232 -22.62 -16.46 -15.62
N VAL G 233 -22.20 -16.33 -16.88
CA VAL G 233 -22.50 -15.12 -17.67
C VAL G 233 -23.43 -15.43 -18.84
N MET G 234 -24.39 -14.55 -19.07
CA MET G 234 -25.34 -14.68 -20.17
C MET G 234 -24.92 -13.76 -21.31
N ILE G 235 -24.59 -14.35 -22.46
CA ILE G 235 -24.10 -13.60 -23.62
C ILE G 235 -25.11 -13.53 -24.76
N GLY G 236 -25.22 -12.35 -25.37
CA GLY G 236 -26.22 -12.10 -26.40
C GLY G 236 -25.68 -11.73 -27.77
N SER G 237 -25.27 -10.47 -27.93
CA SER G 237 -24.88 -9.91 -29.23
C SER G 237 -23.64 -10.56 -29.85
N ILE G 238 -22.82 -11.21 -29.03
CA ILE G 238 -21.61 -11.88 -29.50
C ILE G 238 -21.95 -13.13 -30.33
N LEU G 239 -23.13 -13.70 -30.09
CA LEU G 239 -23.59 -14.87 -30.84
C LEU G 239 -24.71 -14.53 -31.84
N ALA G 240 -25.04 -13.25 -31.96
CA ALA G 240 -26.16 -12.79 -32.80
C ALA G 240 -25.99 -13.10 -34.28
N GLY G 241 -24.77 -13.02 -34.78
CA GLY G 241 -24.50 -13.20 -36.21
C GLY G 241 -23.96 -14.56 -36.61
N THR G 242 -23.87 -15.47 -35.64
CA THR G 242 -23.34 -16.81 -35.88
C THR G 242 -24.33 -17.70 -36.63
N GLU G 243 -23.80 -18.75 -37.29
CA GLU G 243 -24.58 -19.65 -38.14
C GLU G 243 -25.70 -20.38 -37.38
N GLU G 244 -25.45 -20.68 -36.11
CA GLU G 244 -26.39 -21.44 -35.27
C GLU G 244 -27.53 -20.59 -34.73
N SER G 245 -27.37 -19.26 -34.74
CA SER G 245 -28.43 -18.34 -34.34
C SER G 245 -29.48 -18.21 -35.45
N PRO G 246 -30.72 -17.82 -35.08
CA PRO G 246 -31.81 -17.67 -36.06
C PRO G 246 -31.51 -16.66 -37.16
N GLY G 247 -32.18 -16.84 -38.30
CA GLY G 247 -32.00 -15.95 -39.45
C GLY G 247 -31.50 -16.68 -40.68
N GLU G 248 -31.50 -15.98 -41.81
CA GLU G 248 -31.04 -16.53 -43.09
C GLU G 248 -29.95 -15.65 -43.69
N LYS G 249 -29.01 -16.28 -44.39
CA LYS G 249 -27.89 -15.56 -45.00
C LYS G 249 -28.33 -14.74 -46.21
N GLU G 250 -27.75 -13.55 -46.36
CA GLU G 250 -27.99 -12.69 -47.51
C GLU G 250 -26.77 -11.81 -47.80
N LEU G 251 -26.57 -11.48 -49.08
CA LEU G 251 -25.44 -10.65 -49.50
C LEU G 251 -25.85 -9.19 -49.72
N ILE G 252 -25.30 -8.31 -48.89
CA ILE G 252 -25.52 -6.86 -49.03
C ILE G 252 -24.18 -6.16 -49.24
N GLY G 253 -23.96 -5.67 -50.46
CA GLY G 253 -22.72 -5.00 -50.82
C GLY G 253 -21.59 -5.99 -51.04
N ASP G 254 -20.95 -6.41 -49.95
CA ASP G 254 -19.78 -7.29 -50.02
C ASP G 254 -19.72 -8.36 -48.92
N THR G 255 -20.48 -8.14 -47.84
CA THR G 255 -20.45 -9.06 -46.69
C THR G 255 -21.81 -9.70 -46.41
N VAL G 256 -21.77 -10.86 -45.77
CA VAL G 256 -22.97 -11.64 -45.46
C VAL G 256 -23.70 -11.10 -44.23
N TYR G 257 -25.02 -11.06 -44.31
CA TYR G 257 -25.88 -10.61 -43.22
C TYR G 257 -26.99 -11.62 -42.91
N LYS G 258 -27.55 -11.53 -41.70
CA LYS G 258 -28.71 -12.34 -41.31
C LYS G 258 -29.93 -11.48 -41.07
N TYR G 259 -31.02 -11.77 -41.80
CA TYR G 259 -32.27 -11.01 -41.69
C TYR G 259 -33.35 -11.78 -40.92
N TYR G 260 -34.36 -11.05 -40.46
CA TYR G 260 -35.46 -11.63 -39.70
C TYR G 260 -36.81 -11.23 -40.29
N GLU G 293 -38.22 -5.77 -38.16
CA GLU G 293 -37.16 -6.75 -38.40
C GLU G 293 -35.90 -6.12 -38.99
N GLY G 294 -34.75 -6.46 -38.39
CA GLY G 294 -33.47 -5.88 -38.78
C GLY G 294 -32.46 -6.88 -39.30
N ARG G 295 -31.19 -6.48 -39.28
CA ARG G 295 -30.09 -7.30 -39.78
C ARG G 295 -28.86 -7.21 -38.88
N VAL G 296 -28.05 -8.27 -38.89
CA VAL G 296 -26.77 -8.30 -38.17
C VAL G 296 -25.71 -9.03 -39.00
N LYS G 297 -24.47 -8.55 -38.94
CA LYS G 297 -23.37 -9.10 -39.74
C LYS G 297 -23.03 -10.54 -39.34
N TYR G 298 -22.80 -11.37 -40.36
CA TYR G 298 -22.49 -12.78 -40.17
C TYR G 298 -21.10 -12.99 -39.59
N LYS G 299 -21.02 -13.82 -38.55
CA LYS G 299 -19.76 -14.05 -37.83
C LYS G 299 -19.10 -15.37 -38.20
N GLY G 300 -19.91 -16.40 -38.41
CA GLY G 300 -19.40 -17.73 -38.77
C GLY G 300 -19.98 -18.83 -37.89
N GLU G 301 -19.16 -19.85 -37.62
CA GLU G 301 -19.56 -20.92 -36.70
C GLU G 301 -19.43 -20.43 -35.26
N MET G 302 -20.39 -20.80 -34.42
CA MET G 302 -20.40 -20.40 -33.01
C MET G 302 -19.27 -21.02 -32.20
N GLU G 303 -18.75 -22.16 -32.70
CA GLU G 303 -17.70 -22.92 -32.01
C GLU G 303 -16.43 -22.11 -31.79
N GLY G 304 -16.01 -21.38 -32.82
CA GLY G 304 -14.80 -20.54 -32.75
C GLY G 304 -14.95 -19.32 -31.88
N VAL G 305 -16.15 -18.75 -31.86
CA VAL G 305 -16.47 -17.58 -31.04
C VAL G 305 -16.41 -17.95 -29.55
N VAL G 306 -17.07 -19.05 -29.20
CA VAL G 306 -17.06 -19.59 -27.84
C VAL G 306 -15.65 -20.02 -27.43
N TYR G 307 -14.91 -20.61 -28.37
CA TYR G 307 -13.52 -21.01 -28.17
C TYR G 307 -12.67 -19.83 -27.72
N GLN G 308 -12.87 -18.67 -28.37
CA GLN G 308 -12.14 -17.45 -28.06
C GLN G 308 -12.53 -16.92 -26.67
N LEU G 309 -13.82 -17.01 -26.36
CA LEU G 309 -14.35 -16.53 -25.08
C LEU G 309 -13.88 -17.38 -23.90
N VAL G 310 -13.82 -18.69 -24.11
CA VAL G 310 -13.34 -19.64 -23.09
C VAL G 310 -11.85 -19.45 -22.83
N GLY G 311 -11.06 -19.41 -23.91
CA GLY G 311 -9.61 -19.20 -23.84
C GLY G 311 -9.20 -17.91 -23.15
N GLY G 312 -10.03 -16.87 -23.30
CA GLY G 312 -9.83 -15.60 -22.60
C GLY G 312 -10.04 -15.74 -21.11
N LEU G 313 -11.05 -16.53 -20.73
CA LEU G 313 -11.31 -16.86 -19.33
C LEU G 313 -10.19 -17.73 -18.77
N ARG G 314 -9.72 -18.68 -19.58
CA ARG G 314 -8.59 -19.55 -19.23
C ARG G 314 -7.37 -18.71 -18.83
N SER G 315 -7.05 -17.74 -19.68
CA SER G 315 -5.93 -16.82 -19.43
C SER G 315 -6.16 -15.96 -18.20
N CYS G 316 -7.39 -15.46 -18.05
CA CYS G 316 -7.78 -14.64 -16.91
C CYS G 316 -7.49 -15.32 -15.57
N MET G 317 -7.92 -16.59 -15.46
CA MET G 317 -7.71 -17.39 -14.26
C MET G 317 -6.25 -17.81 -14.10
N GLY G 318 -5.52 -17.86 -15.21
CA GLY G 318 -4.08 -18.11 -15.19
C GLY G 318 -3.34 -17.00 -14.48
N TYR G 319 -3.64 -15.76 -14.86
CA TYR G 319 -3.04 -14.57 -14.23
C TYR G 319 -3.35 -14.49 -12.73
N LEU G 320 -4.60 -14.77 -12.37
CA LEU G 320 -5.05 -14.69 -10.98
C LEU G 320 -4.76 -15.96 -10.18
N GLY G 321 -4.29 -16.99 -10.87
CA GLY G 321 -3.91 -18.26 -10.23
C GLY G 321 -5.07 -18.99 -9.59
N SER G 322 -6.18 -19.08 -10.31
CA SER G 322 -7.38 -19.73 -9.82
C SER G 322 -7.68 -20.99 -10.64
N ALA G 323 -7.89 -22.10 -9.93
CA ALA G 323 -8.18 -23.39 -10.56
C ALA G 323 -9.68 -23.58 -10.80
N SER G 324 -10.50 -22.87 -10.03
CA SER G 324 -11.95 -22.93 -10.17
C SER G 324 -12.60 -21.57 -9.91
N ILE G 325 -13.88 -21.45 -10.27
CA ILE G 325 -14.66 -20.24 -10.06
C ILE G 325 -14.88 -19.96 -8.57
N GLU G 326 -15.15 -21.04 -7.82
CA GLU G 326 -15.31 -20.95 -6.36
C GLU G 326 -14.03 -20.46 -5.69
N GLU G 327 -12.88 -20.89 -6.22
CA GLU G 327 -11.58 -20.45 -5.74
C GLU G 327 -11.27 -19.03 -6.19
N LEU G 328 -11.80 -18.65 -7.36
CA LEU G 328 -11.62 -17.31 -7.92
C LEU G 328 -12.19 -16.22 -7.03
N TRP G 329 -13.38 -16.48 -6.46
CA TRP G 329 -14.06 -15.51 -5.59
C TRP G 329 -13.22 -15.10 -4.38
N LYS G 330 -12.47 -16.06 -3.82
CA LYS G 330 -11.67 -15.81 -2.62
C LYS G 330 -10.44 -14.94 -2.88
N LYS G 331 -9.82 -15.12 -4.05
CA LYS G 331 -8.58 -14.40 -4.38
C LYS G 331 -8.72 -13.43 -5.57
N SER G 332 -9.77 -12.62 -5.55
CA SER G 332 -10.00 -11.62 -6.60
C SER G 332 -9.81 -10.20 -6.10
N SER G 333 -9.18 -9.37 -6.92
CA SER G 333 -8.97 -7.95 -6.62
C SER G 333 -8.81 -7.15 -7.92
N TYR G 334 -9.29 -5.90 -7.91
CA TYR G 334 -9.24 -5.07 -9.12
C TYR G 334 -8.83 -3.62 -8.86
N VAL G 335 -8.30 -2.98 -9.90
CA VAL G 335 -7.96 -1.56 -9.86
C VAL G 335 -8.93 -0.74 -10.72
N GLU G 336 -9.29 0.44 -10.22
CA GLU G 336 -10.08 1.40 -10.98
C GLU G 336 -9.22 2.07 -12.06
N ILE G 337 -9.67 1.97 -13.31
CA ILE G 337 -8.99 2.59 -14.43
C ILE G 337 -9.83 3.74 -14.99
N THR G 338 -9.18 4.87 -15.28
CA THR G 338 -9.86 6.03 -15.85
C THR G 338 -9.99 5.91 -17.35
N THR G 339 -11.22 5.90 -17.84
CA THR G 339 -11.51 5.87 -19.28
C THR G 339 -11.18 7.23 -19.93
N SER G 340 -11.09 8.27 -19.09
CA SER G 340 -10.68 9.60 -19.51
C SER G 340 -9.23 9.61 -20.02
N THR H 6 -14.27 -4.27 0.64
CA THR H 6 -14.57 -4.35 -0.82
C THR H 6 -13.45 -5.03 -1.61
N LYS H 7 -13.74 -5.33 -2.88
CA LYS H 7 -12.78 -5.96 -3.78
C LYS H 7 -11.95 -4.91 -4.54
N ASN H 8 -12.32 -3.64 -4.38
CA ASN H 8 -11.61 -2.51 -4.96
C ASN H 8 -10.34 -2.20 -4.16
N ILE H 9 -9.19 -2.34 -4.83
CA ILE H 9 -7.89 -2.13 -4.17
C ILE H 9 -7.35 -0.71 -4.35
N GLY H 10 -7.91 0.02 -5.31
CA GLY H 10 -7.54 1.42 -5.53
C GLY H 10 -7.66 1.89 -6.97
N LYS H 11 -7.27 3.14 -7.20
CA LYS H 11 -7.31 3.75 -8.53
C LYS H 11 -5.96 3.64 -9.22
N GLY H 12 -5.93 2.88 -10.32
CA GLY H 12 -4.73 2.72 -11.13
C GLY H 12 -4.52 3.90 -12.06
N LEU H 13 -3.27 4.33 -12.17
CA LEU H 13 -2.91 5.49 -13.01
C LEU H 13 -1.95 5.09 -14.12
N THR H 14 -2.24 5.56 -15.33
CA THR H 14 -1.34 5.36 -16.48
C THR H 14 -0.56 6.65 -16.77
N PHE H 15 0.31 6.60 -17.77
CA PHE H 15 1.10 7.76 -18.19
C PHE H 15 0.22 8.99 -18.46
N GLU H 16 -0.88 8.76 -19.16
CA GLU H 16 -1.78 9.82 -19.61
C GLU H 16 -2.48 10.54 -18.46
N ASP H 17 -2.62 9.83 -17.34
CA ASP H 17 -3.34 10.35 -16.17
C ASP H 17 -2.55 11.39 -15.37
N ILE H 18 -1.23 11.36 -15.49
CA ILE H 18 -0.37 12.17 -14.63
C ILE H 18 0.51 13.18 -15.37
N LEU H 19 0.98 14.18 -14.63
CA LEU H 19 1.94 15.16 -15.13
C LEU H 19 2.95 15.51 -14.05
N LEU H 20 4.23 15.48 -14.39
CA LEU H 20 5.29 15.78 -13.45
C LEU H 20 5.36 17.28 -13.12
N VAL H 21 5.47 17.58 -11.84
CA VAL H 21 5.51 18.95 -11.35
C VAL H 21 6.95 19.48 -11.34
N PRO H 22 7.18 20.66 -11.94
CA PRO H 22 8.50 21.31 -11.95
C PRO H 22 9.03 21.60 -10.55
N ASN H 23 10.28 21.20 -10.31
CA ASN H 23 10.98 21.52 -9.06
C ASN H 23 11.93 22.70 -9.27
N TYR H 24 12.58 23.15 -8.20
CA TYR H 24 13.64 24.13 -8.31
C TYR H 24 14.81 23.53 -9.08
N SER H 25 15.33 24.28 -10.06
CA SER H 25 16.33 23.76 -10.97
C SER H 25 17.63 24.56 -11.00
N GLU H 26 18.74 23.84 -10.98
CA GLU H 26 20.06 24.43 -11.14
C GLU H 26 20.73 23.85 -12.40
N VAL H 27 20.29 22.65 -12.77
CA VAL H 27 20.91 21.89 -13.86
C VAL H 27 20.25 22.21 -15.20
N LEU H 28 21.08 22.43 -16.22
CA LEU H 28 20.62 22.56 -17.59
C LEU H 28 20.57 21.18 -18.26
N PRO H 29 19.63 20.98 -19.21
CA PRO H 29 19.48 19.70 -19.93
C PRO H 29 20.78 19.05 -20.42
N ARG H 30 21.74 19.86 -20.86
CA ARG H 30 23.03 19.38 -21.35
C ARG H 30 23.92 18.78 -20.25
N GLU H 31 23.81 19.32 -19.04
CA GLU H 31 24.62 18.86 -17.90
C GLU H 31 23.96 17.75 -17.09
N VAL H 32 22.92 17.15 -17.65
CA VAL H 32 22.19 16.07 -16.99
C VAL H 32 22.88 14.73 -17.28
N SER H 33 23.16 13.97 -16.23
CA SER H 33 23.71 12.62 -16.36
C SER H 33 22.59 11.59 -16.46
N LEU H 34 22.68 10.73 -17.48
CA LEU H 34 21.66 9.71 -17.72
C LEU H 34 22.16 8.29 -17.40
N GLU H 35 23.27 8.20 -16.65
CA GLU H 35 23.82 6.91 -16.23
C GLU H 35 22.76 6.07 -15.52
N THR H 36 22.73 4.78 -15.83
CA THR H 36 21.62 3.90 -15.46
C THR H 36 22.10 2.54 -14.94
N LYS H 37 21.33 1.95 -14.03
CA LYS H 37 21.53 0.57 -13.61
C LYS H 37 20.53 -0.33 -14.32
N LEU H 38 21.03 -1.22 -15.18
CA LEU H 38 20.19 -2.22 -15.84
C LEU H 38 19.91 -3.35 -14.85
N THR H 39 20.98 -3.96 -14.33
CA THR H 39 20.89 -4.96 -13.28
C THR H 39 21.79 -4.55 -12.11
N LYS H 40 21.78 -5.35 -11.04
CA LYS H 40 22.57 -5.10 -9.85
C LYS H 40 24.08 -5.05 -10.12
N ASN H 41 24.49 -5.56 -11.28
CA ASN H 41 25.91 -5.63 -11.65
C ASN H 41 26.29 -4.95 -12.95
N VAL H 42 25.33 -4.83 -13.87
CA VAL H 42 25.56 -4.20 -15.19
C VAL H 42 24.96 -2.79 -15.25
N SER H 43 25.81 -1.82 -15.56
CA SER H 43 25.38 -0.42 -15.71
C SER H 43 25.09 -0.09 -17.17
N LEU H 44 24.62 1.14 -17.41
CA LEU H 44 24.17 1.58 -18.72
C LEU H 44 24.32 3.10 -18.84
N LYS H 45 24.56 3.59 -20.06
CA LYS H 45 24.79 5.02 -20.29
C LYS H 45 23.50 5.82 -20.47
N ILE H 46 22.52 5.23 -21.16
CA ILE H 46 21.19 5.81 -21.30
C ILE H 46 20.11 4.76 -20.99
N PRO H 47 19.03 5.16 -20.29
CA PRO H 47 18.07 4.19 -19.76
C PRO H 47 17.07 3.63 -20.78
N LEU H 48 17.52 3.44 -22.02
CA LEU H 48 16.65 2.93 -23.09
C LEU H 48 17.00 1.50 -23.48
N ILE H 49 16.01 0.62 -23.44
CA ILE H 49 16.16 -0.77 -23.84
C ILE H 49 15.24 -1.11 -25.01
N SER H 50 15.75 -1.87 -25.96
CA SER H 50 14.96 -2.36 -27.09
C SER H 50 14.18 -3.61 -26.69
N SER H 51 12.92 -3.67 -27.09
CA SER H 51 12.02 -4.78 -26.74
C SER H 51 12.42 -6.11 -27.36
N ALA H 52 12.16 -7.20 -26.65
CA ALA H 52 12.45 -8.54 -27.13
C ALA H 52 11.35 -9.07 -28.06
N MET H 53 11.30 -8.52 -29.27
CA MET H 53 10.28 -8.89 -30.26
C MET H 53 10.88 -9.10 -31.64
N ASP H 54 10.36 -10.07 -32.36
CA ASP H 54 10.86 -10.44 -33.70
C ASP H 54 10.66 -9.35 -34.75
N THR H 55 9.95 -8.30 -34.35
CA THR H 55 9.60 -7.19 -35.24
C THR H 55 10.37 -5.91 -34.90
N VAL H 56 11.14 -5.95 -33.82
CA VAL H 56 11.84 -4.75 -33.34
C VAL H 56 13.35 -4.94 -33.07
N THR H 57 13.75 -6.14 -32.64
CA THR H 57 15.16 -6.37 -32.29
C THR H 57 15.76 -7.68 -32.82
N GLU H 58 16.87 -7.55 -33.55
CA GLU H 58 17.75 -8.67 -33.88
C GLU H 58 19.20 -8.27 -33.61
N HIS H 59 20.01 -8.12 -34.66
CA HIS H 59 21.39 -7.67 -34.46
C HIS H 59 21.66 -6.23 -34.90
N LEU H 60 20.95 -5.75 -35.92
CA LEU H 60 21.06 -4.36 -36.36
C LEU H 60 20.53 -3.38 -35.30
N MET H 61 19.52 -3.81 -34.55
CA MET H 61 18.94 -3.02 -33.49
C MET H 61 19.79 -3.07 -32.22
N ALA H 62 20.27 -4.26 -31.88
CA ALA H 62 21.09 -4.48 -30.69
C ALA H 62 22.44 -3.75 -30.75
N VAL H 63 22.99 -3.61 -31.95
CA VAL H 63 24.22 -2.86 -32.17
C VAL H 63 23.98 -1.36 -31.99
N GLY H 64 22.95 -0.85 -32.67
CA GLY H 64 22.60 0.57 -32.64
C GLY H 64 22.27 1.09 -31.25
N MET H 65 21.61 0.25 -30.44
CA MET H 65 21.30 0.59 -29.05
C MET H 65 22.56 0.66 -28.21
N ALA H 66 23.48 -0.27 -28.44
CA ALA H 66 24.73 -0.35 -27.69
C ALA H 66 25.70 0.78 -27.99
N ARG H 67 25.78 1.19 -29.25
CA ARG H 67 26.65 2.31 -29.65
C ARG H 67 26.04 3.69 -29.36
N LEU H 68 24.85 3.70 -28.77
CA LEU H 68 24.21 4.94 -28.33
C LEU H 68 24.17 5.05 -26.80
N GLY H 69 24.50 3.95 -26.13
CA GLY H 69 24.57 3.94 -24.67
C GLY H 69 23.59 3.00 -24.00
N GLY H 70 22.67 2.45 -24.79
CA GLY H 70 21.65 1.54 -24.27
C GLY H 70 21.97 0.09 -24.55
N ILE H 71 20.93 -0.75 -24.53
CA ILE H 71 21.09 -2.19 -24.75
C ILE H 71 19.91 -2.76 -25.55
N GLY H 72 20.20 -3.76 -26.38
CA GLY H 72 19.17 -4.47 -27.13
C GLY H 72 19.00 -5.89 -26.64
N ILE H 73 17.75 -6.36 -26.63
CA ILE H 73 17.44 -7.73 -26.22
C ILE H 73 16.88 -8.51 -27.42
N ILE H 74 17.58 -9.58 -27.80
CA ILE H 74 17.14 -10.44 -28.90
C ILE H 74 15.96 -11.30 -28.46
N HIS H 75 14.94 -11.36 -29.31
CA HIS H 75 13.72 -12.12 -29.04
C HIS H 75 13.96 -13.63 -29.01
N LYS H 76 13.05 -14.35 -28.36
CA LYS H 76 13.13 -15.80 -28.24
C LYS H 76 12.36 -16.54 -29.35
N ASN H 77 11.77 -15.78 -30.27
CA ASN H 77 10.97 -16.36 -31.36
C ASN H 77 11.84 -16.91 -32.50
N MET H 78 12.84 -17.70 -32.12
CA MET H 78 13.73 -18.40 -33.06
C MET H 78 14.45 -19.53 -32.32
N ASP H 79 14.96 -20.50 -33.09
CA ASP H 79 15.65 -21.67 -32.52
C ASP H 79 16.90 -21.28 -31.72
N MET H 80 17.37 -22.20 -30.88
CA MET H 80 18.48 -21.96 -29.96
C MET H 80 19.76 -21.49 -30.66
N GLU H 81 20.10 -22.12 -31.78
CA GLU H 81 21.33 -21.79 -32.52
C GLU H 81 21.28 -20.44 -33.26
N SER H 82 20.12 -20.07 -33.77
CA SER H 82 19.96 -18.79 -34.49
C SER H 82 20.12 -17.59 -33.57
N GLN H 83 19.63 -17.72 -32.33
CA GLN H 83 19.71 -16.65 -31.34
C GLN H 83 21.14 -16.44 -30.85
N VAL H 84 21.88 -17.54 -30.69
CA VAL H 84 23.29 -17.50 -30.30
C VAL H 84 24.12 -16.84 -31.42
N ASN H 85 23.87 -17.24 -32.66
CA ASN H 85 24.53 -16.65 -33.83
C ASN H 85 24.18 -15.17 -34.02
N GLU H 86 23.07 -14.75 -33.44
CA GLU H 86 22.66 -13.35 -33.45
C GLU H 86 23.39 -12.57 -32.37
N VAL H 87 23.69 -13.25 -31.26
CA VAL H 87 24.46 -12.67 -30.15
C VAL H 87 25.94 -12.54 -30.55
N LEU H 88 26.48 -13.59 -31.16
CA LEU H 88 27.88 -13.59 -31.63
C LEU H 88 28.13 -12.53 -32.70
N LYS H 89 27.08 -12.19 -33.45
CA LYS H 89 27.17 -11.19 -34.51
C LYS H 89 27.33 -9.77 -33.93
N VAL H 90 26.69 -9.53 -32.78
CA VAL H 90 26.76 -8.24 -32.10
C VAL H 90 28.09 -8.07 -31.35
N LYS H 91 28.45 -9.08 -30.55
CA LYS H 91 29.65 -9.05 -29.73
C LYS H 91 30.94 -8.99 -30.55
N ASN H 92 30.94 -9.64 -31.71
CA ASN H 92 32.10 -9.66 -32.60
C ASN H 92 31.92 -8.73 -33.80
N SER H 93 31.65 -7.46 -33.52
CA SER H 93 31.52 -6.43 -34.54
C SER H 93 32.08 -5.09 -34.04
N GLY H 94 32.24 -5.01 -32.72
CA GLY H 94 32.82 -3.83 -32.07
C GLY H 94 33.17 -4.08 -30.61
N GLY H 95 32.75 -5.23 -30.10
CA GLY H 95 32.92 -5.57 -28.68
C GLY H 95 31.87 -4.88 -27.84
N LEU H 96 30.62 -4.94 -28.30
CA LEU H 96 29.50 -4.27 -27.65
C LEU H 96 28.70 -5.23 -26.77
N ARG H 97 28.09 -4.69 -25.72
CA ARG H 97 27.31 -5.49 -24.77
C ARG H 97 25.89 -5.70 -25.26
N VAL H 98 25.31 -6.85 -24.93
CA VAL H 98 23.99 -7.25 -25.44
C VAL H 98 23.24 -8.16 -24.47
N GLY H 99 21.92 -8.27 -24.65
CA GLY H 99 21.06 -9.13 -23.84
C GLY H 99 20.22 -10.08 -24.66
N ALA H 100 19.65 -11.10 -23.99
CA ALA H 100 18.87 -12.13 -24.67
C ALA H 100 17.64 -12.56 -23.87
N ALA H 101 16.59 -12.97 -24.57
CA ALA H 101 15.33 -13.37 -23.94
C ALA H 101 15.13 -14.89 -23.93
N ILE H 102 14.66 -15.40 -22.80
CA ILE H 102 14.43 -16.83 -22.60
C ILE H 102 13.05 -17.06 -21.99
N GLY H 103 12.36 -18.11 -22.47
CA GLY H 103 11.03 -18.46 -21.97
C GLY H 103 11.03 -19.27 -20.68
N VAL H 104 9.91 -19.93 -20.41
CA VAL H 104 9.74 -20.71 -19.19
C VAL H 104 10.56 -22.01 -19.22
N ASN H 105 11.26 -22.28 -18.11
CA ASN H 105 12.18 -23.42 -17.96
C ASN H 105 12.84 -23.97 -19.23
N GLU H 106 13.61 -23.10 -19.88
CA GLU H 106 14.44 -23.47 -21.03
C GLU H 106 15.89 -23.44 -20.59
N ILE H 107 16.30 -24.51 -19.89
CA ILE H 107 17.63 -24.59 -19.26
C ILE H 107 18.74 -24.79 -20.30
N GLU H 108 18.42 -25.48 -21.40
CA GLU H 108 19.37 -25.75 -22.48
C GLU H 108 19.86 -24.47 -23.14
N ARG H 109 18.95 -23.50 -23.30
CA ARG H 109 19.29 -22.20 -23.87
C ARG H 109 19.81 -21.23 -22.80
N ALA H 110 19.58 -21.59 -21.53
CA ALA H 110 20.05 -20.80 -20.39
C ALA H 110 21.55 -20.96 -20.14
N LYS H 111 22.19 -21.84 -20.92
CA LYS H 111 23.64 -22.01 -20.89
C LYS H 111 24.25 -21.68 -22.24
N LEU H 112 23.47 -21.83 -23.30
CA LEU H 112 23.94 -21.64 -24.68
C LEU H 112 24.26 -20.18 -25.05
N LEU H 113 23.56 -19.23 -24.41
CA LEU H 113 23.76 -17.81 -24.69
C LEU H 113 24.82 -17.17 -23.79
N VAL H 114 25.00 -17.73 -22.59
CA VAL H 114 26.02 -17.25 -21.65
C VAL H 114 27.42 -17.45 -22.23
N GLU H 115 27.66 -18.63 -22.80
CA GLU H 115 28.93 -18.98 -23.43
C GLU H 115 29.21 -18.15 -24.68
N ALA H 116 28.15 -17.65 -25.31
CA ALA H 116 28.26 -16.85 -26.53
C ALA H 116 28.83 -15.45 -26.27
N GLY H 117 28.60 -14.94 -25.06
CA GLY H 117 29.12 -13.62 -24.66
C GLY H 117 28.03 -12.61 -24.36
N VAL H 118 26.92 -13.09 -23.80
CA VAL H 118 25.79 -12.24 -23.43
C VAL H 118 26.08 -11.53 -22.09
N ASP H 119 25.35 -10.46 -21.82
CA ASP H 119 25.52 -9.71 -20.57
C ASP H 119 24.31 -9.82 -19.65
N VAL H 120 23.12 -9.87 -20.25
CA VAL H 120 21.87 -9.96 -19.50
C VAL H 120 20.96 -11.07 -20.02
N ILE H 121 20.38 -11.83 -19.08
CA ILE H 121 19.40 -12.85 -19.41
C ILE H 121 18.02 -12.36 -18.99
N VAL H 122 17.14 -12.21 -19.97
CA VAL H 122 15.77 -11.76 -19.72
C VAL H 122 14.82 -12.94 -19.66
N LEU H 123 14.32 -13.22 -18.46
CA LEU H 123 13.34 -14.29 -18.26
C LEU H 123 11.95 -13.70 -18.47
N ASP H 124 11.51 -13.68 -19.73
CA ASP H 124 10.25 -13.06 -20.12
C ASP H 124 9.06 -14.00 -20.04
N SER H 125 8.00 -13.52 -19.40
CA SER H 125 6.74 -14.25 -19.29
C SER H 125 5.58 -13.28 -19.16
N ALA H 126 4.44 -13.64 -19.71
CA ALA H 126 3.22 -12.83 -19.60
C ALA H 126 2.83 -12.66 -18.13
N HIS H 127 2.96 -13.73 -17.36
CA HIS H 127 2.77 -13.71 -15.91
C HIS H 127 4.02 -14.25 -15.23
N GLY H 128 4.87 -13.34 -14.77
CA GLY H 128 6.14 -13.69 -14.14
C GLY H 128 6.02 -14.33 -12.76
N HIS H 129 5.05 -13.87 -11.98
CA HIS H 129 4.85 -14.35 -10.62
C HIS H 129 4.14 -15.71 -10.60
N SER H 130 4.90 -16.76 -10.92
CA SER H 130 4.41 -18.13 -10.90
C SER H 130 5.56 -19.11 -10.65
N LEU H 131 5.24 -20.26 -10.07
CA LEU H 131 6.25 -21.27 -9.71
C LEU H 131 7.02 -21.82 -10.92
N ASN H 132 6.43 -21.66 -12.10
CA ASN H 132 7.04 -22.07 -13.36
C ASN H 132 8.26 -21.21 -13.71
N ILE H 133 8.22 -19.95 -13.31
CA ILE H 133 9.30 -18.99 -13.57
C ILE H 133 10.27 -18.91 -12.38
N ILE H 134 9.74 -19.09 -11.17
CA ILE H 134 10.56 -19.11 -9.96
C ILE H 134 11.49 -20.34 -9.95
N ARG H 135 10.98 -21.47 -10.42
CA ARG H 135 11.78 -22.69 -10.58
C ARG H 135 12.85 -22.51 -11.66
N THR H 136 12.48 -21.79 -12.72
CA THR H 136 13.40 -21.44 -13.82
C THR H 136 14.51 -20.52 -13.30
N LEU H 137 14.13 -19.56 -12.47
CA LEU H 137 15.06 -18.61 -11.87
C LEU H 137 16.14 -19.34 -11.07
N LYS H 138 15.71 -20.32 -10.26
CA LYS H 138 16.60 -21.08 -9.40
C LYS H 138 17.50 -22.05 -10.17
N GLU H 139 16.96 -22.61 -11.26
CA GLU H 139 17.70 -23.55 -12.11
C GLU H 139 18.72 -22.86 -13.02
N ILE H 140 18.68 -21.53 -13.07
CA ILE H 140 19.68 -20.75 -13.82
C ILE H 140 20.70 -20.16 -12.84
N LYS H 141 20.23 -19.68 -11.70
CA LYS H 141 21.06 -19.07 -10.68
C LYS H 141 22.09 -20.03 -10.08
N SER H 142 21.72 -21.31 -10.02
CA SER H 142 22.59 -22.36 -9.50
C SER H 142 23.51 -22.95 -10.58
N LYS H 143 22.99 -23.06 -11.80
CA LYS H 143 23.74 -23.64 -12.91
C LYS H 143 24.77 -22.67 -13.51
N MET H 144 24.38 -21.40 -13.66
CA MET H 144 25.24 -20.39 -14.27
C MET H 144 25.35 -19.12 -13.44
N ASN H 145 26.39 -18.32 -13.72
CA ASN H 145 26.57 -17.02 -13.09
C ASN H 145 26.37 -15.88 -14.09
N ILE H 146 25.21 -15.23 -14.01
CA ILE H 146 24.81 -14.17 -14.92
C ILE H 146 23.68 -13.32 -14.31
N ASP H 147 23.63 -12.05 -14.69
CA ASP H 147 22.54 -11.16 -14.29
C ASP H 147 21.25 -11.56 -15.00
N VAL H 148 20.21 -11.82 -14.23
CA VAL H 148 18.93 -12.27 -14.76
C VAL H 148 17.80 -11.27 -14.48
N ILE H 149 17.21 -10.74 -15.56
CA ILE H 149 16.03 -9.89 -15.47
C ILE H 149 14.78 -10.75 -15.50
N VAL H 150 13.87 -10.52 -14.55
CA VAL H 150 12.64 -11.30 -14.44
C VAL H 150 11.41 -10.42 -14.68
N GLY H 151 10.47 -10.93 -15.46
CA GLY H 151 9.22 -10.23 -15.76
C GLY H 151 8.21 -11.11 -16.48
N ASN H 152 7.00 -10.61 -16.70
CA ASN H 152 6.61 -9.27 -16.26
C ASN H 152 5.71 -9.35 -15.04
N VAL H 153 5.95 -8.46 -14.08
CA VAL H 153 5.17 -8.41 -12.85
C VAL H 153 4.53 -7.03 -12.65
N VAL H 154 3.63 -6.92 -11.69
CA VAL H 154 2.90 -5.68 -11.44
C VAL H 154 2.73 -5.34 -9.95
N THR H 155 2.69 -6.38 -9.12
CA THR H 155 2.43 -6.21 -7.68
C THR H 155 3.70 -6.22 -6.83
N GLU H 156 3.58 -5.73 -5.60
CA GLU H 156 4.68 -5.73 -4.63
C GLU H 156 4.96 -7.13 -4.07
N GLU H 157 3.93 -7.97 -4.01
CA GLU H 157 4.08 -9.37 -3.60
C GLU H 157 4.88 -10.16 -4.64
N ALA H 158 4.77 -9.74 -5.89
CA ALA H 158 5.46 -10.37 -7.00
C ALA H 158 6.94 -10.00 -7.02
N THR H 159 7.23 -8.71 -6.94
CA THR H 159 8.60 -8.19 -7.00
C THR H 159 9.45 -8.61 -5.80
N LYS H 160 8.81 -8.80 -4.65
CA LYS H 160 9.50 -9.27 -3.44
C LYS H 160 9.90 -10.73 -3.57
N GLU H 161 8.99 -11.54 -4.13
CA GLU H 161 9.22 -12.98 -4.35
C GLU H 161 10.41 -13.23 -5.27
N LEU H 162 10.57 -12.39 -6.28
CA LEU H 162 11.63 -12.55 -7.27
C LEU H 162 12.99 -12.18 -6.70
N ILE H 163 13.06 -11.05 -5.98
CA ILE H 163 14.31 -10.58 -5.37
C ILE H 163 14.81 -11.56 -4.30
N GLU H 164 13.88 -12.08 -3.48
CA GLU H 164 14.20 -13.06 -2.45
C GLU H 164 14.76 -14.36 -3.04
N ASN H 165 14.30 -14.69 -4.25
CA ASN H 165 14.76 -15.88 -4.97
C ASN H 165 15.89 -15.57 -5.96
N GLY H 166 16.49 -14.39 -5.83
CA GLY H 166 17.71 -14.04 -6.54
C GLY H 166 17.57 -13.35 -7.88
N ALA H 167 16.70 -12.34 -7.94
CA ALA H 167 16.56 -11.52 -9.15
C ALA H 167 17.56 -10.38 -9.16
N ASP H 168 18.09 -10.08 -10.34
CA ASP H 168 19.06 -9.00 -10.50
C ASP H 168 18.42 -7.78 -11.17
N GLY H 169 17.29 -7.99 -11.83
CA GLY H 169 16.52 -6.92 -12.46
C GLY H 169 15.08 -7.35 -12.61
N ILE H 170 14.16 -6.39 -12.49
CA ILE H 170 12.73 -6.70 -12.57
C ILE H 170 12.01 -5.85 -13.62
N LYS H 171 11.37 -6.55 -14.56
CA LYS H 171 10.62 -5.92 -15.64
C LYS H 171 9.14 -5.83 -15.27
N VAL H 172 8.63 -4.61 -15.20
CA VAL H 172 7.26 -4.35 -14.76
C VAL H 172 6.35 -3.92 -15.92
N GLY H 173 5.20 -4.57 -16.04
CA GLY H 173 4.21 -4.20 -17.06
C GLY H 173 3.35 -5.33 -17.58
N ILE H 174 2.14 -5.44 -17.03
CA ILE H 174 1.10 -6.28 -17.60
C ILE H 174 -0.11 -5.38 -17.88
N GLY H 175 -0.49 -5.27 -19.15
CA GLY H 175 -1.54 -4.36 -19.56
C GLY H 175 -1.11 -3.34 -20.59
N PRO H 176 -0.11 -2.50 -20.26
CA PRO H 176 0.40 -1.53 -21.23
C PRO H 176 1.15 -2.20 -22.38
N GLY H 177 1.23 -1.50 -23.51
CA GLY H 177 1.81 -2.05 -24.73
C GLY H 177 0.89 -1.79 -25.89
N SER H 178 1.38 -1.02 -26.86
CA SER H 178 0.58 -0.59 -28.01
C SER H 178 -0.15 -1.71 -28.73
N ILE H 179 0.45 -2.90 -28.76
CA ILE H 179 -0.14 -4.07 -29.42
C ILE H 179 -0.73 -5.08 -28.43
N CYS H 180 -0.69 -4.75 -27.14
CA CYS H 180 -1.21 -5.63 -26.09
C CYS H 180 -2.74 -5.60 -26.03
N THR H 181 -3.35 -6.78 -25.97
CA THR H 181 -4.80 -6.90 -25.81
C THR H 181 -5.18 -7.72 -24.58
N THR H 182 -4.26 -7.86 -23.63
CA THR H 182 -4.51 -8.59 -22.38
C THR H 182 -5.69 -7.97 -21.61
N ARG H 183 -5.78 -6.65 -21.64
CA ARG H 183 -6.89 -5.89 -21.05
C ARG H 183 -8.24 -6.29 -21.65
N ILE H 184 -8.24 -6.59 -22.95
CA ILE H 184 -9.45 -6.96 -23.68
C ILE H 184 -9.73 -8.46 -23.56
N VAL H 185 -8.69 -9.27 -23.79
CA VAL H 185 -8.82 -10.72 -23.84
C VAL H 185 -9.01 -11.34 -22.45
N ALA H 186 -8.12 -11.00 -21.52
CA ALA H 186 -8.17 -11.56 -20.18
C ALA H 186 -8.90 -10.67 -19.17
N GLY H 187 -8.91 -9.37 -19.44
CA GLY H 187 -9.47 -8.39 -18.49
C GLY H 187 -8.52 -8.13 -17.34
N VAL H 188 -7.23 -8.40 -17.59
CA VAL H 188 -6.20 -8.34 -16.56
C VAL H 188 -5.17 -7.26 -16.89
N GLY H 189 -4.72 -6.55 -15.86
CA GLY H 189 -3.67 -5.56 -16.01
C GLY H 189 -3.62 -4.52 -14.90
N VAL H 190 -2.46 -3.87 -14.77
CA VAL H 190 -2.29 -2.75 -13.86
C VAL H 190 -1.70 -1.57 -14.63
N PRO H 191 -2.38 -0.41 -14.63
CA PRO H 191 -1.90 0.80 -15.29
C PRO H 191 -0.45 1.12 -14.90
N GLN H 192 0.35 1.51 -15.90
CA GLN H 192 1.81 1.52 -15.78
C GLN H 192 2.39 2.34 -14.63
N ILE H 193 1.87 3.54 -14.40
CA ILE H 193 2.39 4.39 -13.31
C ILE H 193 2.23 3.75 -11.93
N THR H 194 1.08 3.12 -11.70
CA THR H 194 0.82 2.41 -10.44
C THR H 194 1.64 1.12 -10.32
N ALA H 195 1.78 0.40 -11.44
CA ALA H 195 2.56 -0.84 -11.48
C ALA H 195 4.03 -0.62 -11.12
N ILE H 196 4.64 0.41 -11.71
CA ILE H 196 6.02 0.79 -11.38
C ILE H 196 6.12 1.23 -9.92
N GLU H 197 5.15 2.06 -9.50
CA GLU H 197 5.09 2.60 -8.15
C GLU H 197 4.97 1.52 -7.07
N LYS H 198 4.18 0.49 -7.37
CA LYS H 198 4.02 -0.65 -6.47
C LYS H 198 5.31 -1.44 -6.33
N CYS H 199 6.04 -1.58 -7.43
CA CYS H 199 7.28 -2.34 -7.46
C CYS H 199 8.48 -1.55 -6.95
N SER H 200 8.38 -0.23 -6.98
CA SER H 200 9.46 0.65 -6.52
C SER H 200 9.39 0.92 -5.01
N SER H 201 8.44 0.30 -4.33
CA SER H 201 8.34 0.37 -2.88
C SER H 201 9.01 -0.85 -2.24
N VAL H 202 9.39 -1.82 -3.08
CA VAL H 202 10.10 -3.02 -2.63
C VAL H 202 11.51 -3.05 -3.21
N ALA H 203 11.63 -2.73 -4.49
CA ALA H 203 12.92 -2.77 -5.20
C ALA H 203 13.90 -1.68 -4.76
N SER H 204 13.37 -0.61 -4.17
CA SER H 204 14.21 0.45 -3.62
C SER H 204 14.85 0.04 -2.29
N LYS H 205 14.17 -0.84 -1.55
CA LYS H 205 14.67 -1.37 -0.28
C LYS H 205 15.88 -2.29 -0.49
N PHE H 206 15.89 -2.98 -1.63
CA PHE H 206 17.04 -3.76 -2.06
C PHE H 206 17.84 -2.97 -3.11
N GLY H 207 18.85 -3.59 -3.69
CA GLY H 207 19.64 -2.94 -4.74
C GLY H 207 19.22 -3.38 -6.13
N ILE H 208 17.91 -3.48 -6.35
CA ILE H 208 17.38 -4.04 -7.59
C ILE H 208 16.70 -2.99 -8.47
N PRO H 209 17.23 -2.77 -9.69
CA PRO H 209 16.68 -1.80 -10.63
C PRO H 209 15.35 -2.26 -11.24
N ILE H 210 14.50 -1.28 -11.56
CA ILE H 210 13.20 -1.55 -12.16
C ILE H 210 13.20 -1.19 -13.65
N ILE H 211 12.74 -2.13 -14.48
CA ILE H 211 12.60 -1.90 -15.91
C ILE H 211 11.13 -1.68 -16.26
N ALA H 212 10.82 -0.48 -16.75
CA ALA H 212 9.46 -0.15 -17.16
C ALA H 212 9.21 -0.67 -18.58
N ASP H 213 8.23 -1.57 -18.71
CA ASP H 213 7.99 -2.24 -19.98
C ASP H 213 6.63 -1.87 -20.59
N GLY H 214 6.68 -1.33 -21.80
CA GLY H 214 5.48 -1.03 -22.58
C GLY H 214 4.73 0.24 -22.17
N GLY H 215 4.01 0.81 -23.13
CA GLY H 215 3.17 1.98 -22.88
C GLY H 215 3.78 3.30 -23.29
N ILE H 216 5.08 3.30 -23.55
CA ILE H 216 5.80 4.51 -23.93
C ILE H 216 5.49 4.90 -25.38
N ARG H 217 4.86 6.06 -25.52
CA ARG H 217 4.47 6.58 -26.83
C ARG H 217 5.22 7.87 -27.15
N TYR H 218 5.61 8.59 -26.10
CA TYR H 218 6.33 9.86 -26.25
C TYR H 218 7.51 9.94 -25.28
N SER H 219 8.42 10.88 -25.53
CA SER H 219 9.61 11.07 -24.71
C SER H 219 9.31 11.48 -23.27
N GLY H 220 8.14 12.09 -23.06
CA GLY H 220 7.69 12.50 -21.73
C GLY H 220 7.30 11.33 -20.85
N ASP H 221 6.86 10.23 -21.47
CA ASP H 221 6.48 9.02 -20.76
C ASP H 221 7.68 8.33 -20.13
N ILE H 222 8.83 8.43 -20.80
CA ILE H 222 10.10 7.94 -20.26
C ILE H 222 10.42 8.71 -18.97
N GLY H 223 10.29 10.03 -19.03
CA GLY H 223 10.45 10.89 -17.86
C GLY H 223 9.56 10.50 -16.70
N LYS H 224 8.30 10.19 -17.01
CA LYS H 224 7.31 9.76 -16.01
C LYS H 224 7.69 8.43 -15.37
N ALA H 225 7.99 7.45 -16.22
CA ALA H 225 8.33 6.09 -15.76
C ALA H 225 9.54 6.06 -14.84
N LEU H 226 10.58 6.81 -15.19
CA LEU H 226 11.81 6.88 -14.40
C LEU H 226 11.61 7.60 -13.07
N ALA H 227 10.85 8.70 -13.11
CA ALA H 227 10.61 9.52 -11.92
C ALA H 227 9.82 8.78 -10.84
N VAL H 228 8.93 7.90 -11.28
CA VAL H 228 8.07 7.12 -10.39
C VAL H 228 8.86 6.03 -9.64
N GLY H 229 9.91 5.51 -10.27
CA GLY H 229 10.80 4.56 -9.60
C GLY H 229 11.66 3.67 -10.50
N ALA H 230 11.38 3.69 -11.80
CA ALA H 230 12.10 2.84 -12.75
C ALA H 230 13.53 3.33 -12.99
N SER H 231 14.45 2.39 -13.19
CA SER H 231 15.84 2.69 -13.51
C SER H 231 16.03 2.80 -15.02
N SER H 232 15.37 1.91 -15.76
CA SER H 232 15.40 1.92 -17.23
C SER H 232 14.01 1.68 -17.82
N VAL H 233 13.88 1.92 -19.12
CA VAL H 233 12.60 1.76 -19.80
C VAL H 233 12.75 0.94 -21.10
N MET H 234 11.75 0.09 -21.38
CA MET H 234 11.75 -0.75 -22.57
C MET H 234 10.76 -0.21 -23.63
N ILE H 235 11.23 -0.14 -24.87
CA ILE H 235 10.50 0.50 -25.96
C ILE H 235 10.42 -0.39 -27.20
N GLY H 236 9.23 -0.53 -27.77
CA GLY H 236 8.99 -1.36 -28.95
C GLY H 236 8.45 -0.59 -30.15
N SER H 237 7.27 0.00 -29.99
CA SER H 237 6.55 0.68 -31.08
C SER H 237 7.32 1.85 -31.70
N ILE H 238 8.06 2.59 -30.89
CA ILE H 238 8.80 3.76 -31.35
C ILE H 238 10.04 3.35 -32.15
N LEU H 239 10.52 2.13 -31.90
CA LEU H 239 11.67 1.59 -32.62
C LEU H 239 11.26 0.56 -33.69
N ALA H 240 9.98 0.56 -34.04
CA ALA H 240 9.42 -0.43 -34.97
C ALA H 240 9.62 -0.05 -36.44
N GLY H 241 9.36 1.21 -36.76
CA GLY H 241 9.47 1.69 -38.15
C GLY H 241 10.83 2.27 -38.50
N THR H 242 11.84 1.92 -37.71
CA THR H 242 13.22 2.39 -37.96
C THR H 242 13.96 1.42 -38.88
N GLU H 243 14.93 1.96 -39.63
CA GLU H 243 15.68 1.20 -40.61
C GLU H 243 16.40 -0.02 -40.03
N GLU H 244 16.83 0.09 -38.77
CA GLU H 244 17.62 -0.95 -38.12
C GLU H 244 16.79 -2.03 -37.44
N SER H 245 15.50 -2.09 -37.76
CA SER H 245 14.60 -3.10 -37.21
C SER H 245 14.53 -4.33 -38.14
N PRO H 246 14.44 -5.55 -37.55
CA PRO H 246 14.42 -6.82 -38.27
C PRO H 246 13.22 -7.04 -39.20
N GLY H 247 12.38 -6.02 -39.37
CA GLY H 247 11.24 -6.11 -40.29
C GLY H 247 11.68 -6.03 -41.74
N GLU H 248 10.71 -5.78 -42.62
CA GLU H 248 10.98 -5.61 -44.04
C GLU H 248 10.15 -4.45 -44.59
N LYS H 249 10.84 -3.45 -45.12
CA LYS H 249 10.19 -2.23 -45.62
C LYS H 249 9.33 -2.51 -46.85
N GLU H 250 8.20 -1.80 -46.93
CA GLU H 250 7.22 -2.02 -47.99
C GLU H 250 6.57 -0.71 -48.42
N LEU H 251 6.46 -0.49 -49.74
CA LEU H 251 5.82 0.70 -50.28
C LEU H 251 4.35 0.43 -50.59
N ILE H 252 3.45 1.02 -49.80
CA ILE H 252 2.02 1.03 -50.13
C ILE H 252 1.54 2.48 -50.25
N GLY H 253 0.78 2.76 -51.30
CA GLY H 253 0.35 4.13 -51.59
C GLY H 253 1.51 4.99 -52.08
N ASP H 254 2.03 5.82 -51.18
CA ASP H 254 3.20 6.65 -51.47
C ASP H 254 4.26 6.60 -50.37
N THR H 255 3.84 6.29 -49.14
CA THR H 255 4.77 6.17 -48.01
C THR H 255 5.22 4.75 -47.75
N VAL H 256 6.39 4.61 -47.15
CA VAL H 256 6.97 3.31 -46.82
C VAL H 256 6.41 2.81 -45.48
N TYR H 257 6.19 1.50 -45.40
CA TYR H 257 5.65 0.86 -44.20
C TYR H 257 6.51 -0.31 -43.74
N LYS H 258 6.50 -0.55 -42.43
CA LYS H 258 7.13 -1.73 -41.86
C LYS H 258 6.14 -2.43 -40.92
N TYR H 259 6.36 -3.72 -40.68
CA TYR H 259 5.44 -4.52 -39.89
C TYR H 259 5.75 -4.41 -38.40
N TYR H 260 4.68 -4.32 -37.60
CA TYR H 260 4.80 -4.39 -36.13
C TYR H 260 3.84 -5.45 -35.59
N ARG H 261 4.37 -6.31 -34.74
CA ARG H 261 3.73 -7.59 -34.43
C ARG H 261 3.83 -7.93 -32.95
N GLY H 262 2.71 -8.28 -32.34
CA GLY H 262 2.70 -8.76 -30.97
C GLY H 262 3.31 -10.15 -30.88
N MET H 263 3.89 -10.46 -29.71
CA MET H 263 4.48 -11.78 -29.47
C MET H 263 3.42 -12.84 -29.21
N GLY H 264 2.35 -12.42 -28.54
CA GLY H 264 1.19 -13.28 -28.30
C GLY H 264 0.18 -13.20 -29.43
N SER H 265 0.57 -12.56 -30.53
CA SER H 265 -0.26 -12.41 -31.71
C SER H 265 -0.35 -13.72 -32.51
N VAL H 266 -1.29 -13.77 -33.44
CA VAL H 266 -1.52 -14.96 -34.28
C VAL H 266 -0.27 -15.34 -35.09
N GLY H 267 0.41 -14.33 -35.63
CA GLY H 267 1.59 -14.55 -36.45
C GLY H 267 2.81 -15.07 -35.70
N ALA H 268 3.09 -14.48 -34.54
CA ALA H 268 4.30 -14.79 -33.78
C ALA H 268 4.26 -16.14 -33.07
N MET H 269 3.06 -16.60 -32.74
CA MET H 269 2.88 -17.91 -32.09
C MET H 269 3.10 -19.07 -33.06
N LYS H 270 2.96 -18.79 -34.36
CA LYS H 270 3.18 -19.80 -35.40
C LYS H 270 4.61 -19.73 -35.96
N SER H 271 4.85 -18.80 -36.88
CA SER H 271 6.14 -18.68 -37.56
C SER H 271 7.23 -18.03 -36.69
N GLY H 272 8.46 -18.01 -37.19
CA GLY H 272 9.60 -17.43 -36.49
C GLY H 272 10.49 -16.60 -37.42
N SER H 273 11.78 -16.51 -37.07
CA SER H 273 12.73 -15.72 -37.85
C SER H 273 13.94 -16.55 -38.30
N GLY H 274 14.94 -15.88 -38.90
CA GLY H 274 16.13 -16.55 -39.42
C GLY H 274 15.82 -17.31 -40.69
N ASP H 275 16.01 -18.63 -40.65
CA ASP H 275 15.66 -19.51 -41.76
C ASP H 275 14.57 -20.50 -41.35
N ARG H 276 13.58 -20.66 -42.23
CA ARG H 276 12.42 -21.50 -41.97
C ARG H 276 12.70 -23.00 -42.20
N TYR H 277 13.86 -23.46 -41.76
CA TYR H 277 14.30 -24.83 -42.03
C TYR H 277 14.68 -25.61 -40.78
N PHE H 278 15.05 -24.89 -39.71
CA PHE H 278 15.46 -25.51 -38.46
C PHE H 278 14.61 -25.04 -37.28
N GLN H 279 13.30 -24.90 -37.49
CA GLN H 279 12.40 -24.40 -36.45
C GLN H 279 11.19 -25.28 -36.18
N GLU H 280 10.56 -25.05 -35.03
CA GLU H 280 9.36 -25.76 -34.57
C GLU H 280 8.47 -26.31 -35.69
N MET H 287 -2.57 -21.10 -25.68
CA MET H 287 -3.20 -19.82 -25.37
C MET H 287 -3.91 -19.20 -26.57
N VAL H 288 -4.97 -18.46 -26.28
CA VAL H 288 -5.67 -17.66 -27.28
C VAL H 288 -4.92 -16.33 -27.44
N PRO H 289 -4.81 -15.81 -28.69
CA PRO H 289 -4.15 -14.52 -28.98
C PRO H 289 -4.35 -13.44 -27.92
N GLU H 290 -3.25 -12.90 -27.41
CA GLU H 290 -3.28 -11.78 -26.45
C GLU H 290 -2.61 -10.53 -27.03
N GLY H 291 -2.20 -10.62 -28.29
CA GLY H 291 -1.61 -9.49 -29.01
C GLY H 291 -2.14 -9.38 -30.42
N ILE H 292 -1.99 -8.19 -31.00
CA ILE H 292 -2.41 -7.93 -32.37
C ILE H 292 -1.21 -7.62 -33.28
N GLU H 293 -1.30 -8.03 -34.53
CA GLU H 293 -0.29 -7.68 -35.53
C GLU H 293 -0.79 -6.54 -36.41
N GLY H 294 0.13 -5.68 -36.83
CA GLY H 294 -0.22 -4.53 -37.66
C GLY H 294 0.93 -3.97 -38.48
N ARG H 295 0.78 -2.73 -38.91
CA ARG H 295 1.74 -2.08 -39.78
C ARG H 295 2.03 -0.66 -39.27
N VAL H 296 3.30 -0.28 -39.30
CA VAL H 296 3.74 1.02 -38.80
C VAL H 296 4.50 1.81 -39.88
N LYS H 297 4.26 3.12 -39.89
CA LYS H 297 4.94 4.07 -40.78
C LYS H 297 6.47 3.98 -40.60
N TYR H 298 7.20 4.05 -41.71
CA TYR H 298 8.66 4.13 -41.69
C TYR H 298 9.10 5.49 -41.17
N LYS H 299 10.00 5.48 -40.18
CA LYS H 299 10.44 6.72 -39.55
C LYS H 299 11.97 6.91 -39.54
N GLY H 300 12.60 6.55 -40.65
CA GLY H 300 14.01 6.82 -40.89
C GLY H 300 14.99 6.08 -40.00
N GLU H 301 16.17 6.69 -39.81
CA GLU H 301 17.25 6.10 -39.02
C GLU H 301 16.93 6.03 -37.54
N MET H 302 17.59 5.09 -36.85
CA MET H 302 17.39 4.88 -35.42
C MET H 302 17.91 6.06 -34.58
N GLU H 303 19.11 6.53 -34.92
CA GLU H 303 19.81 7.57 -34.16
C GLU H 303 18.97 8.83 -33.92
N GLY H 304 18.22 9.24 -34.94
CA GLY H 304 17.38 10.43 -34.87
C GLY H 304 16.18 10.28 -33.95
N VAL H 305 15.68 9.05 -33.84
CA VAL H 305 14.57 8.72 -32.95
C VAL H 305 15.04 8.74 -31.49
N VAL H 306 16.17 8.07 -31.25
CA VAL H 306 16.78 8.00 -29.92
C VAL H 306 17.24 9.39 -29.44
N TYR H 307 17.74 10.19 -30.38
CA TYR H 307 18.14 11.58 -30.12
C TYR H 307 16.97 12.41 -29.57
N GLN H 308 15.78 12.17 -30.12
CA GLN H 308 14.56 12.86 -29.71
C GLN H 308 14.11 12.40 -28.32
N LEU H 309 14.17 11.10 -28.07
CA LEU H 309 13.75 10.52 -26.79
C LEU H 309 14.64 10.98 -25.64
N VAL H 310 15.95 10.91 -25.85
CA VAL H 310 16.95 11.37 -24.89
C VAL H 310 16.83 12.87 -24.66
N GLY H 311 16.67 13.62 -25.76
CA GLY H 311 16.47 15.06 -25.71
C GLY H 311 15.22 15.48 -24.96
N GLY H 312 14.22 14.61 -24.98
CA GLY H 312 12.98 14.84 -24.23
C GLY H 312 13.18 14.56 -22.75
N LEU H 313 13.98 13.54 -22.44
CA LEU H 313 14.29 13.16 -21.07
C LEU H 313 15.14 14.22 -20.40
N ARG H 314 16.14 14.73 -21.12
CA ARG H 314 17.05 15.75 -20.60
C ARG H 314 16.29 17.03 -20.26
N SER H 315 15.35 17.40 -21.12
CA SER H 315 14.48 18.55 -20.91
C SER H 315 13.59 18.35 -19.68
N CYS H 316 13.05 17.14 -19.55
CA CYS H 316 12.20 16.76 -18.41
C CYS H 316 12.91 16.87 -17.07
N MET H 317 14.09 16.24 -16.98
CA MET H 317 14.91 16.28 -15.78
C MET H 317 15.44 17.68 -15.49
N GLY H 318 15.41 18.55 -16.51
CA GLY H 318 15.72 19.96 -16.33
C GLY H 318 14.64 20.65 -15.52
N TYR H 319 13.38 20.43 -15.90
CA TYR H 319 12.21 20.99 -15.19
C TYR H 319 12.16 20.58 -13.72
N LEU H 320 12.49 19.32 -13.45
CA LEU H 320 12.44 18.78 -12.10
C LEU H 320 13.76 18.97 -11.34
N GLY H 321 14.65 19.79 -11.91
CA GLY H 321 15.93 20.13 -11.30
C GLY H 321 16.80 18.94 -10.91
N SER H 322 16.70 17.87 -11.69
CA SER H 322 17.39 16.62 -11.39
C SER H 322 18.55 16.37 -12.36
N ALA H 323 19.73 16.14 -11.79
CA ALA H 323 20.94 15.90 -12.59
C ALA H 323 21.20 14.41 -12.83
N SER H 324 20.60 13.56 -12.00
CA SER H 324 20.72 12.11 -12.12
C SER H 324 19.41 11.41 -11.79
N ILE H 325 19.29 10.16 -12.20
CA ILE H 325 18.08 9.35 -11.96
C ILE H 325 17.86 9.11 -10.46
N GLU H 326 18.96 8.96 -9.71
CA GLU H 326 18.90 8.86 -8.24
C GLU H 326 18.33 10.14 -7.63
N GLU H 327 18.73 11.28 -8.20
CA GLU H 327 18.21 12.58 -7.77
C GLU H 327 16.78 12.80 -8.24
N LEU H 328 16.41 12.14 -9.34
CA LEU H 328 15.05 12.18 -9.88
C LEU H 328 14.06 11.50 -8.94
N TRP H 329 14.49 10.39 -8.35
CA TRP H 329 13.66 9.66 -7.38
C TRP H 329 13.45 10.45 -6.09
N LYS H 330 14.40 11.29 -5.74
CA LYS H 330 14.36 12.06 -4.50
C LYS H 330 13.50 13.33 -4.60
N LYS H 331 13.35 13.86 -5.80
CA LYS H 331 12.70 15.17 -5.97
C LYS H 331 11.38 15.19 -6.75
N SER H 332 11.09 14.12 -7.49
CA SER H 332 9.89 14.07 -8.34
C SER H 332 8.58 14.01 -7.57
N SER H 333 7.56 14.66 -8.14
CA SER H 333 6.18 14.59 -7.63
C SER H 333 5.24 14.91 -8.79
N TYR H 334 4.09 14.26 -8.84
CA TYR H 334 3.15 14.49 -9.93
C TYR H 334 1.74 14.92 -9.50
N VAL H 335 1.06 15.62 -10.40
CA VAL H 335 -0.36 15.92 -10.26
C VAL H 335 -1.17 14.97 -11.12
N GLU H 336 -2.37 14.63 -10.66
CA GLU H 336 -3.30 13.81 -11.42
C GLU H 336 -4.08 14.70 -12.38
N ILE H 337 -4.39 14.18 -13.56
CA ILE H 337 -5.05 14.96 -14.60
C ILE H 337 -6.14 14.15 -15.31
N THR H 338 -7.12 14.83 -15.87
CA THR H 338 -8.20 14.20 -16.63
C THR H 338 -7.94 14.30 -18.14
N THR H 339 -8.80 15.03 -18.86
CA THR H 339 -8.57 15.31 -20.28
C THR H 339 -9.14 16.67 -20.70
#